data_8GOL
#
_entry.id   8GOL
#
_cell.length_a   55.422
_cell.length_b   166.661
_cell.length_c   76.965
_cell.angle_alpha   90.000
_cell.angle_beta   109.740
_cell.angle_gamma   90.000
#
_symmetry.space_group_name_H-M   'P 1 21 1'
#
loop_
_entity.id
_entity.type
_entity.pdbx_description
1 polymer 'Alpha/beta fold hydrolase'
2 non-polymer '2-[(4-chloranyl-6-methoxy-pyrimidin-2-yl)carbamoylsulfamoyl]benzoic acid'
3 non-polymer GLYCEROL
4 water water
#
_entity_poly.entity_id   1
_entity_poly.type   'polypeptide(L)'
_entity_poly.pdbx_seq_one_letter_code
;METDNVELAQSKRKVVLAEQGSFYIGGRTVTGPGKFDPSKPVIPYSNEGATFYINQMYVNFQAPVRPRGLPLVFWHGGGL
TGHIWESTPDGRPGFQTLFVQDRHTVYTIDQPGRGRGNIPTFNGPFGQLEEESIVNTVTGNSSKEGAWVRDRLGPAPGQF
FENSQFPRGYEDNYFKEMGFSPSISSDEIVDAVVKLVTHIGPCVLVTHSASGVLGMRVATHAKNVRGIVAYEPATSIFPK
GKVPEIPPLADKKSQIFPPFEIQESYFKKLAKIPIQFVFGDNIPKNPKSAYWFLDWWRVTRYAHSLSLEAINKLGGQASL
LDLPTAGLRGNTHFPFTDRNNVQVASLLSDFLGKHGLDQNESLEHHHHHH
;
_entity_poly.pdbx_strand_id   A,B,C,D
#
loop_
_chem_comp.id
_chem_comp.type
_chem_comp.name
_chem_comp.formula
GOL non-polymer GLYCEROL 'C3 H8 O3'
IJC non-polymer '2-[(4-chloranyl-6-methoxy-pyrimidin-2-yl)carbamoylsulfamoyl]benzoic acid' 'C13 H11 Cl N4 O6 S'
#
# COMPACT_ATOMS: atom_id res chain seq x y z
N LYS A 12 -7.30 1.99 -5.89
CA LYS A 12 -7.37 3.29 -5.23
C LYS A 12 -7.31 3.13 -3.71
N ARG A 13 -6.18 3.52 -3.11
CA ARG A 13 -5.96 3.26 -1.70
C ARG A 13 -6.01 4.51 -0.83
N LYS A 14 -6.09 5.70 -1.42
CA LYS A 14 -6.12 6.92 -0.63
C LYS A 14 -7.42 7.01 0.16
N VAL A 15 -7.33 7.49 1.39
CA VAL A 15 -8.48 7.72 2.26
C VAL A 15 -8.30 9.04 3.00
N VAL A 16 -9.35 9.85 3.03
CA VAL A 16 -9.37 11.12 3.75
C VAL A 16 -10.29 10.97 4.95
N LEU A 17 -9.74 11.10 6.16
CA LEU A 17 -10.49 10.88 7.39
C LEU A 17 -10.69 12.20 8.12
N ALA A 18 -11.95 12.51 8.45
CA ALA A 18 -12.22 13.60 9.37
C ALA A 18 -11.69 13.27 10.76
N GLU A 19 -11.80 12.01 11.17
CA GLU A 19 -11.27 11.58 12.46
C GLU A 19 -11.11 10.08 12.42
N GLN A 20 -10.22 9.58 13.27
CA GLN A 20 -10.10 8.15 13.48
C GLN A 20 -9.75 7.93 14.94
N GLY A 21 -9.98 6.71 15.41
CA GLY A 21 -9.55 6.41 16.75
C GLY A 21 -10.16 5.10 17.19
N SER A 22 -9.99 4.82 18.49
CA SER A 22 -10.51 3.58 19.04
C SER A 22 -10.82 3.77 20.52
N PHE A 23 -11.67 2.89 21.03
CA PHE A 23 -12.08 2.97 22.43
C PHE A 23 -12.54 1.61 22.90
N TYR A 24 -12.69 1.48 24.21
CA TYR A 24 -13.23 0.29 24.84
C TYR A 24 -14.64 0.58 25.33
N ILE A 25 -15.50 -0.43 25.25
CA ILE A 25 -16.88 -0.29 25.69
C ILE A 25 -17.36 -1.63 26.21
N GLY A 26 -18.31 -1.57 27.15
CA GLY A 26 -18.90 -2.77 27.72
C GLY A 26 -17.99 -3.42 28.73
N GLY A 27 -18.42 -4.61 29.15
CA GLY A 27 -17.69 -5.37 30.15
C GLY A 27 -18.24 -5.16 31.54
N ARG A 28 -17.62 -5.86 32.48
CA ARG A 28 -17.99 -5.77 33.89
C ARG A 28 -16.71 -5.90 34.70
N THR A 29 -16.83 -5.91 36.04
CA THR A 29 -15.66 -6.12 36.88
C THR A 29 -15.90 -7.31 37.81
N VAL A 30 -14.81 -7.98 38.17
CA VAL A 30 -14.81 -9.00 39.20
C VAL A 30 -13.68 -8.69 40.17
N THR A 31 -13.79 -9.24 41.39
CA THR A 31 -12.86 -8.88 42.44
C THR A 31 -12.26 -10.12 43.09
N GLY A 32 -11.01 -9.96 43.52
CA GLY A 32 -10.34 -10.98 44.29
C GLY A 32 -10.61 -10.80 45.77
N PRO A 33 -10.03 -11.68 46.58
CA PRO A 33 -10.20 -11.57 48.02
C PRO A 33 -9.27 -10.54 48.65
N GLY A 34 -9.68 -10.03 49.80
CA GLY A 34 -8.78 -9.25 50.63
C GLY A 34 -8.58 -7.83 50.16
N LYS A 35 -7.44 -7.26 50.56
CA LYS A 35 -7.11 -5.85 50.43
C LYS A 35 -5.80 -5.69 49.68
N PHE A 36 -5.66 -4.58 48.97
CA PHE A 36 -4.43 -4.23 48.28
C PHE A 36 -3.57 -3.33 49.16
N ASP A 37 -2.33 -3.75 49.42
CA ASP A 37 -1.38 -2.98 50.24
C ASP A 37 -0.27 -2.48 49.33
N PRO A 38 -0.18 -1.18 49.04
CA PRO A 38 0.84 -0.69 48.09
C PRO A 38 2.27 -0.83 48.58
N SER A 39 2.50 -1.16 49.85
CA SER A 39 3.87 -1.36 50.33
C SER A 39 4.38 -2.77 50.07
N LYS A 40 3.48 -3.71 49.75
CA LYS A 40 3.88 -5.07 49.50
C LYS A 40 4.32 -5.23 48.04
N PRO A 41 5.22 -6.17 47.76
CA PRO A 41 5.66 -6.35 46.37
C PRO A 41 4.48 -6.60 45.44
N VAL A 42 4.38 -5.83 44.37
CA VAL A 42 3.25 -5.91 43.44
C VAL A 42 3.51 -6.99 42.39
N ILE A 43 4.77 -7.29 42.19
CA ILE A 43 5.16 -8.34 41.30
C ILE A 43 5.83 -9.43 42.19
N PRO A 44 5.38 -10.69 42.08
CA PRO A 44 4.43 -11.26 41.11
C PRO A 44 3.00 -10.81 41.33
N TYR A 45 2.29 -10.62 40.24
CA TYR A 45 0.94 -10.18 40.34
C TYR A 45 0.06 -11.09 41.20
N SER A 46 -0.83 -10.48 41.97
CA SER A 46 -1.68 -11.20 42.90
C SER A 46 -3.15 -10.87 42.65
N ASN A 47 -4.03 -11.84 42.95
CA ASN A 47 -5.45 -11.56 42.99
C ASN A 47 -5.86 -10.85 44.28
N GLU A 48 -4.98 -10.75 45.27
CA GLU A 48 -5.36 -10.18 46.55
C GLU A 48 -5.67 -8.70 46.41
N GLY A 49 -6.84 -8.29 46.89
CA GLY A 49 -7.27 -6.91 46.76
C GLY A 49 -7.53 -6.47 45.34
N ALA A 50 -7.71 -7.42 44.42
CA ALA A 50 -7.75 -7.11 43.00
C ALA A 50 -9.14 -6.76 42.50
N THR A 51 -9.19 -5.80 41.59
CA THR A 51 -10.32 -5.56 40.69
C THR A 51 -9.85 -5.82 39.28
N PHE A 52 -10.61 -6.60 38.52
CA PHE A 52 -10.31 -6.91 37.13
C PHE A 52 -11.46 -6.46 36.24
N TYR A 53 -11.15 -5.74 35.17
CA TYR A 53 -12.13 -5.44 34.11
C TYR A 53 -12.14 -6.61 33.14
N ILE A 54 -13.31 -7.23 32.94
CA ILE A 54 -13.42 -8.36 32.03
C ILE A 54 -14.53 -8.15 31.00
N ASN A 55 -14.34 -8.80 29.86
CA ASN A 55 -15.32 -8.97 28.79
C ASN A 55 -15.65 -7.67 28.06
N GLN A 56 -14.77 -6.68 28.16
CA GLN A 56 -14.89 -5.45 27.37
C GLN A 56 -14.56 -5.71 25.91
N MET A 57 -15.07 -4.82 25.05
CA MET A 57 -14.91 -4.89 23.60
C MET A 57 -14.05 -3.74 23.09
N TYR A 58 -13.21 -4.03 22.10
CA TYR A 58 -12.44 -3.00 21.41
C TYR A 58 -13.19 -2.51 20.16
N VAL A 59 -13.18 -1.19 19.94
CA VAL A 59 -13.87 -0.58 18.81
C VAL A 59 -12.93 0.41 18.12
N ASN A 60 -12.80 0.28 16.80
CA ASN A 60 -12.08 1.25 15.99
C ASN A 60 -13.08 1.98 15.10
N PHE A 61 -12.88 3.27 14.89
CA PHE A 61 -13.73 3.99 13.96
C PHE A 61 -12.89 4.84 13.03
N GLN A 62 -13.41 5.01 11.82
CA GLN A 62 -12.83 5.93 10.83
C GLN A 62 -14.00 6.68 10.21
N ALA A 63 -13.95 8.01 10.29
CA ALA A 63 -15.04 8.82 9.77
C ALA A 63 -14.57 9.63 8.58
N PRO A 64 -15.26 9.53 7.45
CA PRO A 64 -14.92 10.38 6.30
C PRO A 64 -15.34 11.81 6.53
N VAL A 65 -14.82 12.70 5.69
CA VAL A 65 -15.36 14.05 5.60
C VAL A 65 -16.72 13.99 4.94
N ARG A 66 -17.70 14.68 5.53
CA ARG A 66 -19.07 14.70 5.03
C ARG A 66 -19.63 13.28 4.90
N PRO A 67 -19.84 12.56 5.99
CA PRO A 67 -20.41 11.22 5.88
C PRO A 67 -21.80 11.28 5.26
N ARG A 68 -22.10 10.25 4.47
CA ARG A 68 -23.36 10.16 3.77
C ARG A 68 -24.00 8.82 4.11
N GLY A 69 -25.12 8.85 4.80
CA GLY A 69 -25.78 7.63 5.21
C GLY A 69 -25.29 7.12 6.55
N LEU A 70 -25.80 5.97 6.92
CA LEU A 70 -25.60 5.45 8.26
C LEU A 70 -24.21 4.87 8.45
N PRO A 71 -23.67 4.94 9.66
CA PRO A 71 -22.42 4.25 9.96
C PRO A 71 -22.59 2.74 9.86
N LEU A 72 -21.53 2.08 9.41
CA LEU A 72 -21.49 0.64 9.27
C LEU A 72 -20.66 0.06 10.41
N VAL A 73 -21.14 -1.03 11.00
CA VAL A 73 -20.44 -1.73 12.07
C VAL A 73 -20.05 -3.09 11.52
N PHE A 74 -18.76 -3.29 11.23
CA PHE A 74 -18.27 -4.54 10.68
C PHE A 74 -17.86 -5.47 11.84
N TRP A 75 -18.46 -6.66 11.87
CA TRP A 75 -18.32 -7.59 12.98
C TRP A 75 -17.77 -8.92 12.47
N HIS A 76 -16.52 -9.20 12.84
CA HIS A 76 -15.79 -10.37 12.37
C HIS A 76 -16.48 -11.67 12.77
N GLY A 77 -16.14 -12.74 12.04
CA GLY A 77 -16.61 -14.07 12.34
C GLY A 77 -15.79 -14.77 13.41
N GLY A 78 -16.04 -16.05 13.57
CA GLY A 78 -15.50 -16.79 14.70
C GLY A 78 -13.99 -16.91 14.59
N GLY A 79 -13.28 -16.60 15.69
CA GLY A 79 -11.85 -16.74 15.73
C GLY A 79 -11.09 -15.64 15.00
N LEU A 80 -11.77 -14.56 14.63
CA LEU A 80 -11.17 -13.51 13.80
C LEU A 80 -11.12 -12.20 14.58
N THR A 81 -10.67 -11.14 13.90
CA THR A 81 -10.60 -9.80 14.46
C THR A 81 -10.99 -8.81 13.36
N GLY A 82 -10.99 -7.52 13.71
CA GLY A 82 -11.24 -6.48 12.73
C GLY A 82 -10.22 -6.43 11.60
N HIS A 83 -9.11 -7.17 11.72
CA HIS A 83 -8.14 -7.22 10.62
C HIS A 83 -8.80 -7.59 9.31
N ILE A 84 -9.81 -8.46 9.35
CA ILE A 84 -10.36 -8.98 8.09
C ILE A 84 -11.10 -7.91 7.30
N TRP A 85 -11.47 -6.81 7.94
CA TRP A 85 -12.06 -5.68 7.24
C TRP A 85 -11.05 -4.63 6.85
N GLU A 86 -9.83 -4.70 7.38
CA GLU A 86 -8.80 -3.72 7.08
C GLU A 86 -8.10 -4.02 5.76
N SER A 87 -7.67 -5.27 5.58
CA SER A 87 -6.89 -5.69 4.43
C SER A 87 -7.18 -7.14 4.11
N THR A 88 -6.96 -7.51 2.85
CA THR A 88 -7.00 -8.90 2.46
C THR A 88 -5.65 -9.55 2.78
N PRO A 89 -5.58 -10.89 2.75
CA PRO A 89 -4.31 -11.55 3.05
C PRO A 89 -3.17 -11.14 2.13
N ASP A 90 -3.47 -10.82 0.87
CA ASP A 90 -2.46 -10.39 -0.08
C ASP A 90 -2.28 -8.87 -0.11
N GLY A 91 -2.89 -8.15 0.84
CA GLY A 91 -2.58 -6.74 1.04
C GLY A 91 -3.40 -5.78 0.23
N ARG A 92 -4.53 -6.22 -0.33
CA ARG A 92 -5.43 -5.29 -1.01
C ARG A 92 -6.36 -4.65 0.03
N PRO A 93 -6.93 -3.49 -0.29
CA PRO A 93 -7.82 -2.81 0.68
C PRO A 93 -8.99 -3.67 1.10
N GLY A 94 -9.32 -3.65 2.40
CA GLY A 94 -10.54 -4.26 2.88
C GLY A 94 -11.72 -3.31 2.88
N PHE A 95 -12.85 -3.83 3.37
CA PHE A 95 -14.10 -3.07 3.37
C PHE A 95 -14.02 -1.79 4.19
N GLN A 96 -13.15 -1.74 5.20
CA GLN A 96 -12.97 -0.51 5.96
C GLN A 96 -12.61 0.65 5.02
N THR A 97 -11.52 0.49 4.27
CA THR A 97 -11.13 1.51 3.29
C THR A 97 -12.21 1.71 2.24
N LEU A 98 -12.73 0.61 1.68
CA LEU A 98 -13.69 0.75 0.58
C LEU A 98 -14.91 1.56 1.00
N PHE A 99 -15.41 1.35 2.22
CA PHE A 99 -16.63 2.05 2.59
C PHE A 99 -16.40 3.42 3.22
N VAL A 100 -15.21 3.70 3.77
CA VAL A 100 -14.85 5.08 4.06
C VAL A 100 -14.78 5.88 2.76
N GLN A 101 -14.19 5.28 1.72
CA GLN A 101 -14.18 5.93 0.42
C GLN A 101 -15.60 6.16 -0.10
N ASP A 102 -16.52 5.23 0.19
CA ASP A 102 -17.92 5.33 -0.15
C ASP A 102 -18.68 6.29 0.79
N ARG A 103 -17.97 6.97 1.68
CA ARG A 103 -18.46 8.05 2.54
C ARG A 103 -19.31 7.57 3.72
N HIS A 104 -19.11 6.34 4.18
CA HIS A 104 -19.71 5.88 5.41
C HIS A 104 -18.68 5.95 6.52
N THR A 105 -19.11 6.40 7.69
CA THR A 105 -18.33 6.16 8.89
C THR A 105 -18.28 4.66 9.15
N VAL A 106 -17.10 4.13 9.42
CA VAL A 106 -16.88 2.69 9.54
C VAL A 106 -16.38 2.37 10.93
N TYR A 107 -17.12 1.51 11.63
CA TYR A 107 -16.69 0.93 12.90
C TYR A 107 -16.27 -0.51 12.66
N THR A 108 -15.14 -0.89 13.24
CA THR A 108 -14.68 -2.28 13.22
C THR A 108 -14.42 -2.69 14.66
N ILE A 109 -14.91 -3.86 15.06
CA ILE A 109 -14.79 -4.26 16.45
C ILE A 109 -13.91 -5.49 16.56
N ASP A 110 -13.28 -5.64 17.73
CA ASP A 110 -12.77 -6.93 18.20
C ASP A 110 -13.67 -7.30 19.37
N GLN A 111 -14.52 -8.31 19.19
CA GLN A 111 -15.51 -8.61 20.20
C GLN A 111 -14.82 -9.10 21.49
N PRO A 112 -15.52 -9.10 22.62
CA PRO A 112 -14.94 -9.67 23.84
C PRO A 112 -14.43 -11.07 23.57
N GLY A 113 -13.20 -11.34 24.04
CA GLY A 113 -12.57 -12.63 23.85
C GLY A 113 -11.70 -12.76 22.62
N ARG A 114 -11.67 -11.77 21.74
CA ARG A 114 -10.94 -11.85 20.48
C ARG A 114 -10.09 -10.61 20.25
N GLY A 115 -8.89 -10.81 19.71
CA GLY A 115 -8.05 -9.66 19.40
C GLY A 115 -7.86 -8.71 20.56
N ARG A 116 -8.16 -7.43 20.32
CA ARG A 116 -7.97 -6.40 21.33
C ARG A 116 -9.11 -6.38 22.35
N GLY A 117 -10.14 -7.18 22.16
CA GLY A 117 -11.12 -7.40 23.20
C GLY A 117 -10.50 -8.16 24.36
N ASN A 118 -11.19 -8.13 25.50
CA ASN A 118 -10.61 -8.73 26.70
C ASN A 118 -10.65 -10.24 26.66
N ILE A 119 -9.56 -10.86 27.11
CA ILE A 119 -9.53 -12.28 27.40
C ILE A 119 -9.49 -12.44 28.92
N PRO A 120 -10.57 -12.91 29.54
CA PRO A 120 -10.65 -12.85 31.02
C PRO A 120 -9.83 -13.91 31.72
N THR A 121 -8.63 -13.56 32.17
CA THR A 121 -7.82 -14.48 32.94
C THR A 121 -7.04 -13.68 33.98
N PHE A 122 -6.51 -14.39 34.97
CA PHE A 122 -6.08 -13.78 36.22
C PHE A 122 -4.75 -14.38 36.65
N ASN A 123 -4.55 -14.54 37.94
CA ASN A 123 -3.36 -15.17 38.46
C ASN A 123 -3.79 -16.56 38.91
N GLY A 124 -3.49 -17.56 38.09
CA GLY A 124 -3.97 -18.91 38.30
C GLY A 124 -4.25 -19.59 36.98
N PRO A 125 -4.83 -20.79 37.01
CA PRO A 125 -5.16 -21.48 35.76
C PRO A 125 -5.99 -20.59 34.87
N PHE A 126 -5.73 -20.66 33.55
CA PHE A 126 -6.40 -19.82 32.58
C PHE A 126 -7.88 -19.73 32.86
N GLY A 127 -8.37 -18.49 32.95
CA GLY A 127 -9.79 -18.22 33.09
C GLY A 127 -10.34 -18.33 34.49
N GLN A 128 -9.53 -18.73 35.46
CA GLN A 128 -9.99 -19.04 36.82
C GLN A 128 -9.59 -17.93 37.77
N LEU A 129 -10.56 -17.38 38.50
CA LEU A 129 -10.32 -16.37 39.53
C LEU A 129 -10.61 -17.00 40.88
N GLU A 130 -9.55 -17.31 41.61
CA GLU A 130 -9.66 -18.14 42.81
C GLU A 130 -10.42 -19.40 42.42
N GLU A 131 -11.56 -19.68 43.06
CA GLU A 131 -12.25 -20.91 42.77
C GLU A 131 -13.38 -20.77 41.75
N GLU A 132 -13.47 -19.59 41.11
CA GLU A 132 -14.50 -19.35 40.12
C GLU A 132 -13.98 -19.41 38.68
N SER A 133 -14.63 -20.23 37.86
CA SER A 133 -14.28 -20.33 36.47
C SER A 133 -15.02 -19.24 35.71
N ILE A 134 -14.30 -18.20 35.30
CA ILE A 134 -14.91 -17.15 34.49
C ILE A 134 -15.02 -17.59 33.03
N VAL A 135 -13.94 -18.17 32.50
CA VAL A 135 -13.98 -18.92 31.25
C VAL A 135 -13.26 -20.24 31.49
N ASN A 136 -13.50 -21.18 30.59
CA ASN A 136 -12.96 -22.53 30.77
C ASN A 136 -11.46 -22.55 30.55
N THR A 137 -10.77 -23.39 31.33
CA THR A 137 -9.33 -23.55 31.17
C THR A 137 -9.00 -24.36 29.94
N VAL A 138 -9.85 -25.31 29.58
CA VAL A 138 -9.71 -26.08 28.34
C VAL A 138 -10.22 -25.22 27.19
N THR A 139 -9.37 -25.02 26.18
CA THR A 139 -9.72 -24.24 25.02
C THR A 139 -10.06 -25.15 23.84
N GLY A 140 -10.65 -24.54 22.83
CA GLY A 140 -10.77 -25.18 21.52
C GLY A 140 -10.26 -24.22 20.47
N ASN A 141 -9.77 -24.78 19.38
CA ASN A 141 -9.23 -23.96 18.30
C ASN A 141 -9.12 -24.79 17.03
N SER A 142 -9.59 -24.22 15.92
CA SER A 142 -9.49 -24.91 14.65
C SER A 142 -8.04 -25.04 14.23
N SER A 143 -7.74 -26.13 13.54
CA SER A 143 -6.48 -26.26 12.84
C SER A 143 -6.54 -25.51 11.50
N LYS A 144 -5.38 -25.36 10.87
CA LYS A 144 -5.34 -24.90 9.49
C LYS A 144 -6.21 -25.79 8.61
N GLU A 145 -6.14 -27.09 8.82
CA GLU A 145 -6.91 -28.05 8.01
C GLU A 145 -8.41 -27.83 8.17
N GLY A 146 -8.85 -27.68 9.42
CA GLY A 146 -10.26 -27.46 9.67
C GLY A 146 -10.74 -26.14 9.08
N ALA A 147 -9.90 -25.10 9.15
CA ALA A 147 -10.26 -23.81 8.59
C ALA A 147 -10.31 -23.87 7.07
N TRP A 148 -9.38 -24.62 6.46
CA TRP A 148 -9.38 -24.77 5.00
C TRP A 148 -10.73 -25.23 4.51
N VAL A 149 -11.28 -26.27 5.15
CA VAL A 149 -12.53 -26.83 4.64
C VAL A 149 -13.73 -26.04 5.13
N ARG A 150 -13.68 -25.50 6.36
CA ARG A 150 -14.75 -24.60 6.81
C ARG A 150 -14.94 -23.45 5.84
N ASP A 151 -13.84 -22.87 5.36
CA ASP A 151 -13.89 -21.68 4.53
C ASP A 151 -14.08 -21.99 3.05
N ARG A 152 -14.12 -23.27 2.71
CA ARG A 152 -14.38 -23.73 1.34
C ARG A 152 -13.35 -23.17 0.35
N LEU A 153 -12.09 -23.11 0.78
CA LEU A 153 -11.02 -22.93 -0.19
C LEU A 153 -11.04 -24.08 -1.19
N GLY A 154 -11.26 -25.29 -0.67
CA GLY A 154 -11.43 -26.47 -1.49
C GLY A 154 -12.04 -27.56 -0.64
N PRO A 155 -12.24 -28.73 -1.24
CA PRO A 155 -12.88 -29.83 -0.50
C PRO A 155 -11.97 -30.50 0.51
N ALA A 156 -10.65 -30.35 0.40
CA ALA A 156 -9.71 -30.95 1.34
C ALA A 156 -8.54 -30.01 1.50
N PRO A 157 -7.83 -30.07 2.63
CA PRO A 157 -6.69 -29.17 2.84
C PRO A 157 -5.67 -29.28 1.72
N GLY A 158 -5.17 -28.12 1.27
CA GLY A 158 -4.21 -28.08 0.19
C GLY A 158 -4.80 -28.06 -1.20
N GLN A 159 -6.11 -28.28 -1.33
CA GLN A 159 -6.78 -28.30 -2.62
C GLN A 159 -7.68 -27.08 -2.76
N PHE A 160 -7.71 -26.49 -3.94
CA PHE A 160 -8.62 -25.40 -4.25
C PHE A 160 -9.69 -25.85 -5.23
N PHE A 161 -10.90 -25.33 -5.04
CA PHE A 161 -11.88 -25.35 -6.13
C PHE A 161 -11.31 -24.58 -7.33
N GLU A 162 -11.62 -25.04 -8.54
CA GLU A 162 -10.92 -24.41 -9.67
C GLU A 162 -11.39 -22.96 -9.89
N ASN A 163 -12.62 -22.63 -9.54
CA ASN A 163 -13.06 -21.25 -9.76
C ASN A 163 -12.61 -20.30 -8.65
N SER A 164 -11.75 -20.74 -7.73
CA SER A 164 -11.60 -20.07 -6.44
C SER A 164 -11.16 -18.61 -6.57
N GLN A 165 -11.82 -17.75 -5.80
CA GLN A 165 -11.43 -16.36 -5.63
C GLN A 165 -10.49 -16.17 -4.45
N PHE A 166 -10.03 -17.24 -3.81
CA PHE A 166 -9.06 -17.08 -2.74
C PHE A 166 -7.77 -16.48 -3.32
N PRO A 167 -7.11 -15.58 -2.58
CA PRO A 167 -5.80 -15.07 -3.03
C PRO A 167 -4.69 -16.10 -2.87
N ARG A 168 -4.62 -17.04 -3.81
CA ARG A 168 -3.62 -18.10 -3.74
C ARG A 168 -2.21 -17.53 -3.64
N GLY A 169 -1.38 -18.20 -2.85
CA GLY A 169 -0.05 -17.76 -2.54
C GLY A 169 0.07 -17.10 -1.19
N TYR A 170 -1.06 -16.69 -0.61
CA TYR A 170 -1.05 -15.95 0.64
C TYR A 170 -1.75 -16.73 1.74
N GLU A 171 -1.69 -18.06 1.66
CA GLU A 171 -2.30 -18.92 2.66
C GLU A 171 -1.75 -18.65 4.05
N ASP A 172 -0.42 -18.47 4.17
CA ASP A 172 0.15 -18.26 5.49
C ASP A 172 -0.40 -16.98 6.13
N ASN A 173 -0.43 -15.89 5.36
CA ASN A 173 -1.00 -14.64 5.87
C ASN A 173 -2.43 -14.85 6.34
N TYR A 174 -3.21 -15.57 5.54
CA TYR A 174 -4.62 -15.80 5.82
C TYR A 174 -4.81 -16.58 7.12
N PHE A 175 -4.17 -17.73 7.26
CA PHE A 175 -4.45 -18.54 8.44
C PHE A 175 -3.86 -17.92 9.69
N LYS A 176 -2.85 -17.05 9.56
CA LYS A 176 -2.30 -16.41 10.75
C LYS A 176 -3.29 -15.48 11.44
N GLU A 177 -4.37 -15.07 10.75
CA GLU A 177 -5.31 -14.12 11.34
C GLU A 177 -6.31 -14.80 12.26
N MET A 178 -6.28 -16.12 12.36
CA MET A 178 -7.28 -16.92 13.08
C MET A 178 -6.76 -17.40 14.44
N GLY A 179 -7.66 -17.48 15.41
CA GLY A 179 -7.28 -18.01 16.71
C GLY A 179 -8.45 -18.47 17.55
N PHE A 180 -8.14 -18.83 18.79
CA PHE A 180 -9.14 -19.37 19.69
C PHE A 180 -10.03 -18.27 20.26
N SER A 181 -11.19 -18.69 20.78
CA SER A 181 -12.02 -17.79 21.58
C SER A 181 -12.32 -18.44 22.92
N PRO A 182 -12.12 -17.73 24.04
CA PRO A 182 -12.51 -18.26 25.34
C PRO A 182 -14.03 -18.37 25.43
N SER A 183 -14.50 -19.06 26.47
CA SER A 183 -15.91 -19.41 26.57
C SER A 183 -16.76 -18.30 27.19
N ILE A 184 -16.54 -17.05 26.75
CA ILE A 184 -17.39 -15.95 27.18
C ILE A 184 -18.81 -16.20 26.74
N SER A 185 -19.77 -15.90 27.61
CA SER A 185 -21.16 -16.15 27.27
C SER A 185 -21.57 -15.27 26.09
N SER A 186 -22.36 -15.84 25.18
CA SER A 186 -22.86 -15.05 24.07
C SER A 186 -23.70 -13.87 24.55
N ASP A 187 -24.39 -14.02 25.69
CA ASP A 187 -25.14 -12.91 26.27
C ASP A 187 -24.25 -11.68 26.48
N GLU A 188 -23.04 -11.90 26.99
CA GLU A 188 -22.16 -10.77 27.28
C GLU A 188 -21.56 -10.17 26.01
N ILE A 189 -21.40 -10.97 24.95
CA ILE A 189 -20.94 -10.43 23.68
C ILE A 189 -22.03 -9.58 23.05
N VAL A 190 -23.26 -10.09 23.04
CA VAL A 190 -24.41 -9.30 22.55
C VAL A 190 -24.52 -8.01 23.35
N ASP A 191 -24.38 -8.11 24.68
CA ASP A 191 -24.49 -6.94 25.55
C ASP A 191 -23.52 -5.84 25.14
N ALA A 192 -22.27 -6.20 24.86
CA ALA A 192 -21.27 -5.19 24.48
C ALA A 192 -21.67 -4.47 23.18
N VAL A 193 -22.16 -5.22 22.19
CA VAL A 193 -22.51 -4.59 20.91
C VAL A 193 -23.80 -3.78 21.05
N VAL A 194 -24.75 -4.25 21.86
CA VAL A 194 -25.92 -3.41 22.14
C VAL A 194 -25.48 -2.07 22.71
N LYS A 195 -24.53 -2.08 23.64
CA LYS A 195 -24.03 -0.82 24.20
C LYS A 195 -23.34 0.03 23.14
N LEU A 196 -22.61 -0.60 22.22
CA LEU A 196 -22.01 0.17 21.14
C LEU A 196 -23.08 0.81 20.24
N VAL A 197 -24.15 0.07 19.94
CA VAL A 197 -25.20 0.60 19.07
C VAL A 197 -25.92 1.75 19.76
N THR A 198 -26.06 1.70 21.08
CA THR A 198 -26.58 2.84 21.82
C THR A 198 -25.67 4.05 21.66
N HIS A 199 -24.37 3.84 21.72
CA HIS A 199 -23.41 4.94 21.58
C HIS A 199 -23.46 5.55 20.19
N ILE A 200 -23.55 4.71 19.14
CA ILE A 200 -23.39 5.17 17.76
C ILE A 200 -24.64 5.88 17.26
N GLY A 201 -25.82 5.41 17.66
CA GLY A 201 -27.05 5.81 17.02
C GLY A 201 -27.41 4.86 15.89
N PRO A 202 -28.36 5.25 15.04
CA PRO A 202 -28.76 4.42 13.90
C PRO A 202 -27.57 3.95 13.07
N CYS A 203 -27.55 2.66 12.74
CA CYS A 203 -26.40 2.06 12.07
C CYS A 203 -26.84 0.80 11.35
N VAL A 204 -25.91 0.23 10.58
CA VAL A 204 -26.10 -1.04 9.89
C VAL A 204 -25.06 -2.01 10.43
N LEU A 205 -25.48 -3.22 10.77
CA LEU A 205 -24.55 -4.28 11.16
C LEU A 205 -24.19 -5.10 9.93
N VAL A 206 -22.89 -5.33 9.76
CA VAL A 206 -22.37 -6.19 8.70
C VAL A 206 -21.63 -7.30 9.41
N THR A 207 -22.19 -8.50 9.40
CA THR A 207 -21.69 -9.60 10.21
C THR A 207 -21.14 -10.71 9.33
N HIS A 208 -20.64 -11.75 10.00
CA HIS A 208 -19.90 -12.81 9.32
C HIS A 208 -19.91 -14.05 10.19
N SER A 209 -20.35 -15.17 9.62
CA SER A 209 -20.25 -16.46 10.28
CA SER A 209 -20.30 -16.47 10.26
C SER A 209 -20.78 -16.41 11.71
N ALA A 210 -19.90 -16.61 12.70
CA ALA A 210 -20.36 -16.67 14.08
C ALA A 210 -21.08 -15.41 14.52
N SER A 211 -20.73 -14.25 13.96
CA SER A 211 -21.44 -13.08 14.47
C SER A 211 -22.79 -12.90 13.80
N GLY A 212 -23.15 -13.75 12.83
CA GLY A 212 -24.47 -13.72 12.24
C GLY A 212 -25.59 -13.78 13.26
N VAL A 213 -25.65 -14.86 14.04
CA VAL A 213 -26.72 -15.01 15.01
C VAL A 213 -26.63 -13.92 16.07
N LEU A 214 -25.40 -13.52 16.43
CA LEU A 214 -25.24 -12.49 17.46
C LEU A 214 -25.78 -11.15 16.99
N GLY A 215 -25.58 -10.81 15.72
CA GLY A 215 -26.12 -9.56 15.20
C GLY A 215 -27.63 -9.57 15.13
N MET A 216 -28.23 -10.72 14.78
CA MET A 216 -29.68 -10.83 14.83
C MET A 216 -30.18 -10.57 16.24
N ARG A 217 -29.52 -11.17 17.23
CA ARG A 217 -29.90 -10.92 18.62
C ARG A 217 -29.76 -9.44 18.97
N VAL A 218 -28.63 -8.81 18.58
CA VAL A 218 -28.45 -7.38 18.87
C VAL A 218 -29.61 -6.57 18.31
N ALA A 219 -30.01 -6.84 17.06
CA ALA A 219 -31.10 -6.07 16.46
C ALA A 219 -32.39 -6.19 17.26
N THR A 220 -32.65 -7.35 17.88
CA THR A 220 -33.88 -7.49 18.66
C THR A 220 -33.82 -6.70 19.97
N HIS A 221 -32.63 -6.28 20.39
CA HIS A 221 -32.47 -5.47 21.60
C HIS A 221 -32.13 -4.02 21.29
N ALA A 222 -31.91 -3.67 20.03
CA ALA A 222 -31.40 -2.34 19.70
C ALA A 222 -32.12 -1.83 18.45
N LYS A 223 -33.11 -0.96 18.64
CA LYS A 223 -33.84 -0.41 17.51
C LYS A 223 -32.97 0.46 16.61
N ASN A 224 -31.78 0.87 17.08
CA ASN A 224 -30.88 1.64 16.22
C ASN A 224 -30.28 0.79 15.10
N VAL A 225 -30.34 -0.54 15.19
CA VAL A 225 -29.92 -1.35 14.04
C VAL A 225 -30.98 -1.18 12.96
N ARG A 226 -30.59 -0.54 11.86
CA ARG A 226 -31.53 -0.24 10.77
C ARG A 226 -31.41 -1.20 9.61
N GLY A 227 -30.47 -2.13 9.67
CA GLY A 227 -30.34 -3.13 8.61
C GLY A 227 -29.20 -4.07 9.00
N ILE A 228 -29.23 -5.25 8.40
CA ILE A 228 -28.24 -6.29 8.64
C ILE A 228 -27.82 -6.89 7.30
N VAL A 229 -26.52 -6.97 7.07
CA VAL A 229 -25.96 -7.83 6.02
C VAL A 229 -25.06 -8.84 6.69
N ALA A 230 -25.38 -10.12 6.54
CA ALA A 230 -24.64 -11.20 7.19
C ALA A 230 -23.99 -12.08 6.14
N TYR A 231 -22.65 -12.12 6.15
CA TYR A 231 -21.90 -13.00 5.25
C TYR A 231 -21.83 -14.40 5.85
N GLU A 232 -22.48 -15.36 5.21
CA GLU A 232 -22.44 -16.78 5.58
C GLU A 232 -22.60 -16.99 7.09
N PRO A 233 -23.75 -16.60 7.66
CA PRO A 233 -23.97 -16.82 9.08
C PRO A 233 -23.91 -18.30 9.43
N ALA A 234 -23.35 -18.60 10.60
CA ALA A 234 -23.10 -19.97 11.01
C ALA A 234 -24.24 -20.60 11.79
N THR A 235 -25.06 -19.83 12.50
CA THR A 235 -26.14 -20.38 13.31
C THR A 235 -27.45 -19.71 12.93
N SER A 236 -28.49 -20.51 12.72
CA SER A 236 -29.82 -20.01 12.37
C SER A 236 -30.60 -19.64 13.63
N ILE A 237 -31.64 -18.84 13.43
CA ILE A 237 -32.43 -18.30 14.54
C ILE A 237 -33.92 -18.39 14.18
N PHE A 238 -34.73 -18.77 15.16
CA PHE A 238 -36.14 -19.01 14.99
C PHE A 238 -36.93 -18.53 16.20
N PRO A 239 -38.22 -18.30 16.04
CA PRO A 239 -39.07 -18.06 17.22
C PRO A 239 -39.14 -19.31 18.07
N LYS A 240 -39.17 -19.10 19.39
CA LYS A 240 -39.27 -20.21 20.32
C LYS A 240 -40.51 -21.05 20.01
N GLY A 241 -40.33 -22.37 20.04
CA GLY A 241 -41.38 -23.29 19.72
C GLY A 241 -41.68 -23.45 18.26
N LYS A 242 -40.96 -22.75 17.38
CA LYS A 242 -41.24 -22.80 15.95
C LYS A 242 -39.99 -23.15 15.15
N VAL A 243 -39.09 -23.93 15.74
CA VAL A 243 -37.91 -24.42 15.03
C VAL A 243 -38.37 -25.57 14.13
N PRO A 244 -38.18 -25.46 12.82
CA PRO A 244 -38.50 -26.59 11.94
C PRO A 244 -37.52 -27.73 12.15
N GLU A 245 -38.03 -28.94 12.00
CA GLU A 245 -37.12 -30.09 11.93
C GLU A 245 -36.24 -29.96 10.70
N ILE A 246 -34.94 -30.16 10.89
CA ILE A 246 -33.95 -30.01 9.83
C ILE A 246 -33.22 -31.35 9.71
N PRO A 247 -33.01 -31.88 8.50
CA PRO A 247 -32.42 -33.21 8.40
C PRO A 247 -30.99 -33.23 8.88
N PRO A 248 -30.49 -34.37 9.34
CA PRO A 248 -29.06 -34.51 9.63
C PRO A 248 -28.22 -34.41 8.36
N LEU A 249 -26.92 -34.34 8.55
CA LEU A 249 -25.98 -34.31 7.45
C LEU A 249 -25.93 -35.68 6.76
N ALA A 250 -25.20 -35.73 5.65
CA ALA A 250 -25.14 -36.93 4.83
C ALA A 250 -24.52 -38.11 5.56
N ASP A 251 -23.65 -37.85 6.55
CA ASP A 251 -23.10 -38.97 7.32
C ASP A 251 -24.13 -39.61 8.26
N LYS A 252 -25.37 -39.12 8.27
CA LYS A 252 -26.50 -39.65 9.01
C LYS A 252 -26.37 -39.47 10.53
N LYS A 253 -25.27 -38.90 11.02
CA LYS A 253 -25.04 -38.75 12.44
C LYS A 253 -24.86 -37.31 12.88
N SER A 254 -24.25 -36.47 12.07
CA SER A 254 -24.00 -35.09 12.43
C SER A 254 -25.21 -34.23 12.14
N GLN A 255 -25.25 -33.08 12.81
CA GLN A 255 -26.29 -32.08 12.57
C GLN A 255 -25.63 -30.72 12.52
N ILE A 256 -26.36 -29.76 11.94
CA ILE A 256 -25.91 -28.38 11.97
C ILE A 256 -25.98 -27.84 13.40
N PHE A 257 -25.53 -26.61 13.59
CA PHE A 257 -25.57 -26.04 14.93
C PHE A 257 -27.02 -25.89 15.38
N PRO A 258 -27.35 -26.31 16.60
CA PRO A 258 -28.73 -26.14 17.09
C PRO A 258 -29.18 -24.70 16.94
N PRO A 259 -30.30 -24.47 16.27
CA PRO A 259 -30.75 -23.10 16.03
C PRO A 259 -31.05 -22.38 17.34
N PHE A 260 -30.78 -21.08 17.35
CA PHE A 260 -31.07 -20.25 18.50
C PHE A 260 -32.55 -19.87 18.49
N GLU A 261 -33.18 -19.94 19.67
CA GLU A 261 -34.60 -19.69 19.82
C GLU A 261 -34.81 -18.44 20.66
N ILE A 262 -35.64 -17.53 20.18
CA ILE A 262 -36.02 -16.35 20.96
C ILE A 262 -37.53 -16.20 20.94
N GLN A 263 -38.05 -15.51 21.95
CA GLN A 263 -39.47 -15.24 21.99
C GLN A 263 -39.93 -14.57 20.70
N GLU A 264 -41.11 -14.99 20.21
CA GLU A 264 -41.64 -14.43 18.98
C GLU A 264 -41.74 -12.90 19.05
N SER A 265 -41.99 -12.33 20.22
CA SER A 265 -42.16 -10.88 20.26
C SER A 265 -40.83 -10.17 20.04
N TYR A 266 -39.72 -10.81 20.43
CA TYR A 266 -38.41 -10.29 20.03
C TYR A 266 -38.12 -10.61 18.57
N PHE A 267 -38.44 -11.83 18.12
CA PHE A 267 -38.15 -12.23 16.76
C PHE A 267 -38.82 -11.31 15.75
N LYS A 268 -40.06 -10.88 16.02
CA LYS A 268 -40.74 -10.06 15.02
C LYS A 268 -40.10 -8.69 14.83
N LYS A 269 -39.20 -8.28 15.73
CA LYS A 269 -38.48 -7.03 15.48
C LYS A 269 -37.58 -7.14 14.27
N LEU A 270 -37.18 -8.36 13.91
CA LEU A 270 -36.39 -8.59 12.71
C LEU A 270 -37.17 -8.33 11.44
N ALA A 271 -38.51 -8.34 11.52
CA ALA A 271 -39.34 -8.03 10.36
C ALA A 271 -39.39 -6.53 10.06
N LYS A 272 -38.85 -5.69 10.94
CA LYS A 272 -38.98 -4.24 10.80
C LYS A 272 -37.83 -3.60 10.03
N ILE A 273 -36.78 -4.36 9.70
CA ILE A 273 -35.61 -3.81 9.03
C ILE A 273 -35.20 -4.72 7.90
N PRO A 274 -34.51 -4.19 6.89
CA PRO A 274 -34.01 -5.06 5.82
C PRO A 274 -32.87 -5.92 6.29
N ILE A 275 -32.90 -7.18 5.88
CA ILE A 275 -31.90 -8.18 6.27
C ILE A 275 -31.51 -8.98 5.04
N GLN A 276 -30.21 -9.09 4.80
CA GLN A 276 -29.69 -9.85 3.67
C GLN A 276 -28.63 -10.81 4.16
N PHE A 277 -28.79 -12.10 3.84
CA PHE A 277 -27.76 -13.11 4.07
C PHE A 277 -27.03 -13.34 2.76
N VAL A 278 -25.70 -13.30 2.78
CA VAL A 278 -24.89 -13.44 1.57
C VAL A 278 -24.09 -14.73 1.64
N PHE A 279 -24.20 -15.55 0.59
CA PHE A 279 -23.47 -16.80 0.54
C PHE A 279 -22.57 -16.82 -0.69
N GLY A 280 -21.36 -17.37 -0.51
CA GLY A 280 -20.43 -17.56 -1.59
C GLY A 280 -20.70 -18.81 -2.39
N ASP A 281 -19.65 -19.35 -3.01
CA ASP A 281 -19.79 -20.41 -3.99
C ASP A 281 -19.41 -21.77 -3.40
N ASN A 282 -19.67 -22.82 -4.18
CA ASN A 282 -19.20 -24.17 -3.92
C ASN A 282 -19.85 -24.80 -2.70
N ILE A 283 -21.04 -24.35 -2.34
CA ILE A 283 -21.91 -25.08 -1.42
C ILE A 283 -22.70 -26.08 -2.26
N PRO A 284 -22.57 -27.38 -2.04
CA PRO A 284 -23.24 -28.36 -2.91
C PRO A 284 -24.75 -28.36 -2.71
N LYS A 285 -25.46 -28.74 -3.78
CA LYS A 285 -26.89 -28.97 -3.70
C LYS A 285 -27.23 -30.39 -3.27
N ASN A 286 -26.42 -31.37 -3.68
CA ASN A 286 -26.53 -32.78 -3.36
C ASN A 286 -25.85 -33.07 -2.03
N PRO A 287 -26.40 -33.98 -1.22
CA PRO A 287 -25.68 -34.46 -0.04
C PRO A 287 -24.28 -34.94 -0.41
N LYS A 288 -23.30 -34.64 0.45
CA LYS A 288 -21.89 -34.97 0.18
C LYS A 288 -21.28 -35.58 1.43
N SER A 289 -21.31 -36.92 1.54
CA SER A 289 -20.76 -37.58 2.72
C SER A 289 -19.23 -37.48 2.78
N ALA A 290 -18.57 -37.33 1.64
CA ALA A 290 -17.11 -37.32 1.64
C ALA A 290 -16.52 -36.04 2.20
N TYR A 291 -17.30 -34.97 2.24
CA TYR A 291 -16.78 -33.63 2.55
C TYR A 291 -17.67 -33.01 3.60
N TRP A 292 -17.31 -33.21 4.86
CA TRP A 292 -18.21 -32.91 5.97
C TRP A 292 -18.61 -31.44 5.98
N PHE A 293 -17.63 -30.53 5.86
CA PHE A 293 -17.99 -29.12 5.95
C PHE A 293 -18.75 -28.64 4.72
N LEU A 294 -18.54 -29.25 3.55
CA LEU A 294 -19.36 -28.87 2.41
C LEU A 294 -20.81 -29.23 2.68
N ASP A 295 -21.04 -30.44 3.21
CA ASP A 295 -22.39 -30.87 3.53
C ASP A 295 -22.99 -30.04 4.66
N TRP A 296 -22.16 -29.71 5.65
CA TRP A 296 -22.62 -28.83 6.73
C TRP A 296 -23.11 -27.50 6.18
N TRP A 297 -22.37 -26.91 5.23
CA TRP A 297 -22.80 -25.62 4.69
C TRP A 297 -24.10 -25.77 3.91
N ARG A 298 -24.27 -26.88 3.20
CA ARG A 298 -25.51 -27.14 2.47
C ARG A 298 -26.71 -27.11 3.41
N VAL A 299 -26.63 -27.84 4.53
CA VAL A 299 -27.79 -27.91 5.40
C VAL A 299 -27.95 -26.62 6.21
N THR A 300 -26.83 -25.96 6.55
CA THR A 300 -26.94 -24.68 7.25
C THR A 300 -27.57 -23.60 6.36
N ARG A 301 -27.17 -23.52 5.08
CA ARG A 301 -27.81 -22.56 4.18
C ARG A 301 -29.30 -22.83 4.07
N TYR A 302 -29.69 -24.10 4.07
CA TYR A 302 -31.10 -24.46 4.02
C TYR A 302 -31.81 -23.97 5.28
N ALA A 303 -31.20 -24.20 6.45
CA ALA A 303 -31.83 -23.75 7.69
C ALA A 303 -32.02 -22.23 7.68
N HIS A 304 -31.03 -21.50 7.17
CA HIS A 304 -31.17 -20.05 7.08
C HIS A 304 -32.31 -19.67 6.15
N SER A 305 -32.49 -20.43 5.06
CA SER A 305 -33.59 -20.10 4.16
C SER A 305 -34.94 -20.19 4.89
N LEU A 306 -35.08 -21.15 5.83
CA LEU A 306 -36.30 -21.27 6.61
C LEU A 306 -36.40 -20.16 7.66
N SER A 307 -35.26 -19.74 8.21
CA SER A 307 -35.23 -18.61 9.13
C SER A 307 -35.72 -17.34 8.44
N LEU A 308 -35.19 -17.05 7.25
CA LEU A 308 -35.62 -15.88 6.50
C LEU A 308 -37.10 -15.95 6.15
N GLU A 309 -37.59 -17.15 5.83
CA GLU A 309 -39.02 -17.33 5.56
C GLU A 309 -39.85 -16.95 6.78
N ALA A 310 -39.40 -17.35 7.97
CA ALA A 310 -40.13 -17.01 9.19
C ALA A 310 -40.20 -15.49 9.37
N ILE A 311 -39.12 -14.80 9.05
CA ILE A 311 -39.13 -13.34 9.15
C ILE A 311 -40.08 -12.73 8.13
N ASN A 312 -40.07 -13.26 6.91
CA ASN A 312 -40.96 -12.68 5.90
C ASN A 312 -42.42 -13.00 6.18
N LYS A 313 -42.71 -14.16 6.78
CA LYS A 313 -44.08 -14.47 7.17
C LYS A 313 -44.62 -13.43 8.15
N LEU A 314 -43.74 -12.80 8.92
CA LEU A 314 -44.15 -11.78 9.88
C LEU A 314 -44.12 -10.37 9.28
N GLY A 315 -44.12 -10.26 7.95
CA GLY A 315 -44.11 -8.97 7.29
C GLY A 315 -42.75 -8.41 7.00
N GLY A 316 -41.69 -9.21 7.08
CA GLY A 316 -40.35 -8.68 6.99
C GLY A 316 -39.85 -8.46 5.59
N GLN A 317 -38.58 -8.07 5.51
CA GLN A 317 -37.89 -7.80 4.26
C GLN A 317 -36.52 -8.49 4.33
N ALA A 318 -36.54 -9.81 4.34
CA ALA A 318 -35.37 -10.65 4.51
C ALA A 318 -35.08 -11.41 3.22
N SER A 319 -33.81 -11.48 2.83
CA SER A 319 -33.49 -12.13 1.58
C SER A 319 -32.16 -12.86 1.68
N LEU A 320 -31.98 -13.81 0.77
CA LEU A 320 -30.76 -14.58 0.67
C LEU A 320 -30.14 -14.27 -0.69
N LEU A 321 -28.89 -13.80 -0.68
CA LEU A 321 -28.15 -13.51 -1.90
C LEU A 321 -27.10 -14.59 -2.09
N ASP A 322 -27.25 -15.41 -3.11
CA ASP A 322 -26.20 -16.32 -3.54
C ASP A 322 -25.33 -15.55 -4.53
N LEU A 323 -24.07 -15.33 -4.18
CA LEU A 323 -23.20 -14.55 -5.06
C LEU A 323 -23.14 -15.09 -6.48
N PRO A 324 -23.14 -16.40 -6.74
CA PRO A 324 -23.17 -16.87 -8.13
C PRO A 324 -24.38 -16.39 -8.91
N THR A 325 -25.55 -16.25 -8.28
CA THR A 325 -26.70 -15.70 -8.99
C THR A 325 -26.48 -14.25 -9.40
N ALA A 326 -25.68 -13.50 -8.65
CA ALA A 326 -25.32 -12.13 -9.00
C ALA A 326 -24.17 -12.06 -9.99
N GLY A 327 -23.69 -13.19 -10.50
CA GLY A 327 -22.62 -13.20 -11.48
C GLY A 327 -21.22 -13.30 -10.93
N LEU A 328 -21.07 -13.60 -9.64
CA LEU A 328 -19.77 -13.71 -9.00
C LEU A 328 -19.53 -15.17 -8.68
N ARG A 329 -18.45 -15.75 -9.22
CA ARG A 329 -18.19 -17.17 -9.09
C ARG A 329 -16.90 -17.41 -8.29
N GLY A 330 -16.91 -18.46 -7.48
CA GLY A 330 -15.72 -18.92 -6.79
C GLY A 330 -15.45 -18.32 -5.43
N ASN A 331 -16.41 -17.60 -4.84
CA ASN A 331 -16.14 -16.98 -3.56
C ASN A 331 -16.06 -18.02 -2.45
N THR A 332 -15.22 -17.71 -1.45
CA THR A 332 -15.03 -18.52 -0.26
C THR A 332 -15.98 -18.02 0.82
N HIS A 333 -15.79 -18.54 2.04
CA HIS A 333 -16.50 -18.10 3.24
C HIS A 333 -16.13 -16.67 3.63
N PHE A 334 -15.11 -16.07 3.03
CA PHE A 334 -14.71 -14.68 3.29
C PHE A 334 -14.82 -13.88 1.99
N PRO A 335 -16.04 -13.68 1.45
CA PRO A 335 -16.14 -12.96 0.17
C PRO A 335 -15.51 -11.58 0.20
N PHE A 336 -15.53 -10.91 1.36
CA PHE A 336 -15.02 -9.56 1.51
C PHE A 336 -13.50 -9.47 1.56
N THR A 337 -12.76 -10.60 1.57
CA THR A 337 -11.33 -10.55 1.36
C THR A 337 -10.88 -11.33 0.13
N ASP A 338 -11.82 -11.90 -0.63
CA ASP A 338 -11.50 -12.62 -1.85
C ASP A 338 -10.99 -11.67 -2.93
N ARG A 339 -10.48 -12.25 -4.04
CA ARG A 339 -9.90 -11.41 -5.09
C ARG A 339 -10.92 -10.50 -5.76
N ASN A 340 -12.21 -10.85 -5.74
CA ASN A 340 -13.26 -10.00 -6.29
C ASN A 340 -13.99 -9.21 -5.22
N ASN A 341 -13.31 -8.90 -4.09
CA ASN A 341 -14.03 -8.24 -3.00
C ASN A 341 -14.50 -6.83 -3.36
N VAL A 342 -13.94 -6.20 -4.39
CA VAL A 342 -14.50 -4.94 -4.85
C VAL A 342 -15.90 -5.14 -5.41
N GLN A 343 -16.10 -6.23 -6.17
CA GLN A 343 -17.44 -6.54 -6.69
C GLN A 343 -18.38 -6.95 -5.57
N VAL A 344 -17.88 -7.69 -4.59
CA VAL A 344 -18.71 -8.00 -3.42
C VAL A 344 -19.11 -6.71 -2.71
N ALA A 345 -18.17 -5.77 -2.57
CA ALA A 345 -18.48 -4.50 -1.92
C ALA A 345 -19.54 -3.74 -2.69
N SER A 346 -19.50 -3.82 -4.02
CA SER A 346 -20.50 -3.13 -4.82
C SER A 346 -21.90 -3.66 -4.53
N LEU A 347 -22.03 -4.98 -4.30
CA LEU A 347 -23.32 -5.55 -3.93
C LEU A 347 -23.77 -5.09 -2.54
N LEU A 348 -22.83 -4.85 -1.63
CA LEU A 348 -23.20 -4.28 -0.34
C LEU A 348 -23.67 -2.84 -0.51
N SER A 349 -22.96 -2.04 -1.33
CA SER A 349 -23.43 -0.69 -1.64
C SER A 349 -24.82 -0.72 -2.26
N ASP A 350 -25.10 -1.72 -3.11
CA ASP A 350 -26.42 -1.85 -3.72
C ASP A 350 -27.49 -2.07 -2.66
N PHE A 351 -27.21 -2.92 -1.67
CA PHE A 351 -28.15 -3.12 -0.58
C PHE A 351 -28.40 -1.82 0.18
N LEU A 352 -27.33 -1.13 0.54
CA LEU A 352 -27.47 0.12 1.29
C LEU A 352 -28.27 1.14 0.48
N GLY A 353 -28.04 1.19 -0.83
CA GLY A 353 -28.76 2.15 -1.65
C GLY A 353 -30.23 1.78 -1.80
N LYS A 354 -30.50 0.49 -2.00
CA LYS A 354 -31.88 0.03 -2.16
C LYS A 354 -32.75 0.42 -0.96
N HIS A 355 -32.17 0.46 0.24
CA HIS A 355 -32.95 0.67 1.44
C HIS A 355 -32.74 2.05 2.06
N GLY A 356 -32.14 2.97 1.31
CA GLY A 356 -32.00 4.34 1.79
C GLY A 356 -31.00 4.51 2.90
N LEU A 357 -30.16 3.51 3.16
CA LEU A 357 -29.21 3.58 4.25
C LEU A 357 -27.93 4.33 3.87
N ASP A 358 -27.86 4.85 2.64
CA ASP A 358 -26.76 5.70 2.21
C ASP A 358 -27.19 7.17 2.12
N GLN A 359 -28.22 7.55 2.88
CA GLN A 359 -28.79 8.89 2.82
C GLN A 359 -28.87 9.46 4.24
N ASN A 360 -28.57 10.75 4.35
CA ASN A 360 -28.69 11.45 5.63
C ASN A 360 -30.15 11.80 5.90
N LYS B 12 -7.06 18.85 16.13
CA LYS B 12 -6.53 18.52 14.83
C LYS B 12 -6.78 17.03 14.57
N ARG B 13 -7.95 16.70 14.07
CA ARG B 13 -8.23 15.28 13.94
C ARG B 13 -8.16 14.76 12.52
N LYS B 14 -8.13 15.64 11.51
CA LYS B 14 -8.14 15.19 10.13
C LYS B 14 -6.82 14.53 9.75
N VAL B 15 -6.92 13.44 9.00
CA VAL B 15 -5.76 12.68 8.55
C VAL B 15 -5.99 12.28 7.10
N VAL B 16 -4.98 12.48 6.26
CA VAL B 16 -5.03 12.07 4.85
C VAL B 16 -3.99 10.97 4.65
N LEU B 17 -4.43 9.80 4.24
CA LEU B 17 -3.56 8.64 4.05
C LEU B 17 -3.44 8.29 2.57
N ALA B 18 -2.21 8.16 2.10
CA ALA B 18 -1.99 7.56 0.78
C ALA B 18 -2.44 6.10 0.76
N GLU B 19 -2.29 5.41 1.89
CA GLU B 19 -2.70 4.02 2.00
C GLU B 19 -2.69 3.63 3.47
N GLN B 20 -3.47 2.60 3.79
CA GLN B 20 -3.47 2.02 5.12
C GLN B 20 -3.77 0.54 4.99
N GLY B 21 -3.41 -0.21 6.03
CA GLY B 21 -3.73 -1.61 6.02
C GLY B 21 -3.08 -2.32 7.19
N SER B 22 -3.21 -3.64 7.17
CA SER B 22 -2.58 -4.44 8.20
C SER B 22 -2.21 -5.79 7.62
N PHE B 23 -1.30 -6.47 8.32
CA PHE B 23 -0.80 -7.77 7.87
C PHE B 23 -0.23 -8.51 9.06
N TYR B 24 0.00 -9.81 8.85
CA TYR B 24 0.64 -10.68 9.82
C TYR B 24 2.04 -11.02 9.36
N ILE B 25 2.94 -11.19 10.33
CA ILE B 25 4.34 -11.47 10.03
C ILE B 25 4.92 -12.31 11.17
N GLY B 26 5.89 -13.14 10.82
CA GLY B 26 6.59 -13.93 11.81
C GLY B 26 5.77 -15.13 12.24
N GLY B 27 6.28 -15.81 13.27
CA GLY B 27 5.63 -16.99 13.80
C GLY B 27 6.25 -18.26 13.25
N ARG B 28 5.71 -19.38 13.73
CA ARG B 28 6.11 -20.71 13.30
C ARG B 28 4.86 -21.58 13.24
N THR B 29 5.04 -22.87 12.93
CA THR B 29 3.92 -23.80 12.98
C THR B 29 4.26 -24.97 13.88
N VAL B 30 3.24 -25.51 14.53
CA VAL B 30 3.34 -26.74 15.30
C VAL B 30 2.24 -27.68 14.80
N THR B 31 2.45 -28.99 14.98
CA THR B 31 1.52 -29.96 14.44
C THR B 31 1.01 -30.91 15.52
N GLY B 32 -0.25 -31.31 15.37
CA GLY B 32 -0.81 -32.36 16.19
C GLY B 32 -0.53 -33.71 15.57
N PRO B 33 -0.93 -34.78 16.24
CA PRO B 33 -0.63 -36.13 15.76
C PRO B 33 -1.63 -36.58 14.70
N GLY B 34 -1.13 -37.40 13.76
CA GLY B 34 -2.02 -38.11 12.86
C GLY B 34 -2.37 -37.33 11.60
N LYS B 35 -3.51 -37.70 11.02
CA LYS B 35 -3.92 -37.18 9.72
C LYS B 35 -5.36 -36.67 9.78
N PHE B 36 -5.61 -35.63 8.99
CA PHE B 36 -6.92 -34.98 8.94
C PHE B 36 -7.78 -35.64 7.87
N ASP B 37 -9.00 -36.02 8.23
CA ASP B 37 -9.92 -36.67 7.33
C ASP B 37 -11.11 -35.76 7.07
N PRO B 38 -11.24 -35.19 5.86
CA PRO B 38 -12.33 -34.23 5.62
C PRO B 38 -13.73 -34.82 5.69
N SER B 39 -13.86 -36.14 5.72
CA SER B 39 -15.18 -36.75 5.80
C SER B 39 -15.68 -36.89 7.24
N LYS B 40 -14.78 -36.80 8.22
CA LYS B 40 -15.15 -36.93 9.62
C LYS B 40 -15.61 -35.57 10.15
N PRO B 41 -16.44 -35.56 11.19
CA PRO B 41 -16.92 -34.27 11.71
C PRO B 41 -15.75 -33.38 12.11
N VAL B 42 -15.74 -32.16 11.56
CA VAL B 42 -14.67 -31.21 11.86
C VAL B 42 -14.90 -30.46 13.16
N ILE B 43 -16.15 -30.37 13.59
CA ILE B 43 -16.52 -29.75 14.87
C ILE B 43 -17.09 -30.85 15.77
N PRO B 44 -16.67 -30.94 17.05
CA PRO B 44 -15.67 -30.11 17.74
C PRO B 44 -14.27 -30.21 17.17
N TYR B 45 -13.55 -29.09 17.20
CA TYR B 45 -12.23 -29.05 16.61
C TYR B 45 -11.30 -30.03 17.32
N SER B 46 -10.44 -30.66 16.53
CA SER B 46 -9.50 -31.67 16.99
C SER B 46 -8.08 -31.26 16.68
N ASN B 47 -7.13 -31.75 17.50
CA ASN B 47 -5.71 -31.64 17.21
C ASN B 47 -5.25 -32.66 16.18
N GLU B 48 -6.08 -33.65 15.85
CA GLU B 48 -5.67 -34.72 14.97
C GLU B 48 -5.40 -34.19 13.56
N GLY B 49 -4.21 -34.48 13.04
CA GLY B 49 -3.82 -34.00 11.73
C GLY B 49 -3.67 -32.50 11.62
N ALA B 50 -3.53 -31.81 12.75
CA ALA B 50 -3.60 -30.37 12.78
C ALA B 50 -2.26 -29.71 12.49
N THR B 51 -2.32 -28.60 11.75
CA THR B 51 -1.24 -27.62 11.71
C THR B 51 -1.76 -26.34 12.36
N PHE B 52 -1.00 -25.80 13.32
CA PHE B 52 -1.35 -24.53 13.96
C PHE B 52 -0.27 -23.50 13.67
N TYR B 53 -0.67 -22.32 13.22
CA TYR B 53 0.25 -21.18 13.14
C TYR B 53 0.28 -20.49 14.51
N ILE B 54 1.48 -20.34 15.08
CA ILE B 54 1.60 -19.76 16.41
C ILE B 54 2.66 -18.65 16.44
N ASN B 55 2.45 -17.71 17.35
CA ASN B 55 3.40 -16.66 17.72
C ASN B 55 3.64 -15.65 16.60
N GLN B 56 2.71 -15.55 15.67
CA GLN B 56 2.74 -14.49 14.67
C GLN B 56 2.29 -13.16 15.28
N MET B 57 2.68 -12.10 14.60
CA MET B 57 2.48 -10.73 15.04
C MET B 57 1.56 -9.98 14.09
N TYR B 58 0.70 -9.13 14.64
CA TYR B 58 -0.15 -8.25 13.84
C TYR B 58 0.51 -6.89 13.66
N VAL B 59 0.43 -6.35 12.43
CA VAL B 59 1.03 -5.06 12.11
C VAL B 59 -0.01 -4.22 11.37
N ASN B 60 -0.19 -2.97 11.81
CA ASN B 60 -1.00 -2.00 11.09
C ASN B 60 -0.09 -0.90 10.57
N PHE B 61 -0.36 -0.39 9.36
CA PHE B 61 0.41 0.73 8.85
C PHE B 61 -0.50 1.81 8.29
N GLN B 62 -0.06 3.05 8.41
CA GLN B 62 -0.72 4.19 7.80
C GLN B 62 0.37 5.06 7.18
N ALA B 63 0.25 5.33 5.89
CA ALA B 63 1.22 6.15 5.19
C ALA B 63 0.58 7.46 4.77
N PRO B 64 1.19 8.60 5.08
CA PRO B 64 0.66 9.88 4.62
C PRO B 64 0.99 10.09 3.15
N VAL B 65 0.41 11.13 2.58
CA VAL B 65 0.82 11.56 1.25
C VAL B 65 2.19 12.23 1.37
N ARG B 66 3.12 11.82 0.51
CA ARG B 66 4.46 12.40 0.53
C ARG B 66 5.14 12.23 1.88
N PRO B 67 5.46 11.00 2.29
CA PRO B 67 6.13 10.82 3.59
C PRO B 67 7.53 11.42 3.57
N ARG B 68 7.96 11.85 4.75
CA ARG B 68 9.34 12.30 4.94
C ARG B 68 9.99 11.52 6.05
N GLY B 69 11.30 11.33 5.92
CA GLY B 69 12.05 10.71 6.99
C GLY B 69 11.77 9.22 7.08
N LEU B 70 12.14 8.69 8.18
CA LEU B 70 12.04 7.27 8.40
C LEU B 70 10.68 6.90 8.99
N PRO B 71 10.16 5.72 8.64
CA PRO B 71 8.93 5.26 9.29
C PRO B 71 9.16 4.99 10.77
N LEU B 72 8.10 5.18 11.55
CA LEU B 72 8.11 4.96 12.98
C LEU B 72 7.36 3.67 13.28
N VAL B 73 7.90 2.87 14.19
CA VAL B 73 7.27 1.62 14.61
C VAL B 73 6.95 1.78 16.08
N PHE B 74 5.66 1.90 16.41
CA PHE B 74 5.25 2.07 17.80
C PHE B 74 4.96 0.70 18.41
N TRP B 75 5.61 0.42 19.55
CA TRP B 75 5.58 -0.90 20.16
C TRP B 75 5.08 -0.78 21.59
N HIS B 76 3.87 -1.27 21.83
CA HIS B 76 3.19 -1.14 23.12
C HIS B 76 3.96 -1.82 24.24
N GLY B 77 3.66 -1.39 25.47
CA GLY B 77 4.22 -1.98 26.67
C GLY B 77 3.51 -3.26 27.10
N GLY B 78 3.89 -3.73 28.28
CA GLY B 78 3.40 -5.02 28.76
C GLY B 78 1.91 -5.04 28.96
N GLY B 79 1.26 -6.07 28.42
CA GLY B 79 -0.16 -6.24 28.59
C GLY B 79 -1.02 -5.30 27.79
N LEU B 80 -0.46 -4.64 26.77
CA LEU B 80 -1.14 -3.60 26.01
C LEU B 80 -1.26 -4.02 24.54
N THR B 81 -1.80 -3.12 23.72
CA THR B 81 -1.91 -3.34 22.29
C THR B 81 -1.63 -2.00 21.60
N GLY B 82 -1.69 -2.04 20.27
CA GLY B 82 -1.55 -0.83 19.48
C GLY B 82 -2.61 0.22 19.75
N HIS B 83 -3.68 -0.13 20.48
CA HIS B 83 -4.70 0.86 20.83
C HIS B 83 -4.07 2.09 21.48
N ILE B 84 -3.02 1.90 22.28
CA ILE B 84 -2.51 3.01 23.08
C ILE B 84 -1.87 4.07 22.20
N TRP B 85 -1.54 3.74 20.96
CA TRP B 85 -1.02 4.72 20.02
C TRP B 85 -2.11 5.31 19.13
N GLU B 86 -3.31 4.74 19.14
CA GLU B 86 -4.40 5.20 18.30
C GLU B 86 -5.17 6.34 18.95
N SER B 87 -5.50 6.19 20.23
CA SER B 87 -6.32 7.15 20.95
C SER B 87 -5.93 7.11 22.41
N THR B 88 -6.21 8.20 23.09
CA THR B 88 -6.09 8.26 24.54
C THR B 88 -7.36 7.69 25.16
N PRO B 89 -7.35 7.39 26.47
CA PRO B 89 -8.55 6.81 27.08
C PRO B 89 -9.78 7.71 26.99
N ASP B 90 -9.57 9.03 26.95
CA ASP B 90 -10.65 9.99 26.81
C ASP B 90 -10.91 10.42 25.37
N GLY B 91 -10.29 9.75 24.39
CA GLY B 91 -10.67 9.93 23.01
C GLY B 91 -9.91 10.98 22.23
N ARG B 92 -8.80 11.48 22.75
CA ARG B 92 -7.98 12.41 21.99
C ARG B 92 -7.06 11.63 21.05
N PRO B 93 -6.54 12.27 20.01
CA PRO B 93 -5.65 11.55 19.07
C PRO B 93 -4.43 10.98 19.76
N GLY B 94 -4.08 9.74 19.38
CA GLY B 94 -2.84 9.14 19.80
C GLY B 94 -1.71 9.48 18.84
N PHE B 95 -0.51 8.95 19.17
CA PHE B 95 0.68 9.27 18.38
C PHE B 95 0.57 8.76 16.94
N GLN B 96 -0.24 7.74 16.68
CA GLN B 96 -0.45 7.31 15.31
C GLN B 96 -0.95 8.48 14.45
N THR B 97 -2.02 9.13 14.89
CA THR B 97 -2.56 10.28 14.16
C THR B 97 -1.56 11.43 14.14
N LEU B 98 -0.98 11.75 15.30
CA LEU B 98 -0.10 12.91 15.40
C LEU B 98 1.09 12.78 14.46
N PHE B 99 1.65 11.58 14.32
CA PHE B 99 2.85 11.47 13.49
C PHE B 99 2.55 11.20 12.03
N VAL B 100 1.37 10.67 11.70
CA VAL B 100 0.96 10.70 10.31
C VAL B 100 0.76 12.14 9.86
N GLN B 101 0.18 12.96 10.74
CA GLN B 101 0.05 14.39 10.44
C GLN B 101 1.42 15.05 10.32
N ASP B 102 2.40 14.61 11.12
CA ASP B 102 3.82 15.02 11.06
C ASP B 102 4.56 14.42 9.84
N ARG B 103 3.81 13.77 8.94
CA ARG B 103 4.28 13.28 7.65
C ARG B 103 5.19 12.06 7.76
N HIS B 104 5.05 11.27 8.83
CA HIS B 104 5.76 10.00 8.93
C HIS B 104 4.79 8.86 8.62
N THR B 105 5.29 7.86 7.90
CA THR B 105 4.61 6.56 7.86
C THR B 105 4.67 5.93 9.25
N VAL B 106 3.55 5.41 9.72
CA VAL B 106 3.45 4.91 11.09
C VAL B 106 3.04 3.45 11.06
N TYR B 107 3.84 2.59 11.69
CA TYR B 107 3.47 1.21 11.95
C TYR B 107 3.14 1.06 13.43
N THR B 108 2.06 0.36 13.72
CA THR B 108 1.72 -0.02 15.08
C THR B 108 1.57 -1.54 15.12
N ILE B 109 2.09 -2.17 16.16
CA ILE B 109 2.06 -3.63 16.22
C ILE B 109 1.27 -4.08 17.43
N ASP B 110 0.71 -5.30 17.32
CA ASP B 110 0.28 -6.10 18.47
C ASP B 110 1.23 -7.29 18.49
N GLN B 111 2.11 -7.32 19.49
CA GLN B 111 3.18 -8.33 19.47
C GLN B 111 2.59 -9.72 19.68
N PRO B 112 3.35 -10.77 19.37
CA PRO B 112 2.85 -12.13 19.65
C PRO B 112 2.39 -12.24 21.10
N GLY B 113 1.20 -12.83 21.29
CA GLY B 113 0.62 -13.02 22.61
C GLY B 113 -0.26 -11.89 23.11
N ARG B 114 -0.42 -10.82 22.34
CA ARG B 114 -1.18 -9.65 22.76
C ARG B 114 -2.10 -9.19 21.64
N GLY B 115 -3.34 -8.86 22.00
CA GLY B 115 -4.24 -8.24 21.02
C GLY B 115 -4.43 -9.13 19.81
N ARG B 116 -4.23 -8.55 18.63
CA ARG B 116 -4.41 -9.31 17.40
C ARG B 116 -3.24 -10.23 17.09
N GLY B 117 -2.15 -10.16 17.85
CA GLY B 117 -1.12 -11.17 17.75
C GLY B 117 -1.66 -12.51 18.24
N ASN B 118 -0.92 -13.58 17.93
CA ASN B 118 -1.41 -14.91 18.24
C ASN B 118 -1.27 -15.25 19.72
N ILE B 119 -2.29 -15.91 20.25
CA ILE B 119 -2.23 -16.55 21.56
C ILE B 119 -2.17 -18.06 21.33
N PRO B 120 -1.04 -18.72 21.57
CA PRO B 120 -0.89 -20.12 21.16
C PRO B 120 -1.60 -21.10 22.08
N THR B 121 -2.80 -21.50 21.68
CA THR B 121 -3.53 -22.51 22.42
C THR B 121 -4.32 -23.34 21.42
N PHE B 122 -4.76 -24.51 21.88
CA PHE B 122 -5.17 -25.58 20.98
C PHE B 122 -6.45 -26.21 21.48
N ASN B 123 -6.61 -27.52 21.33
CA ASN B 123 -7.76 -28.23 21.87
C ASN B 123 -7.27 -28.99 23.10
N GLY B 124 -7.52 -28.42 24.27
CA GLY B 124 -7.01 -28.95 25.50
C GLY B 124 -6.75 -27.84 26.48
N PRO B 125 -6.18 -28.16 27.65
CA PRO B 125 -5.83 -27.12 28.62
C PRO B 125 -5.03 -26.01 27.96
N PHE B 126 -5.27 -24.79 28.41
CA PHE B 126 -4.67 -23.62 27.78
C PHE B 126 -3.17 -23.82 27.55
N GLY B 127 -2.77 -23.59 26.30
CA GLY B 127 -1.37 -23.57 25.91
C GLY B 127 -0.77 -24.94 25.66
N GLN B 128 -1.52 -26.00 25.87
CA GLN B 128 -1.01 -27.36 25.79
C GLN B 128 -1.41 -27.99 24.46
N LEU B 129 -0.43 -28.59 23.78
CA LEU B 129 -0.66 -29.33 22.55
C LEU B 129 -0.26 -30.77 22.85
N GLU B 130 -1.26 -31.60 23.16
CA GLU B 130 -1.02 -32.97 23.65
C GLU B 130 -0.10 -32.87 24.87
N GLU B 131 1.02 -33.59 24.91
CA GLU B 131 1.89 -33.56 26.08
C GLU B 131 2.81 -32.36 26.12
N GLU B 132 2.79 -31.49 25.11
CA GLU B 132 3.75 -30.41 24.99
C GLU B 132 3.16 -29.10 25.48
N SER B 133 3.86 -28.44 26.40
CA SER B 133 3.40 -27.15 26.91
C SER B 133 4.02 -26.07 26.03
N ILE B 134 3.19 -25.45 25.18
CA ILE B 134 3.67 -24.39 24.30
C ILE B 134 3.74 -23.07 25.07
N VAL B 135 2.68 -22.75 25.82
CA VAL B 135 2.72 -21.72 26.86
C VAL B 135 2.07 -22.31 28.11
N ASN B 136 2.33 -21.66 29.25
CA ASN B 136 1.86 -22.16 30.54
C ASN B 136 0.35 -22.02 30.69
N THR B 137 -0.27 -23.05 31.27
CA THR B 137 -1.69 -22.98 31.56
C THR B 137 -1.99 -21.96 32.66
N VAL B 138 -1.11 -21.84 33.65
CA VAL B 138 -1.26 -20.86 34.72
C VAL B 138 -0.84 -19.51 34.16
N THR B 139 -1.74 -18.53 34.23
CA THR B 139 -1.48 -17.18 33.74
C THR B 139 -1.17 -16.25 34.90
N GLY B 140 -0.60 -15.10 34.56
CA GLY B 140 -0.53 -13.97 35.46
C GLY B 140 -1.13 -12.74 34.80
N ASN B 141 -1.63 -11.83 35.64
CA ASN B 141 -2.26 -10.61 35.13
C ASN B 141 -2.40 -9.59 36.26
N SER B 142 -2.00 -8.36 36.00
CA SER B 142 -2.14 -7.31 37.00
C SER B 142 -3.60 -7.00 37.28
N SER B 143 -3.88 -6.63 38.53
CA SER B 143 -5.16 -6.03 38.86
C SER B 143 -5.19 -4.56 38.42
N LYS B 144 -6.39 -3.98 38.51
CA LYS B 144 -6.52 -2.52 38.39
C LYS B 144 -5.63 -1.82 39.40
N GLU B 145 -5.61 -2.32 40.64
CA GLU B 145 -4.82 -1.70 41.70
C GLU B 145 -3.33 -1.79 41.40
N GLY B 146 -2.86 -2.96 40.95
CA GLY B 146 -1.46 -3.08 40.58
C GLY B 146 -1.07 -2.16 39.44
N ALA B 147 -1.97 -1.99 38.46
CA ALA B 147 -1.68 -1.11 37.34
C ALA B 147 -1.69 0.35 37.77
N TRP B 148 -2.61 0.71 38.67
CA TRP B 148 -2.68 2.08 39.18
C TRP B 148 -1.34 2.52 39.72
N VAL B 149 -0.70 1.68 40.55
CA VAL B 149 0.56 2.09 41.16
C VAL B 149 1.72 1.87 40.20
N ARG B 150 1.68 0.83 39.35
CA ARG B 150 2.71 0.67 38.33
C ARG B 150 2.79 1.91 37.45
N ASP B 151 1.64 2.47 37.09
CA ASP B 151 1.60 3.57 36.15
C ASP B 151 1.74 4.92 36.82
N ARG B 152 1.85 4.94 38.15
CA ARG B 152 2.08 6.16 38.92
C ARG B 152 0.98 7.19 38.69
N LEU B 153 -0.27 6.72 38.57
CA LEU B 153 -1.40 7.66 38.66
C LEU B 153 -1.36 8.37 40.01
N GLY B 154 -1.01 7.62 41.05
CA GLY B 154 -0.86 8.10 42.39
C GLY B 154 -0.15 7.04 43.21
N PRO B 155 0.14 7.33 44.48
CA PRO B 155 0.87 6.36 45.30
C PRO B 155 0.06 5.14 45.71
N ALA B 156 -1.26 5.22 45.65
CA ALA B 156 -2.14 4.13 46.07
C ALA B 156 -3.37 4.17 45.20
N PRO B 157 -4.04 3.02 45.01
CA PRO B 157 -5.21 2.99 44.12
C PRO B 157 -6.27 3.98 44.56
N GLY B 158 -6.88 4.65 43.57
CA GLY B 158 -7.89 5.65 43.81
C GLY B 158 -7.37 7.04 44.10
N GLN B 159 -6.06 7.20 44.32
CA GLN B 159 -5.46 8.49 44.64
C GLN B 159 -4.64 8.96 43.47
N PHE B 160 -4.69 10.26 43.19
CA PHE B 160 -3.88 10.89 42.15
C PHE B 160 -2.84 11.82 42.75
N PHE B 161 -1.63 11.79 42.20
CA PHE B 161 -0.71 12.89 42.43
C PHE B 161 -1.40 14.20 42.02
N GLU B 162 -1.19 15.25 42.82
CA GLU B 162 -1.91 16.49 42.54
C GLU B 162 -1.56 17.08 41.18
N ASN B 163 -0.35 16.80 40.68
CA ASN B 163 0.06 17.36 39.39
C ASN B 163 -0.28 16.45 38.20
N SER B 164 -1.08 15.40 38.42
CA SER B 164 -1.20 14.34 37.42
C SER B 164 -1.66 14.85 36.06
N GLN B 165 -1.05 14.30 35.01
CA GLN B 165 -1.53 14.48 33.64
C GLN B 165 -2.48 13.38 33.21
N PHE B 166 -2.89 12.49 34.13
CA PHE B 166 -3.82 11.45 33.73
C PHE B 166 -5.17 12.04 33.33
N PRO B 167 -5.85 11.48 32.31
CA PRO B 167 -7.21 11.93 31.98
C PRO B 167 -8.26 11.44 32.96
N ARG B 168 -8.38 12.14 34.07
CA ARG B 168 -9.32 11.80 35.13
C ARG B 168 -10.74 11.69 34.57
N GLY B 169 -11.48 10.71 35.10
CA GLY B 169 -12.82 10.40 34.63
C GLY B 169 -12.88 9.27 33.64
N TYR B 170 -11.73 8.88 33.09
CA TYR B 170 -11.70 7.85 32.07
C TYR B 170 -10.88 6.66 32.55
N GLU B 171 -10.86 6.45 33.87
CA GLU B 171 -10.16 5.29 34.42
C GLU B 171 -10.68 3.99 33.84
N ASP B 172 -12.00 3.86 33.67
CA ASP B 172 -12.55 2.59 33.18
C ASP B 172 -12.04 2.30 31.78
N ASN B 173 -12.09 3.30 30.89
CA ASN B 173 -11.57 3.15 29.54
C ASN B 173 -10.11 2.72 29.56
N TYR B 174 -9.31 3.41 30.38
CA TYR B 174 -7.88 3.16 30.49
C TYR B 174 -7.58 1.73 30.93
N PHE B 175 -8.14 1.30 32.05
CA PHE B 175 -7.78 -0.02 32.55
C PHE B 175 -8.34 -1.13 31.68
N LYS B 176 -9.40 -0.85 30.92
CA LYS B 176 -9.95 -1.85 30.01
C LYS B 176 -8.99 -2.23 28.88
N GLU B 177 -7.99 -1.41 28.60
CA GLU B 177 -7.07 -1.71 27.50
C GLU B 177 -6.01 -2.72 27.88
N MET B 178 -5.93 -3.12 29.15
CA MET B 178 -4.83 -3.93 29.68
C MET B 178 -5.24 -5.39 29.84
N GLY B 179 -4.28 -6.30 29.63
CA GLY B 179 -4.59 -7.70 29.82
C GLY B 179 -3.37 -8.57 30.02
N PHE B 180 -3.61 -9.87 30.07
CA PHE B 180 -2.54 -10.83 30.32
C PHE B 180 -1.71 -11.10 29.07
N SER B 181 -0.51 -11.64 29.30
CA SER B 181 0.32 -12.15 28.21
C SER B 181 0.70 -13.59 28.49
N PRO B 182 0.50 -14.50 27.55
CA PRO B 182 0.96 -15.88 27.72
C PRO B 182 2.49 -15.92 27.71
N SER B 183 3.02 -17.06 28.17
CA SER B 183 4.45 -17.18 28.40
C SER B 183 5.24 -17.45 27.12
N ILE B 184 4.97 -16.72 26.04
CA ILE B 184 5.77 -16.81 24.83
C ILE B 184 7.19 -16.36 25.14
N SER B 185 8.17 -17.04 24.58
CA SER B 185 9.55 -16.67 24.85
C SER B 185 9.87 -15.29 24.27
N SER B 186 10.66 -14.51 25.02
CA SER B 186 11.07 -13.21 24.51
C SER B 186 11.81 -13.34 23.18
N ASP B 187 12.54 -14.44 22.99
CA ASP B 187 13.24 -14.68 21.72
C ASP B 187 12.28 -14.64 20.54
N GLU B 188 11.10 -15.24 20.68
CA GLU B 188 10.18 -15.30 19.55
C GLU B 188 9.52 -13.96 19.32
N ILE B 189 9.34 -13.17 20.37
CA ILE B 189 8.81 -11.82 20.19
C ILE B 189 9.84 -10.95 19.46
N VAL B 190 11.09 -10.98 19.91
CA VAL B 190 12.14 -10.26 19.22
C VAL B 190 12.23 -10.69 17.76
N ASP B 191 12.13 -12.00 17.51
CA ASP B 191 12.24 -12.51 16.14
C ASP B 191 11.20 -11.90 15.22
N ALA B 192 9.95 -11.81 15.69
CA ALA B 192 8.88 -11.25 14.86
C ALA B 192 9.16 -9.80 14.49
N VAL B 193 9.63 -9.00 15.44
CA VAL B 193 9.88 -7.59 15.16
C VAL B 193 11.12 -7.42 14.29
N VAL B 194 12.15 -8.26 14.47
CA VAL B 194 13.30 -8.24 13.56
C VAL B 194 12.85 -8.48 12.13
N LYS B 195 11.92 -9.43 11.94
CA LYS B 195 11.41 -9.67 10.58
C LYS B 195 10.68 -8.45 10.05
N LEU B 196 9.87 -7.80 10.90
CA LEU B 196 9.18 -6.58 10.47
C LEU B 196 10.16 -5.48 10.07
N VAL B 197 11.14 -5.19 10.92
CA VAL B 197 12.02 -4.07 10.61
C VAL B 197 12.87 -4.37 9.39
N THR B 198 13.20 -5.64 9.18
CA THR B 198 13.90 -6.01 7.94
C THR B 198 13.04 -5.70 6.73
N HIS B 199 11.73 -5.93 6.83
CA HIS B 199 10.85 -5.75 5.69
C HIS B 199 10.59 -4.28 5.40
N ILE B 200 10.47 -3.44 6.43
CA ILE B 200 10.04 -2.07 6.19
C ILE B 200 11.19 -1.15 5.79
N GLY B 201 12.44 -1.55 6.01
CA GLY B 201 13.57 -0.70 5.73
C GLY B 201 14.01 0.07 6.95
N PRO B 202 14.99 0.95 6.79
CA PRO B 202 15.44 1.80 7.90
C PRO B 202 14.25 2.49 8.58
N CYS B 203 14.26 2.47 9.91
CA CYS B 203 13.09 2.88 10.68
C CYS B 203 13.54 3.27 12.08
N VAL B 204 12.59 3.82 12.86
CA VAL B 204 12.82 4.20 14.24
C VAL B 204 11.86 3.40 15.11
N LEU B 205 12.39 2.79 16.19
CA LEU B 205 11.55 2.08 17.15
C LEU B 205 11.13 3.04 18.27
N VAL B 206 9.83 3.09 18.55
CA VAL B 206 9.31 3.81 19.71
C VAL B 206 8.68 2.77 20.62
N THR B 207 9.30 2.52 21.76
CA THR B 207 8.93 1.45 22.66
C THR B 207 8.40 2.00 23.98
N HIS B 208 7.95 1.08 24.83
CA HIS B 208 7.25 1.43 26.06
C HIS B 208 7.42 0.29 27.04
N SER B 209 7.90 0.59 28.25
CA SER B 209 7.84 -0.37 29.34
C SER B 209 8.47 -1.70 28.94
N ALA B 210 7.66 -2.78 28.90
CA ALA B 210 8.22 -4.11 28.61
C ALA B 210 8.88 -4.19 27.24
N SER B 211 8.45 -3.38 26.29
CA SER B 211 9.09 -3.50 24.98
C SER B 211 10.39 -2.72 24.88
N GLY B 212 10.75 -2.00 25.94
CA GLY B 212 12.05 -1.34 26.00
C GLY B 212 13.19 -2.30 25.75
N VAL B 213 13.36 -3.31 26.61
CA VAL B 213 14.50 -4.21 26.46
C VAL B 213 14.38 -4.98 25.15
N LEU B 214 13.15 -5.29 24.73
CA LEU B 214 12.97 -6.05 23.50
C LEU B 214 13.39 -5.22 22.29
N GLY B 215 13.10 -3.92 22.31
CA GLY B 215 13.53 -3.07 21.22
C GLY B 215 15.05 -2.92 21.17
N MET B 216 15.69 -2.83 22.34
CA MET B 216 17.15 -2.80 22.38
C MET B 216 17.71 -4.06 21.72
N ARG B 217 17.13 -5.21 22.06
CA ARG B 217 17.55 -6.47 21.46
C ARG B 217 17.35 -6.46 19.94
N VAL B 218 16.18 -5.99 19.49
CA VAL B 218 15.93 -5.94 18.05
C VAL B 218 17.01 -5.14 17.34
N ALA B 219 17.40 -4.01 17.92
CA ALA B 219 18.38 -3.15 17.27
C ALA B 219 19.72 -3.87 17.09
N THR B 220 20.09 -4.72 18.06
CA THR B 220 21.37 -5.43 17.93
C THR B 220 21.33 -6.50 16.85
N HIS B 221 20.12 -6.89 16.40
CA HIS B 221 19.94 -7.88 15.36
C HIS B 221 19.64 -7.27 14.00
N ALA B 222 19.29 -5.98 13.94
CA ALA B 222 18.72 -5.39 12.72
C ALA B 222 19.29 -3.99 12.52
N LYS B 223 20.18 -3.86 11.53
CA LYS B 223 20.74 -2.56 11.20
C LYS B 223 19.69 -1.56 10.76
N ASN B 224 18.51 -2.02 10.32
CA ASN B 224 17.48 -1.08 9.91
C ASN B 224 16.96 -0.23 11.06
N VAL B 225 17.16 -0.63 12.32
CA VAL B 225 16.77 0.25 13.41
C VAL B 225 17.80 1.38 13.48
N ARG B 226 17.36 2.61 13.18
N ARG B 226 17.37 2.61 13.19
CA ARG B 226 18.23 3.77 13.13
CA ARG B 226 18.26 3.76 13.14
C ARG B 226 18.13 4.65 14.37
C ARG B 226 18.11 4.67 14.35
N GLY B 227 17.23 4.34 15.28
CA GLY B 227 17.05 5.13 16.48
C GLY B 227 16.02 4.45 17.35
N ILE B 228 16.09 4.74 18.65
CA ILE B 228 15.17 4.18 19.63
C ILE B 228 14.77 5.30 20.57
N VAL B 229 13.46 5.46 20.79
CA VAL B 229 12.93 6.27 21.87
C VAL B 229 12.11 5.33 22.73
N ALA B 230 12.50 5.17 23.99
CA ALA B 230 11.87 4.19 24.87
C ALA B 230 11.19 4.93 26.01
N TYR B 231 9.86 4.81 26.08
CA TYR B 231 9.12 5.42 27.19
C TYR B 231 9.16 4.49 28.40
N GLU B 232 9.84 4.92 29.46
CA GLU B 232 9.91 4.21 30.72
C GLU B 232 10.14 2.69 30.57
N PRO B 233 11.27 2.30 29.96
CA PRO B 233 11.57 0.88 29.82
C PRO B 233 11.61 0.19 31.17
N ALA B 234 11.18 -1.07 31.19
CA ALA B 234 11.01 -1.80 32.44
C ALA B 234 12.22 -2.65 32.83
N THR B 235 13.02 -3.10 31.87
CA THR B 235 14.15 -3.97 32.14
C THR B 235 15.40 -3.37 31.54
N SER B 236 16.47 -3.31 32.34
CA SER B 236 17.74 -2.76 31.88
C SER B 236 18.55 -3.83 31.14
N ILE B 237 19.54 -3.38 30.36
CA ILE B 237 20.33 -4.26 29.50
C ILE B 237 21.81 -3.91 29.66
N PHE B 238 22.64 -4.93 29.74
CA PHE B 238 24.08 -4.78 29.96
C PHE B 238 24.84 -5.82 29.16
N PRO B 239 26.12 -5.60 28.91
CA PRO B 239 26.95 -6.66 28.32
C PRO B 239 27.08 -7.83 29.28
N LYS B 240 27.10 -9.04 28.72
CA LYS B 240 27.21 -10.23 29.54
C LYS B 240 28.45 -10.14 30.43
N GLY B 241 28.28 -10.54 31.69
CA GLY B 241 29.36 -10.48 32.66
C GLY B 241 29.64 -9.11 33.24
N LYS B 242 28.97 -8.06 32.78
CA LYS B 242 29.28 -6.71 33.22
C LYS B 242 28.04 -5.99 33.73
N VAL B 243 27.17 -6.73 34.42
CA VAL B 243 26.02 -6.14 35.10
C VAL B 243 26.53 -5.51 36.39
N PRO B 244 26.36 -4.20 36.58
CA PRO B 244 26.75 -3.60 37.85
C PRO B 244 25.88 -4.10 38.99
N GLU B 245 26.45 -4.14 40.18
CA GLU B 245 25.66 -4.38 41.37
C GLU B 245 24.68 -3.22 41.57
N ILE B 246 23.42 -3.54 41.82
CA ILE B 246 22.36 -2.55 41.99
C ILE B 246 21.70 -2.82 43.34
N PRO B 247 21.44 -1.80 44.16
CA PRO B 247 20.92 -2.07 45.48
C PRO B 247 19.49 -2.60 45.43
N PRO B 248 19.07 -3.34 46.44
CA PRO B 248 17.67 -3.76 46.52
C PRO B 248 16.79 -2.56 46.80
N LEU B 249 15.48 -2.78 46.72
CA LEU B 249 14.51 -1.74 47.03
C LEU B 249 14.51 -1.43 48.52
N ALA B 250 13.75 -0.40 48.89
CA ALA B 250 13.74 0.09 50.27
C ALA B 250 13.16 -0.91 51.25
N ASP B 251 12.40 -1.90 50.78
CA ASP B 251 11.90 -2.92 51.69
C ASP B 251 12.95 -3.94 52.10
N LYS B 252 14.18 -3.82 51.59
CA LYS B 252 15.31 -4.66 52.01
C LYS B 252 15.11 -6.11 51.60
N LYS B 253 14.38 -6.32 50.51
CA LYS B 253 14.02 -7.68 50.09
C LYS B 253 13.90 -7.75 48.57
N SER B 254 13.12 -6.83 48.01
CA SER B 254 12.80 -6.84 46.59
C SER B 254 13.96 -6.29 45.77
N GLN B 255 13.99 -6.67 44.49
CA GLN B 255 14.95 -6.16 43.54
C GLN B 255 14.24 -5.74 42.26
N ILE B 256 14.94 -4.97 41.42
CA ILE B 256 14.38 -4.63 40.12
C ILE B 256 14.38 -5.88 39.26
N PHE B 257 13.88 -5.77 38.04
CA PHE B 257 13.92 -6.92 37.14
C PHE B 257 15.36 -7.28 36.85
N PRO B 258 15.74 -8.56 36.90
CA PRO B 258 17.11 -8.94 36.54
C PRO B 258 17.48 -8.37 35.19
N PRO B 259 18.57 -7.60 35.13
CA PRO B 259 18.95 -7.00 33.85
C PRO B 259 19.26 -8.07 32.81
N PHE B 260 18.86 -7.79 31.57
CA PHE B 260 19.15 -8.69 30.47
C PHE B 260 20.61 -8.53 30.06
N GLU B 261 21.28 -9.66 29.81
CA GLU B 261 22.69 -9.65 29.42
C GLU B 261 22.82 -10.15 27.99
N ILE B 262 23.55 -9.38 27.17
CA ILE B 262 23.84 -9.77 25.80
C ILE B 262 25.36 -9.77 25.61
N GLN B 263 25.82 -10.59 24.66
CA GLN B 263 27.24 -10.62 24.37
C GLN B 263 27.70 -9.25 23.90
N GLU B 264 28.95 -8.89 24.25
CA GLU B 264 29.37 -7.51 24.02
C GLU B 264 29.42 -7.17 22.54
N SER B 265 29.68 -8.15 21.68
CA SER B 265 29.67 -7.89 20.24
C SER B 265 28.33 -7.36 19.77
N TYR B 266 27.23 -7.82 20.41
CA TYR B 266 25.91 -7.28 20.08
C TYR B 266 25.65 -5.98 20.82
N PHE B 267 26.09 -5.90 22.07
CA PHE B 267 25.87 -4.70 22.86
C PHE B 267 26.49 -3.49 22.17
N LYS B 268 27.62 -3.68 21.51
CA LYS B 268 28.31 -2.57 20.84
C LYS B 268 27.45 -1.94 19.76
N LYS B 269 26.53 -2.70 19.16
CA LYS B 269 25.69 -2.11 18.12
C LYS B 269 24.78 -1.02 18.67
N LEU B 270 24.48 -1.04 19.97
CA LEU B 270 23.67 0.01 20.56
C LEU B 270 24.38 1.35 20.56
N ALA B 271 25.70 1.36 20.45
CA ALA B 271 26.44 2.61 20.40
C ALA B 271 26.44 3.26 19.03
N LYS B 272 25.82 2.63 18.03
CA LYS B 272 25.85 3.12 16.67
C LYS B 272 24.63 3.94 16.27
N ILE B 273 23.60 4.00 17.13
CA ILE B 273 22.38 4.74 16.81
C ILE B 273 22.00 5.60 18.00
N PRO B 274 21.24 6.68 17.75
CA PRO B 274 20.75 7.49 18.87
C PRO B 274 19.67 6.77 19.65
N ILE B 275 19.78 6.83 20.98
CA ILE B 275 18.85 6.16 21.88
C ILE B 275 18.45 7.16 22.96
N GLN B 276 17.14 7.29 23.19
CA GLN B 276 16.65 8.17 24.24
C GLN B 276 15.66 7.40 25.10
N PHE B 277 15.89 7.40 26.42
CA PHE B 277 14.91 6.86 27.36
C PHE B 277 14.16 8.04 27.96
N VAL B 278 12.82 7.97 27.96
CA VAL B 278 11.97 9.06 28.44
C VAL B 278 11.26 8.60 29.70
N PHE B 279 11.39 9.38 30.78
CA PHE B 279 10.71 9.09 32.03
C PHE B 279 9.76 10.22 32.38
N GLY B 280 8.62 9.86 32.95
CA GLY B 280 7.65 10.83 33.43
C GLY B 280 7.96 11.32 34.82
N ASP B 281 6.92 11.75 35.52
CA ASP B 281 7.07 12.46 36.78
C ASP B 281 6.78 11.52 37.96
N ASN B 282 7.06 12.04 39.15
CA ASN B 282 6.68 11.42 40.42
C ASN B 282 7.41 10.11 40.70
N ILE B 283 8.59 9.94 40.13
CA ILE B 283 9.53 8.90 40.56
C ILE B 283 10.36 9.50 41.70
N PRO B 284 10.29 8.93 42.90
CA PRO B 284 10.97 9.58 44.02
C PRO B 284 12.49 9.49 43.92
N LYS B 285 13.15 10.48 44.52
CA LYS B 285 14.61 10.52 44.66
C LYS B 285 15.05 9.70 45.87
N ASN B 286 14.30 9.74 46.93
CA ASN B 286 14.60 9.04 48.17
C ASN B 286 13.93 7.67 48.22
N PRO B 287 14.53 6.73 48.93
CA PRO B 287 13.88 5.43 49.13
C PRO B 287 12.50 5.60 49.74
N LYS B 288 11.55 4.80 49.24
CA LYS B 288 10.13 4.93 49.58
C LYS B 288 9.59 3.55 49.92
N SER B 289 9.85 3.10 51.15
CA SER B 289 9.42 1.76 51.55
C SER B 289 7.90 1.62 51.59
N ALA B 290 7.15 2.72 51.74
CA ALA B 290 5.71 2.61 51.86
C ALA B 290 5.00 2.38 50.52
N TYR B 291 5.70 2.64 49.41
CA TYR B 291 5.10 2.65 48.08
C TYR B 291 6.00 1.83 47.16
N TRP B 292 5.73 0.53 47.09
CA TRP B 292 6.64 -0.41 46.43
C TRP B 292 6.92 -0.02 44.99
N PHE B 293 5.90 0.32 44.23
CA PHE B 293 6.15 0.58 42.79
C PHE B 293 6.88 1.92 42.57
N LEU B 294 6.60 2.88 43.43
CA LEU B 294 7.38 4.11 43.34
C LEU B 294 8.86 3.83 43.56
N ASP B 295 9.17 3.03 44.59
CA ASP B 295 10.55 2.69 44.86
C ASP B 295 11.14 1.85 43.74
N TRP B 296 10.35 0.93 43.19
CA TRP B 296 10.81 0.12 42.07
C TRP B 296 11.22 0.99 40.88
N TRP B 297 10.42 2.03 40.60
CA TRP B 297 10.75 2.91 39.49
C TRP B 297 12.01 3.71 39.77
N ARG B 298 12.21 4.13 41.03
CA ARG B 298 13.44 4.83 41.39
C ARG B 298 14.67 4.00 41.06
N VAL B 299 14.68 2.75 41.50
CA VAL B 299 15.90 1.96 41.30
C VAL B 299 16.01 1.50 39.85
N THR B 300 14.88 1.26 39.18
CA THR B 300 14.92 0.90 37.76
C THR B 300 15.47 2.05 36.92
N ARG B 301 15.02 3.28 37.19
CA ARG B 301 15.56 4.43 36.46
C ARG B 301 17.06 4.54 36.65
N TYR B 302 17.54 4.30 37.87
CA TYR B 302 18.98 4.33 38.15
C TYR B 302 19.72 3.25 37.35
N ALA B 303 19.18 2.03 37.33
CA ALA B 303 19.80 0.97 36.57
C ALA B 303 19.92 1.35 35.10
N HIS B 304 18.87 1.95 34.54
CA HIS B 304 18.94 2.41 33.15
C HIS B 304 20.03 3.45 32.96
N SER B 305 20.24 4.32 33.95
CA SER B 305 21.30 5.31 33.82
C SER B 305 22.65 4.64 33.69
N LEU B 306 22.86 3.51 34.38
CA LEU B 306 24.12 2.80 34.27
C LEU B 306 24.22 2.09 32.92
N SER B 307 23.09 1.59 32.42
CA SER B 307 23.07 0.96 31.10
C SER B 307 23.43 1.96 30.02
N LEU B 308 22.82 3.15 30.05
CA LEU B 308 23.13 4.18 29.06
C LEU B 308 24.59 4.60 29.16
N GLU B 309 25.14 4.67 30.37
CA GLU B 309 26.53 5.06 30.52
C GLU B 309 27.45 4.06 29.83
N ALA B 310 27.15 2.76 29.96
CA ALA B 310 27.93 1.73 29.29
C ALA B 310 27.87 1.88 27.78
N ILE B 311 26.72 2.26 27.24
CA ILE B 311 26.61 2.49 25.80
C ILE B 311 27.47 3.68 25.40
N ASN B 312 27.43 4.76 26.18
CA ASN B 312 28.15 5.97 25.80
C ASN B 312 29.66 5.79 25.90
N LYS B 313 30.13 4.94 26.82
CA LYS B 313 31.57 4.70 26.88
C LYS B 313 32.08 3.92 25.67
N LEU B 314 31.20 3.29 24.89
CA LEU B 314 31.59 2.66 23.64
C LEU B 314 31.44 3.58 22.44
N GLY B 315 31.27 4.88 22.67
CA GLY B 315 31.07 5.83 21.59
C GLY B 315 29.63 6.10 21.26
N GLY B 316 28.69 5.72 22.13
CA GLY B 316 27.29 5.82 21.81
C GLY B 316 26.73 7.21 21.95
N GLN B 317 25.43 7.31 21.65
CA GLN B 317 24.67 8.54 21.72
C GLN B 317 23.35 8.24 22.45
N ALA B 318 23.47 7.90 23.72
CA ALA B 318 22.34 7.44 24.54
C ALA B 318 22.06 8.47 25.62
N SER B 319 20.78 8.76 25.84
CA SER B 319 20.43 9.80 26.79
C SER B 319 19.17 9.42 27.54
N LEU B 320 19.03 10.02 28.72
CA LEU B 320 17.84 9.90 29.56
C LEU B 320 17.17 11.27 29.61
N LEU B 321 15.91 11.32 29.22
CA LEU B 321 15.12 12.55 29.27
C LEU B 321 14.06 12.43 30.36
N ASP B 322 14.23 13.16 31.46
CA ASP B 322 13.17 13.30 32.45
C ASP B 322 12.24 14.42 31.99
N LEU B 323 10.98 14.08 31.70
CA LEU B 323 10.05 15.09 31.20
C LEU B 323 9.94 16.32 32.12
N PRO B 324 10.03 16.21 33.45
CA PRO B 324 10.04 17.45 34.26
C PRO B 324 11.15 18.41 33.90
N THR B 325 12.33 17.90 33.56
CA THR B 325 13.44 18.79 33.16
C THR B 325 13.11 19.56 31.89
N ALA B 326 12.31 18.97 31.01
CA ALA B 326 11.87 19.63 29.78
C ALA B 326 10.65 20.51 30.00
N GLY B 327 10.22 20.69 31.25
CA GLY B 327 9.12 21.58 31.57
C GLY B 327 7.75 20.94 31.66
N LEU B 328 7.67 19.61 31.55
CA LEU B 328 6.41 18.89 31.61
C LEU B 328 6.26 18.23 32.96
N ARG B 329 5.20 18.58 33.68
CA ARG B 329 4.98 18.06 35.03
C ARG B 329 3.79 17.12 35.05
N GLY B 330 3.90 16.05 35.84
CA GLY B 330 2.78 15.20 36.16
C GLY B 330 2.59 14.00 35.26
N ASN B 331 3.52 13.71 34.37
CA ASN B 331 3.28 12.60 33.46
C ASN B 331 3.31 11.26 34.20
N THR B 332 2.45 10.37 33.73
CA THR B 332 2.35 9.01 34.19
C THR B 332 3.31 8.13 33.39
N HIS B 333 3.18 6.81 33.60
CA HIS B 333 3.92 5.81 32.86
C HIS B 333 3.49 5.74 31.39
N PHE B 334 2.43 6.44 31.00
CA PHE B 334 1.96 6.50 29.61
C PHE B 334 1.97 7.95 29.13
N PRO B 335 3.14 8.58 29.03
CA PRO B 335 3.14 10.01 28.65
C PRO B 335 2.46 10.28 27.32
N PHE B 336 2.47 9.32 26.40
CA PHE B 336 1.90 9.47 25.08
C PHE B 336 0.38 9.35 25.05
N THR B 337 -0.29 9.05 26.17
CA THR B 337 -1.75 9.20 26.24
C THR B 337 -2.20 10.16 27.34
N ASP B 338 -1.27 10.79 28.06
CA ASP B 338 -1.59 11.78 29.07
C ASP B 338 -2.22 13.04 28.44
N ARG B 339 -2.72 13.93 29.30
CA ARG B 339 -3.41 15.12 28.80
C ARG B 339 -2.49 16.04 28.01
N ASN B 340 -1.18 16.01 28.29
CA ASN B 340 -0.22 16.81 27.55
C ASN B 340 0.52 16.00 26.49
N ASN B 341 -0.13 14.99 25.91
CA ASN B 341 0.63 14.12 25.00
C ASN B 341 1.05 14.85 23.72
N VAL B 342 0.43 15.99 23.40
CA VAL B 342 0.88 16.77 22.25
C VAL B 342 2.26 17.35 22.52
N GLN B 343 2.48 17.80 23.75
CA GLN B 343 3.79 18.32 24.13
C GLN B 343 4.82 17.21 24.21
N VAL B 344 4.41 16.02 24.66
CA VAL B 344 5.29 14.85 24.63
C VAL B 344 5.67 14.51 23.19
N ALA B 345 4.68 14.52 22.29
CA ALA B 345 4.95 14.24 20.88
C ALA B 345 5.93 15.25 20.30
N SER B 346 5.83 16.51 20.71
CA SER B 346 6.76 17.51 20.21
C SER B 346 8.20 17.18 20.58
N LEU B 347 8.42 16.64 21.79
CA LEU B 347 9.76 16.22 22.18
C LEU B 347 10.24 15.02 21.36
N LEU B 348 9.32 14.14 20.93
CA LEU B 348 9.71 13.06 20.04
C LEU B 348 10.07 13.60 18.66
N SER B 349 9.29 14.56 18.16
CA SER B 349 9.64 15.25 16.93
C SER B 349 11.01 15.90 17.04
N ASP B 350 11.31 16.50 18.20
CA ASP B 350 12.63 17.11 18.39
C ASP B 350 13.74 16.07 18.28
N PHE B 351 13.54 14.89 18.88
CA PHE B 351 14.53 13.82 18.77
C PHE B 351 14.74 13.42 17.32
N LEU B 352 13.64 13.24 16.58
CA LEU B 352 13.76 12.84 15.18
C LEU B 352 14.48 13.92 14.36
N GLY B 353 14.18 15.19 14.62
CA GLY B 353 14.86 16.26 13.91
C GLY B 353 16.33 16.38 14.29
N LYS B 354 16.64 16.23 15.58
CA LYS B 354 18.03 16.34 16.01
C LYS B 354 18.93 15.32 15.31
N HIS B 355 18.39 14.13 15.00
CA HIS B 355 19.21 13.05 14.48
C HIS B 355 18.99 12.79 13.00
N GLY B 356 18.35 13.73 12.29
CA GLY B 356 18.21 13.62 10.84
C GLY B 356 17.29 12.50 10.40
N LEU B 357 16.36 12.11 11.27
CA LEU B 357 15.47 10.95 10.97
C LEU B 357 14.14 11.42 10.36
N ASP B 358 14.01 12.71 10.07
CA ASP B 358 12.78 13.28 9.46
C ASP B 358 13.15 13.87 8.08
N GLN B 359 14.19 13.34 7.47
CA GLN B 359 14.69 13.93 6.22
C GLN B 359 14.37 13.13 4.96
N ASN B 360 14.24 13.83 3.84
CA ASN B 360 14.09 13.21 2.50
C ASN B 360 12.73 12.58 2.25
N GLU B 361 12.36 12.58 0.97
CA GLU B 361 11.12 11.88 0.57
C GLU B 361 11.30 10.39 0.84
N SER B 362 10.32 9.75 1.48
CA SER B 362 10.40 8.31 1.80
C SER B 362 9.22 7.56 1.15
N LEU B 363 9.42 6.29 0.83
CA LEU B 363 8.34 5.46 0.27
C LEU B 363 8.03 4.33 1.24
N GLU B 364 6.75 4.08 1.46
CA GLU B 364 6.34 2.96 2.35
C GLU B 364 6.52 1.65 1.60
N HIS B 365 7.06 0.62 2.26
CA HIS B 365 7.15 -0.75 1.70
C HIS B 365 7.29 -1.73 2.86
N HIS B 366 6.78 -2.96 2.71
CA HIS B 366 6.93 -4.00 3.77
C HIS B 366 7.00 -5.40 3.16
N LYS C 12 -16.36 -0.89 -17.28
CA LYS C 12 -17.68 -1.10 -16.70
C LYS C 12 -18.77 -0.40 -17.52
N ARG C 13 -19.43 -1.16 -18.38
CA ARG C 13 -20.34 -0.55 -19.33
C ARG C 13 -21.81 -0.68 -18.94
N LYS C 14 -22.15 -1.56 -18.00
CA LYS C 14 -23.55 -1.80 -17.67
C LYS C 14 -24.18 -0.59 -16.98
N VAL C 15 -25.41 -0.27 -17.39
CA VAL C 15 -26.16 0.82 -16.81
C VAL C 15 -27.61 0.38 -16.63
N VAL C 16 -28.21 0.75 -15.51
CA VAL C 16 -29.61 0.48 -15.23
C VAL C 16 -30.32 1.82 -15.11
N LEU C 17 -31.28 2.05 -16.00
CA LEU C 17 -32.01 3.31 -16.05
C LEU C 17 -33.42 3.10 -15.54
N ALA C 18 -33.83 3.93 -14.57
CA ALA C 18 -35.24 3.98 -14.20
C ALA C 18 -36.07 4.48 -15.37
N GLU C 19 -35.54 5.44 -16.12
CA GLU C 19 -36.20 5.90 -17.33
C GLU C 19 -35.21 6.70 -18.16
N GLN C 20 -35.56 6.86 -19.43
CA GLN C 20 -34.75 7.64 -20.35
C GLN C 20 -35.69 8.25 -21.37
N GLY C 21 -35.22 9.30 -22.00
CA GLY C 21 -36.05 9.92 -23.02
C GLY C 21 -35.41 11.19 -23.49
N SER C 22 -36.17 11.91 -24.31
CA SER C 22 -35.66 13.17 -24.84
C SER C 22 -36.85 14.05 -25.19
N PHE C 23 -36.59 15.34 -25.30
CA PHE C 23 -37.66 16.29 -25.58
C PHE C 23 -37.05 17.56 -26.15
N TYR C 24 -37.93 18.41 -26.71
CA TYR C 24 -37.56 19.73 -27.19
C TYR C 24 -38.09 20.80 -26.26
N ILE C 25 -37.31 21.86 -26.09
CA ILE C 25 -37.68 22.94 -25.19
C ILE C 25 -37.14 24.25 -25.73
N GLY C 26 -37.86 25.33 -25.46
CA GLY C 26 -37.41 26.63 -25.89
C GLY C 26 -37.72 26.89 -27.35
N GLY C 27 -37.21 28.02 -27.82
CA GLY C 27 -37.41 28.43 -29.19
C GLY C 27 -38.54 29.44 -29.31
N ARG C 28 -38.77 29.86 -30.56
CA ARG C 28 -39.84 30.78 -30.89
C ARG C 28 -40.38 30.40 -32.26
N THR C 29 -41.35 31.17 -32.76
CA THR C 29 -41.88 30.96 -34.11
C THR C 29 -41.74 32.22 -34.94
N VAL C 30 -41.53 32.02 -36.24
CA VAL C 30 -41.56 33.07 -37.24
C VAL C 30 -42.49 32.62 -38.37
N THR C 31 -42.96 33.58 -39.15
CA THR C 31 -43.99 33.29 -40.13
C THR C 31 -43.63 33.86 -41.49
N GLY C 32 -44.09 33.17 -42.52
CA GLY C 32 -44.01 33.68 -43.87
C GLY C 32 -45.27 34.47 -44.18
N PRO C 33 -45.39 34.94 -45.42
CA PRO C 33 -46.53 35.75 -45.81
C PRO C 33 -47.73 34.90 -46.25
N GLY C 34 -48.90 35.52 -46.20
CA GLY C 34 -50.07 34.93 -46.82
C GLY C 34 -50.70 33.84 -45.99
N LYS C 35 -51.50 33.02 -46.65
CA LYS C 35 -52.20 31.94 -45.99
C LYS C 35 -51.88 30.62 -46.68
N PHE C 36 -52.14 29.54 -45.96
CA PHE C 36 -51.87 28.20 -46.45
C PHE C 36 -53.14 27.59 -47.03
N ASP C 37 -53.05 27.10 -48.25
CA ASP C 37 -54.18 26.48 -48.95
C ASP C 37 -53.91 24.99 -49.08
N PRO C 38 -54.60 24.13 -48.32
CA PRO C 38 -54.30 22.68 -48.38
C PRO C 38 -54.63 22.03 -49.72
N SER C 39 -55.33 22.72 -50.63
CA SER C 39 -55.61 22.14 -51.94
C SER C 39 -54.46 22.34 -52.92
N LYS C 40 -53.58 23.31 -52.68
CA LYS C 40 -52.51 23.59 -53.59
C LYS C 40 -51.33 22.65 -53.33
N PRO C 41 -50.48 22.41 -54.32
CA PRO C 41 -49.35 21.49 -54.11
C PRO C 41 -48.49 21.96 -52.94
N VAL C 42 -48.29 21.07 -51.98
CA VAL C 42 -47.50 21.39 -50.79
C VAL C 42 -46.01 21.24 -51.05
N ILE C 43 -45.65 20.48 -52.09
CA ILE C 43 -44.26 20.26 -52.47
C ILE C 43 -44.09 20.75 -53.90
N PRO C 44 -43.05 21.55 -54.21
CA PRO C 44 -41.98 22.02 -53.31
C PRO C 44 -42.49 22.90 -52.17
N TYR C 45 -41.83 22.78 -51.03
CA TYR C 45 -42.25 23.51 -49.85
C TYR C 45 -42.14 25.01 -50.09
N SER C 46 -43.07 25.74 -49.51
CA SER C 46 -43.18 27.19 -49.70
C SER C 46 -43.20 27.88 -48.35
N ASN C 47 -42.75 29.14 -48.34
CA ASN C 47 -42.94 29.98 -47.17
C ASN C 47 -44.36 30.53 -47.06
N GLU C 48 -45.19 30.35 -48.08
CA GLU C 48 -46.52 30.97 -48.06
C GLU C 48 -47.40 30.33 -47.00
N GLY C 49 -47.97 31.16 -46.13
CA GLY C 49 -48.81 30.66 -45.05
C GLY C 49 -48.05 29.91 -43.99
N ALA C 50 -46.72 30.05 -43.94
CA ALA C 50 -45.89 29.20 -43.13
C ALA C 50 -45.71 29.72 -41.71
N THR C 51 -45.71 28.79 -40.75
CA THR C 51 -45.19 28.97 -39.40
C THR C 51 -43.99 28.04 -39.25
N PHE C 52 -42.88 28.59 -38.78
CA PHE C 52 -41.66 27.82 -38.53
C PHE C 52 -41.30 27.91 -37.06
N TYR C 53 -41.01 26.78 -36.42
CA TYR C 53 -40.44 26.74 -35.09
C TYR C 53 -38.93 26.83 -35.22
N ILE C 54 -38.32 27.84 -34.58
CA ILE C 54 -36.88 28.04 -34.71
C ILE C 54 -36.23 28.18 -33.34
N ASN C 55 -34.96 27.79 -33.28
CA ASN C 55 -34.05 28.00 -32.16
C ASN C 55 -34.42 27.19 -30.92
N GLN C 56 -35.21 26.14 -31.09
CA GLN C 56 -35.45 25.21 -30.00
C GLN C 56 -34.23 24.33 -29.74
N MET C 57 -34.21 23.74 -28.54
CA MET C 57 -33.11 22.92 -28.05
C MET C 57 -33.56 21.48 -27.85
N TYR C 58 -32.67 20.53 -28.16
CA TYR C 58 -32.88 19.11 -27.88
C TYR C 58 -32.27 18.75 -26.52
N VAL C 59 -33.01 17.96 -25.75
CA VAL C 59 -32.57 17.54 -24.42
C VAL C 59 -32.78 16.04 -24.28
N ASN C 60 -31.75 15.32 -23.84
CA ASN C 60 -31.85 13.90 -23.53
C ASN C 60 -31.64 13.71 -22.04
N PHE C 61 -32.37 12.78 -21.43
CA PHE C 61 -32.15 12.51 -20.02
C PHE C 61 -32.06 11.01 -19.78
N GLN C 62 -31.26 10.64 -18.77
CA GLN C 62 -31.17 9.27 -18.30
C GLN C 62 -31.19 9.31 -16.78
N ALA C 63 -32.15 8.61 -16.17
CA ALA C 63 -32.28 8.64 -14.73
C ALA C 63 -31.91 7.31 -14.13
N PRO C 64 -31.05 7.27 -13.12
CA PRO C 64 -30.75 6.02 -12.44
C PRO C 64 -31.89 5.63 -11.52
N VAL C 65 -31.87 4.38 -11.08
CA VAL C 65 -32.72 3.97 -9.98
C VAL C 65 -32.24 4.70 -8.72
N ARG C 66 -33.17 5.38 -8.04
CA ARG C 66 -32.89 6.11 -6.81
C ARG C 66 -31.76 7.12 -6.99
N PRO C 67 -32.00 8.23 -7.69
CA PRO C 67 -30.95 9.25 -7.82
C PRO C 67 -30.51 9.78 -6.47
N ARG C 68 -29.23 10.13 -6.38
CA ARG C 68 -28.64 10.64 -5.15
C ARG C 68 -27.89 11.92 -5.50
N GLY C 69 -28.35 13.04 -4.99
CA GLY C 69 -27.76 14.30 -5.36
C GLY C 69 -28.40 14.88 -6.60
N LEU C 70 -27.89 16.04 -6.98
CA LEU C 70 -28.56 16.86 -7.97
C LEU C 70 -28.34 16.31 -9.38
N PRO C 71 -29.31 16.49 -10.27
CA PRO C 71 -29.08 16.14 -11.68
C PRO C 71 -27.98 17.01 -12.27
N LEU C 72 -27.26 16.43 -13.21
CA LEU C 72 -26.17 17.11 -13.92
C LEU C 72 -26.64 17.42 -15.33
N VAL C 73 -26.33 18.63 -15.79
CA VAL C 73 -26.66 19.05 -17.16
C VAL C 73 -25.35 19.23 -17.90
N PHE C 74 -25.06 18.33 -18.84
CA PHE C 74 -23.82 18.38 -19.59
C PHE C 74 -24.03 19.18 -20.86
N TRP C 75 -23.21 20.22 -21.06
CA TRP C 75 -23.41 21.19 -22.12
C TRP C 75 -22.15 21.26 -22.98
N HIS C 76 -22.25 20.75 -24.20
CA HIS C 76 -21.13 20.61 -25.13
C HIS C 76 -20.50 21.96 -25.46
N GLY C 77 -19.24 21.92 -25.90
CA GLY C 77 -18.56 23.09 -26.39
C GLY C 77 -18.92 23.45 -27.82
N GLY C 78 -18.14 24.40 -28.36
CA GLY C 78 -18.48 24.98 -29.65
C GLY C 78 -18.37 23.97 -30.77
N GLY C 79 -19.39 23.92 -31.62
CA GLY C 79 -19.38 23.04 -32.76
C GLY C 79 -19.58 21.57 -32.43
N LEU C 80 -20.04 21.26 -31.23
CA LEU C 80 -20.15 19.90 -30.76
C LEU C 80 -21.62 19.57 -30.47
N THR C 81 -21.85 18.37 -29.95
CA THR C 81 -23.18 17.91 -29.57
C THR C 81 -23.05 17.07 -28.31
N GLY C 82 -24.19 16.59 -27.82
CA GLY C 82 -24.21 15.70 -26.67
C GLY C 82 -23.43 14.42 -26.85
N HIS C 83 -23.06 14.06 -28.09
CA HIS C 83 -22.25 12.87 -28.33
C HIS C 83 -20.98 12.85 -27.48
N ILE C 84 -20.40 14.02 -27.20
CA ILE C 84 -19.10 14.01 -26.51
C ILE C 84 -19.25 13.53 -25.07
N TRP C 85 -20.46 13.52 -24.53
CA TRP C 85 -20.69 13.01 -23.18
C TRP C 85 -21.16 11.56 -23.20
N GLU C 86 -21.49 11.04 -24.37
CA GLU C 86 -21.97 9.67 -24.49
C GLU C 86 -20.83 8.68 -24.58
N SER C 87 -19.87 8.95 -25.46
CA SER C 87 -18.79 8.02 -25.76
C SER C 87 -17.54 8.82 -26.12
N THR C 88 -16.39 8.20 -25.90
CA THR C 88 -15.14 8.78 -26.39
C THR C 88 -14.95 8.38 -27.85
N PRO C 89 -14.02 9.03 -28.56
CA PRO C 89 -13.83 8.69 -29.97
C PRO C 89 -13.47 7.23 -30.19
N ASP C 90 -12.81 6.59 -29.23
CA ASP C 90 -12.44 5.19 -29.32
C ASP C 90 -13.46 4.26 -28.66
N GLY C 91 -14.62 4.79 -28.27
CA GLY C 91 -15.72 3.93 -27.85
C GLY C 91 -15.81 3.65 -26.38
N ARG C 92 -15.00 4.30 -25.55
CA ARG C 92 -15.09 4.10 -24.11
C ARG C 92 -16.26 4.92 -23.56
N PRO C 93 -16.81 4.53 -22.40
CA PRO C 93 -17.96 5.25 -21.85
C PRO C 93 -17.65 6.72 -21.60
N GLY C 94 -18.60 7.57 -21.96
CA GLY C 94 -18.52 8.97 -21.63
C GLY C 94 -19.12 9.27 -20.26
N PHE C 95 -19.11 10.57 -19.92
CA PHE C 95 -19.56 11.01 -18.61
C PHE C 95 -21.03 10.71 -18.37
N GLN C 96 -21.83 10.62 -19.43
CA GLN C 96 -23.24 10.24 -19.28
C GLN C 96 -23.36 8.91 -18.56
N THR C 97 -22.72 7.88 -19.09
CA THR C 97 -22.73 6.57 -18.43
C THR C 97 -22.08 6.64 -17.05
N LEU C 98 -20.94 7.34 -16.95
CA LEU C 98 -20.19 7.31 -15.69
C LEU C 98 -21.00 7.92 -14.55
N PHE C 99 -21.74 8.98 -14.81
CA PHE C 99 -22.45 9.65 -13.73
C PHE C 99 -23.85 9.11 -13.51
N VAL C 100 -24.43 8.42 -14.49
CA VAL C 100 -25.61 7.61 -14.18
C VAL C 100 -25.21 6.46 -13.27
N GLN C 101 -24.08 5.82 -13.55
CA GLN C 101 -23.56 4.80 -12.64
C GLN C 101 -23.25 5.39 -11.25
N ASP C 102 -22.84 6.65 -11.19
CA ASP C 102 -22.65 7.39 -9.94
C ASP C 102 -23.98 7.86 -9.33
N ARG C 103 -25.10 7.39 -9.89
CA ARG C 103 -26.45 7.65 -9.39
C ARG C 103 -26.87 9.12 -9.45
N HIS C 104 -26.40 9.85 -10.48
CA HIS C 104 -26.97 11.14 -10.83
C HIS C 104 -27.84 10.98 -12.07
N THR C 105 -29.00 11.63 -12.05
CA THR C 105 -29.71 11.84 -13.30
C THR C 105 -28.88 12.74 -14.20
N VAL C 106 -28.78 12.37 -15.48
CA VAL C 106 -27.91 13.06 -16.42
C VAL C 106 -28.73 13.60 -17.57
N TYR C 107 -28.70 14.93 -17.75
CA TYR C 107 -29.25 15.58 -18.94
C TYR C 107 -28.09 15.94 -19.87
N THR C 108 -28.23 15.62 -21.15
CA THR C 108 -27.32 16.07 -22.18
C THR C 108 -28.12 16.84 -23.23
N ILE C 109 -27.59 17.98 -23.67
CA ILE C 109 -28.33 18.82 -24.59
C ILE C 109 -27.58 18.94 -25.91
N ASP C 110 -28.33 19.22 -26.97
CA ASP C 110 -27.80 19.77 -28.20
C ASP C 110 -28.37 21.18 -28.28
N GLN C 111 -27.53 22.19 -28.08
CA GLN C 111 -28.05 23.55 -27.96
C GLN C 111 -28.66 24.00 -29.30
N PRO C 112 -29.50 25.04 -29.29
CA PRO C 112 -30.01 25.56 -30.57
C PRO C 112 -28.88 25.83 -31.54
N GLY C 113 -29.06 25.36 -32.78
CA GLY C 113 -28.04 25.54 -33.80
C GLY C 113 -27.07 24.39 -33.95
N ARG C 114 -27.15 23.38 -33.09
CA ARG C 114 -26.19 22.28 -33.08
C ARG C 114 -26.89 20.94 -32.97
N GLY C 115 -26.43 19.98 -33.76
CA GLY C 115 -26.96 18.63 -33.64
C GLY C 115 -28.46 18.59 -33.80
N ARG C 116 -29.13 17.99 -32.82
CA ARG C 116 -30.58 17.86 -32.87
C ARG C 116 -31.30 19.16 -32.52
N GLY C 117 -30.58 20.17 -32.04
CA GLY C 117 -31.18 21.50 -31.93
C GLY C 117 -31.56 22.03 -33.29
N ASN C 118 -32.38 23.07 -33.31
CA ASN C 118 -32.85 23.61 -34.59
C ASN C 118 -31.75 24.41 -35.29
N ILE C 119 -31.67 24.24 -36.60
CA ILE C 119 -30.91 25.12 -37.48
C ILE C 119 -31.93 25.95 -38.27
N PRO C 120 -32.03 27.25 -38.02
CA PRO C 120 -33.15 28.02 -38.56
C PRO C 120 -32.98 28.40 -40.02
N THR C 121 -33.57 27.62 -40.92
CA THR C 121 -33.54 27.95 -42.33
C THR C 121 -34.87 27.54 -42.96
N PHE C 122 -35.12 28.03 -44.17
CA PHE C 122 -36.46 28.06 -44.72
C PHE C 122 -36.40 27.69 -46.19
N ASN C 123 -37.27 28.28 -47.00
CA ASN C 123 -37.21 28.11 -48.44
C ASN C 123 -36.56 29.36 -49.01
N GLY C 124 -35.28 29.24 -49.37
CA GLY C 124 -34.51 30.37 -49.85
C GLY C 124 -33.07 30.21 -49.41
N PRO C 125 -32.24 31.22 -49.70
CA PRO C 125 -30.84 31.19 -49.23
C PRO C 125 -30.77 30.89 -47.74
N PHE C 126 -29.76 30.10 -47.36
CA PHE C 126 -29.65 29.64 -45.98
C PHE C 126 -29.91 30.76 -44.97
N GLY C 127 -30.83 30.50 -44.05
CA GLY C 127 -31.08 31.39 -42.95
C GLY C 127 -31.99 32.55 -43.26
N GLN C 128 -32.44 32.69 -44.51
CA GLN C 128 -33.24 33.84 -44.94
C GLN C 128 -34.71 33.45 -45.08
N LEU C 129 -35.58 34.23 -44.44
CA LEU C 129 -37.02 34.04 -44.53
C LEU C 129 -37.56 35.28 -45.23
N GLU C 130 -37.88 35.12 -46.52
CA GLU C 130 -38.17 36.25 -47.38
C GLU C 130 -37.06 37.29 -47.23
N GLU C 131 -37.39 38.51 -46.83
CA GLU C 131 -36.36 39.54 -46.74
C GLU C 131 -35.68 39.62 -45.38
N GLU C 132 -36.02 38.74 -44.45
CA GLU C 132 -35.45 38.78 -43.10
C GLU C 132 -34.32 37.78 -42.96
N SER C 133 -33.18 38.24 -42.47
CA SER C 133 -32.05 37.36 -42.19
C SER C 133 -32.19 36.85 -40.76
N ILE C 134 -32.56 35.58 -40.61
CA ILE C 134 -32.67 34.98 -39.29
C ILE C 134 -31.30 34.53 -38.78
N VAL C 135 -30.53 33.86 -39.64
CA VAL C 135 -29.10 33.66 -39.42
C VAL C 135 -28.36 33.98 -40.72
N ASN C 136 -27.07 34.22 -40.59
CA ASN C 136 -26.23 34.55 -41.74
C ASN C 136 -26.18 33.40 -42.75
N THR C 137 -26.31 33.73 -44.04
CA THR C 137 -26.10 32.74 -45.10
C THR C 137 -24.63 32.30 -45.14
N VAL C 138 -23.72 33.18 -44.76
CA VAL C 138 -22.30 32.86 -44.71
C VAL C 138 -21.99 32.17 -43.39
N THR C 139 -21.40 30.97 -43.48
CA THR C 139 -21.04 30.20 -42.30
C THR C 139 -19.53 30.29 -42.04
N GLY C 140 -19.17 29.85 -40.84
CA GLY C 140 -17.78 29.63 -40.50
C GLY C 140 -17.67 28.26 -39.84
N ASN C 141 -16.50 27.64 -40.01
CA ASN C 141 -16.31 26.29 -39.51
C ASN C 141 -14.83 25.98 -39.44
N SER C 142 -14.38 25.49 -38.29
CA SER C 142 -12.99 25.09 -38.17
C SER C 142 -12.66 23.94 -39.12
N SER C 143 -11.43 23.96 -39.62
CA SER C 143 -10.85 22.80 -40.26
C SER C 143 -10.38 21.80 -39.21
N LYS C 144 -10.06 20.58 -39.67
CA LYS C 144 -9.37 19.62 -38.83
C LYS C 144 -8.10 20.21 -38.24
N GLU C 145 -7.35 20.95 -39.06
CA GLU C 145 -6.09 21.54 -38.62
C GLU C 145 -6.32 22.56 -37.51
N GLY C 146 -7.30 23.45 -37.72
CA GLY C 146 -7.62 24.42 -36.67
C GLY C 146 -8.07 23.74 -35.39
N ALA C 147 -8.84 22.65 -35.51
CA ALA C 147 -9.31 21.95 -34.32
C ALA C 147 -8.16 21.24 -33.62
N TRP C 148 -7.22 20.70 -34.39
CA TRP C 148 -6.06 20.02 -33.82
C TRP C 148 -5.32 20.93 -32.85
N VAL C 149 -5.08 22.16 -33.27
CA VAL C 149 -4.29 23.06 -32.42
C VAL C 149 -5.16 23.76 -31.38
N ARG C 150 -6.44 24.04 -31.68
CA ARG C 150 -7.36 24.54 -30.66
C ARG C 150 -7.45 23.58 -29.49
N ASP C 151 -7.53 22.29 -29.79
CA ASP C 151 -7.75 21.28 -28.76
C ASP C 151 -6.45 20.82 -28.11
N ARG C 152 -5.31 21.32 -28.58
CA ARG C 152 -4.00 21.02 -28.00
C ARG C 152 -3.71 19.52 -28.02
N LEU C 153 -4.13 18.85 -29.10
CA LEU C 153 -3.56 17.52 -29.36
C LEU C 153 -2.05 17.62 -29.46
N GLY C 154 -1.57 18.68 -30.09
CA GLY C 154 -0.17 18.94 -30.27
C GLY C 154 0.00 20.34 -30.79
N PRO C 155 1.24 20.77 -30.98
CA PRO C 155 1.50 22.16 -31.41
C PRO C 155 1.24 22.40 -32.87
N ALA C 156 1.16 21.36 -33.69
CA ALA C 156 0.93 21.52 -35.11
C ALA C 156 0.10 20.34 -35.59
N PRO C 157 -0.70 20.50 -36.64
CA PRO C 157 -1.54 19.39 -37.08
C PRO C 157 -0.73 18.14 -37.39
N GLY C 158 -1.24 16.99 -36.93
CA GLY C 158 -0.60 15.72 -37.15
C GLY C 158 0.43 15.35 -36.11
N GLN C 159 0.78 16.26 -35.22
CA GLN C 159 1.80 16.01 -34.20
C GLN C 159 1.15 16.05 -32.83
N PHE C 160 1.44 15.04 -32.00
CA PHE C 160 0.96 15.01 -30.63
C PHE C 160 2.02 15.49 -29.66
N PHE C 161 1.59 16.15 -28.59
CA PHE C 161 2.44 16.27 -27.42
C PHE C 161 2.81 14.86 -26.94
N GLU C 162 4.05 14.69 -26.50
CA GLU C 162 4.52 13.37 -26.12
C GLU C 162 3.70 12.77 -24.98
N ASN C 163 3.19 13.60 -24.10
CA ASN C 163 2.45 13.15 -22.93
C ASN C 163 0.95 13.02 -23.17
N SER C 164 0.50 13.13 -24.43
CA SER C 164 -0.92 13.36 -24.70
C SER C 164 -1.80 12.22 -24.20
N GLN C 165 -2.94 12.59 -23.63
CA GLN C 165 -4.00 11.66 -23.25
C GLN C 165 -5.01 11.44 -24.37
N PHE C 166 -4.76 11.96 -25.57
CA PHE C 166 -5.70 11.75 -26.66
C PHE C 166 -5.72 10.29 -27.07
N PRO C 167 -6.89 9.73 -27.42
CA PRO C 167 -6.94 8.37 -27.98
C PRO C 167 -6.36 8.26 -29.38
N ARG C 168 -5.04 8.15 -29.46
CA ARG C 168 -4.36 8.05 -30.73
C ARG C 168 -4.91 6.91 -31.57
N GLY C 169 -5.02 7.15 -32.88
CA GLY C 169 -5.57 6.21 -33.82
C GLY C 169 -7.03 6.42 -34.13
N TYR C 170 -7.72 7.25 -33.34
CA TYR C 170 -9.15 7.51 -33.54
C TYR C 170 -9.39 8.96 -33.93
N GLU C 171 -8.42 9.57 -34.61
CA GLU C 171 -8.56 10.96 -35.06
C GLU C 171 -9.80 11.15 -35.93
N ASP C 172 -10.04 10.24 -36.89
CA ASP C 172 -11.19 10.41 -37.78
C ASP C 172 -12.49 10.44 -36.99
N ASN C 173 -12.67 9.50 -36.06
CA ASN C 173 -13.88 9.49 -35.25
C ASN C 173 -14.05 10.80 -34.50
N TYR C 174 -12.95 11.29 -33.92
CA TYR C 174 -12.96 12.53 -33.14
C TYR C 174 -13.38 13.72 -34.00
N PHE C 175 -12.70 13.93 -35.12
CA PHE C 175 -12.97 15.15 -35.86
C PHE C 175 -14.34 15.10 -36.52
N LYS C 176 -14.87 13.91 -36.77
CA LYS C 176 -16.19 13.80 -37.37
C LYS C 176 -17.30 14.34 -36.47
N GLU C 177 -17.04 14.50 -35.18
CA GLU C 177 -18.09 14.95 -34.27
C GLU C 177 -18.30 16.45 -34.31
N MET C 178 -17.46 17.18 -35.05
CA MET C 178 -17.40 18.64 -35.01
C MET C 178 -18.09 19.26 -36.23
N GLY C 179 -18.71 20.42 -36.03
CA GLY C 179 -19.34 21.07 -37.16
C GLY C 179 -19.58 22.54 -36.95
N PHE C 180 -20.26 23.16 -37.92
CA PHE C 180 -20.54 24.59 -37.88
C PHE C 180 -21.70 24.91 -36.93
N SER C 181 -21.78 26.18 -36.55
CA SER C 181 -22.94 26.68 -35.83
C SER C 181 -23.46 27.92 -36.55
N PRO C 182 -24.75 27.99 -36.86
CA PRO C 182 -25.30 29.22 -37.44
C PRO C 182 -25.31 30.34 -36.40
N SER C 183 -25.55 31.54 -36.90
CA SER C 183 -25.37 32.74 -36.08
C SER C 183 -26.58 33.06 -35.19
N ILE C 184 -27.10 32.05 -34.50
CA ILE C 184 -28.12 32.29 -33.49
C ILE C 184 -27.53 33.14 -32.37
N SER C 185 -28.30 34.10 -31.88
CA SER C 185 -27.76 34.96 -30.84
C SER C 185 -27.55 34.18 -29.55
N SER C 186 -26.49 34.53 -28.83
CA SER C 186 -26.22 33.87 -27.56
C SER C 186 -27.37 34.08 -26.59
N ASP C 187 -28.09 35.21 -26.69
CA ASP C 187 -29.26 35.42 -25.84
C ASP C 187 -30.27 34.28 -25.98
N GLU C 188 -30.54 33.84 -27.21
CA GLU C 188 -31.54 32.81 -27.43
C GLU C 188 -31.06 31.43 -26.97
N ILE C 189 -29.75 31.20 -27.02
CA ILE C 189 -29.21 29.95 -26.48
C ILE C 189 -29.34 29.95 -24.96
N VAL C 190 -28.94 31.04 -24.31
CA VAL C 190 -29.09 31.16 -22.86
C VAL C 190 -30.56 31.00 -22.47
N ASP C 191 -31.46 31.61 -23.25
CA ASP C 191 -32.90 31.52 -22.95
C ASP C 191 -33.38 30.08 -22.93
N ALA C 192 -32.94 29.27 -23.88
CA ALA C 192 -33.40 27.88 -23.91
C ALA C 192 -32.92 27.12 -22.70
N VAL C 193 -31.68 27.35 -22.27
CA VAL C 193 -31.16 26.57 -21.15
C VAL C 193 -31.76 27.05 -19.83
N VAL C 194 -32.05 28.34 -19.71
CA VAL C 194 -32.79 28.85 -18.55
C VAL C 194 -34.12 28.15 -18.42
N LYS C 195 -34.82 27.99 -19.55
CA LYS C 195 -36.10 27.29 -19.53
C LYS C 195 -35.92 25.84 -19.12
N LEU C 196 -34.86 25.18 -19.59
CA LEU C 196 -34.58 23.82 -19.16
C LEU C 196 -34.34 23.74 -17.66
N VAL C 197 -33.54 24.68 -17.13
CA VAL C 197 -33.19 24.61 -15.72
C VAL C 197 -34.41 24.87 -14.85
N THR C 198 -35.33 25.72 -15.32
CA THR C 198 -36.60 25.89 -14.62
C THR C 198 -37.38 24.58 -14.55
N HIS C 199 -37.40 23.85 -15.67
CA HIS C 199 -38.15 22.59 -15.70
C HIS C 199 -37.49 21.52 -14.84
N ILE C 200 -36.15 21.47 -14.84
CA ILE C 200 -35.43 20.40 -14.15
C ILE C 200 -35.54 20.54 -12.64
N GLY C 201 -35.47 21.76 -12.14
CA GLY C 201 -35.27 21.99 -10.72
C GLY C 201 -33.79 22.18 -10.41
N PRO C 202 -33.43 22.14 -9.14
CA PRO C 202 -32.03 22.31 -8.74
C PRO C 202 -31.12 21.35 -9.51
N CYS C 203 -30.03 21.88 -10.07
CA CYS C 203 -29.12 21.04 -10.84
C CYS C 203 -27.73 21.65 -10.81
N VAL C 204 -26.80 20.96 -11.48
CA VAL C 204 -25.42 21.41 -11.65
C VAL C 204 -25.16 21.48 -13.15
N LEU C 205 -24.58 22.59 -13.59
CA LEU C 205 -24.17 22.73 -14.99
C LEU C 205 -22.73 22.27 -15.16
N VAL C 206 -22.49 21.42 -16.16
CA VAL C 206 -21.14 21.00 -16.52
C VAL C 206 -20.93 21.47 -17.95
N THR C 207 -20.06 22.46 -18.13
CA THR C 207 -19.93 23.15 -19.42
C THR C 207 -18.53 22.92 -19.99
N HIS C 208 -18.33 23.41 -21.21
CA HIS C 208 -17.14 23.10 -22.00
C HIS C 208 -16.93 24.23 -22.98
N SER C 209 -15.74 24.83 -22.96
CA SER C 209 -15.35 25.74 -24.04
C SER C 209 -16.38 26.84 -24.28
N ALA C 210 -17.01 26.85 -25.47
CA ALA C 210 -17.98 27.91 -25.79
C ALA C 210 -19.14 27.97 -24.79
N SER C 211 -19.53 26.84 -24.19
CA SER C 211 -20.67 26.97 -23.30
C SER C 211 -20.27 27.44 -21.90
N GLY C 212 -18.99 27.66 -21.65
CA GLY C 212 -18.56 28.21 -20.37
C GLY C 212 -19.23 29.53 -20.05
N VAL C 213 -19.04 30.54 -20.90
CA VAL C 213 -19.63 31.85 -20.61
C VAL C 213 -21.16 31.76 -20.62
N LEU C 214 -21.73 30.88 -21.47
CA LEU C 214 -23.17 30.76 -21.53
C LEU C 214 -23.73 30.17 -20.24
N GLY C 215 -23.01 29.21 -19.65
CA GLY C 215 -23.46 28.63 -18.39
C GLY C 215 -23.37 29.60 -17.24
N MET C 216 -22.31 30.42 -17.20
CA MET C 216 -22.23 31.49 -16.22
C MET C 216 -23.45 32.40 -16.34
N ARG C 217 -23.80 32.79 -17.57
CA ARG C 217 -24.97 33.63 -17.79
C ARG C 217 -26.23 32.95 -17.29
N VAL C 218 -26.42 31.67 -17.64
CA VAL C 218 -27.62 30.95 -17.20
C VAL C 218 -27.75 31.01 -15.69
N ALA C 219 -26.63 30.77 -14.98
CA ALA C 219 -26.67 30.76 -13.51
C ALA C 219 -27.12 32.10 -12.95
N THR C 220 -26.77 33.21 -13.59
CA THR C 220 -27.21 34.52 -13.11
C THR C 220 -28.70 34.74 -13.30
N HIS C 221 -29.33 33.96 -14.18
CA HIS C 221 -30.76 34.08 -14.43
C HIS C 221 -31.57 32.99 -13.74
N ALA C 222 -30.93 31.96 -13.20
CA ALA C 222 -31.65 30.77 -12.75
C ALA C 222 -31.06 30.29 -11.44
N LYS C 223 -31.77 30.54 -10.33
CA LYS C 223 -31.32 30.10 -9.01
C LYS C 223 -31.22 28.59 -8.89
N ASN C 224 -31.89 27.83 -9.76
CA ASN C 224 -31.78 26.38 -9.68
C ASN C 224 -30.39 25.87 -10.00
N VAL C 225 -29.54 26.66 -10.67
CA VAL C 225 -28.15 26.25 -10.86
C VAL C 225 -27.44 26.33 -9.52
N ARG C 226 -27.06 25.18 -8.96
N ARG C 226 -27.04 25.19 -8.97
CA ARG C 226 -26.44 25.12 -7.64
CA ARG C 226 -26.43 25.16 -7.65
C ARG C 226 -24.93 24.89 -7.72
C ARG C 226 -24.92 25.02 -7.72
N GLY C 227 -24.37 24.85 -8.91
CA GLY C 227 -22.93 24.68 -9.06
C GLY C 227 -22.61 24.66 -10.54
N ILE C 228 -21.37 25.03 -10.85
CA ILE C 228 -20.86 25.04 -12.22
C ILE C 228 -19.49 24.40 -12.24
N VAL C 229 -19.28 23.44 -13.15
CA VAL C 229 -17.95 22.96 -13.48
C VAL C 229 -17.76 23.22 -14.97
N ALA C 230 -16.74 24.01 -15.31
CA ALA C 230 -16.53 24.44 -16.69
C ALA C 230 -15.20 23.91 -17.18
N TYR C 231 -15.23 23.04 -18.18
CA TYR C 231 -14.00 22.52 -18.79
C TYR C 231 -13.49 23.52 -19.81
N GLU C 232 -12.34 24.13 -19.53
CA GLU C 232 -11.64 25.05 -20.42
C GLU C 232 -12.59 26.06 -21.10
N PRO C 233 -13.26 26.90 -20.33
CA PRO C 233 -14.14 27.90 -20.95
C PRO C 233 -13.37 28.81 -21.90
N ALA C 234 -14.03 29.22 -22.97
CA ALA C 234 -13.38 29.98 -24.04
C ALA C 234 -13.49 31.49 -23.87
N THR C 235 -14.54 32.00 -23.21
CA THR C 235 -14.74 33.43 -23.06
C THR C 235 -14.87 33.76 -21.59
N SER C 236 -14.13 34.78 -21.14
CA SER C 236 -14.17 35.21 -19.74
C SER C 236 -15.35 36.16 -19.53
N ILE C 237 -15.72 36.36 -18.26
CA ILE C 237 -16.87 37.17 -17.91
C ILE C 237 -16.52 38.06 -16.72
N PHE C 238 -16.95 39.32 -16.78
CA PHE C 238 -16.60 40.33 -15.79
C PHE C 238 -17.81 41.21 -15.52
N PRO C 239 -17.80 41.94 -14.39
CA PRO C 239 -18.84 42.95 -14.17
C PRO C 239 -18.69 44.10 -15.16
N LYS C 240 -19.84 44.67 -15.53
CA LYS C 240 -19.85 45.76 -16.51
C LYS C 240 -18.94 46.90 -16.05
N GLY C 241 -18.16 47.42 -16.99
CA GLY C 241 -17.21 48.49 -16.70
C GLY C 241 -16.00 48.09 -15.89
N LYS C 242 -15.83 46.80 -15.56
CA LYS C 242 -14.73 46.35 -14.71
C LYS C 242 -13.94 45.24 -15.37
N VAL C 243 -13.83 45.26 -16.69
CA VAL C 243 -12.97 44.33 -17.41
C VAL C 243 -11.53 44.81 -17.27
N PRO C 244 -10.62 43.99 -16.75
CA PRO C 244 -9.22 44.39 -16.68
C PRO C 244 -8.60 44.41 -18.08
N GLU C 245 -7.61 45.29 -18.25
CA GLU C 245 -6.82 45.25 -19.47
C GLU C 245 -6.01 43.96 -19.49
N ILE C 246 -6.00 43.30 -20.64
CA ILE C 246 -5.36 41.99 -20.81
C ILE C 246 -4.39 42.13 -21.98
N PRO C 247 -3.16 41.62 -21.87
CA PRO C 247 -2.19 41.85 -22.93
C PRO C 247 -2.57 41.12 -24.20
N PRO C 248 -2.13 41.62 -25.36
CA PRO C 248 -2.32 40.87 -26.60
C PRO C 248 -1.48 39.61 -26.59
N LEU C 249 -1.71 38.77 -27.60
CA LEU C 249 -0.95 37.55 -27.71
C LEU C 249 0.48 37.85 -28.17
N ALA C 250 1.31 36.80 -28.19
CA ALA C 250 2.73 36.98 -28.47
C ALA C 250 3.01 37.48 -29.88
N ASP C 251 2.07 37.29 -30.82
CA ASP C 251 2.26 37.86 -32.15
C ASP C 251 2.08 39.37 -32.19
N LYS C 252 1.73 39.98 -31.05
CA LYS C 252 1.61 41.41 -30.82
C LYS C 252 0.42 42.04 -31.54
N LYS C 253 -0.39 41.26 -32.27
CA LYS C 253 -1.56 41.80 -32.96
C LYS C 253 -2.86 41.19 -32.45
N SER C 254 -2.85 39.90 -32.14
CA SER C 254 -4.05 39.16 -31.80
C SER C 254 -4.42 39.39 -30.34
N GLN C 255 -5.71 39.22 -30.03
CA GLN C 255 -6.21 39.27 -28.66
C GLN C 255 -7.11 38.07 -28.42
N ILE C 256 -7.36 37.79 -27.14
CA ILE C 256 -8.31 36.75 -26.77
C ILE C 256 -9.73 37.23 -27.07
N PHE C 257 -10.71 36.39 -26.81
CA PHE C 257 -12.09 36.79 -27.08
C PHE C 257 -12.48 37.94 -26.17
N PRO C 258 -13.09 39.00 -26.70
CA PRO C 258 -13.57 40.09 -25.85
C PRO C 258 -14.39 39.55 -24.69
N PRO C 259 -14.01 39.86 -23.46
CA PRO C 259 -14.76 39.33 -22.31
C PRO C 259 -16.19 39.83 -22.31
N PHE C 260 -17.10 38.97 -21.87
CA PHE C 260 -18.50 39.32 -21.73
C PHE C 260 -18.70 40.11 -20.45
N GLU C 261 -19.55 41.14 -20.50
CA GLU C 261 -19.82 42.00 -19.36
C GLU C 261 -21.27 41.90 -18.96
N ILE C 262 -21.52 41.75 -17.66
CA ILE C 262 -22.87 41.73 -17.12
C ILE C 262 -22.95 42.69 -15.94
N GLN C 263 -24.14 43.23 -15.72
CA GLN C 263 -24.37 44.14 -14.61
C GLN C 263 -24.04 43.46 -13.28
N GLU C 264 -23.53 44.23 -12.33
CA GLU C 264 -22.98 43.62 -11.12
C GLU C 264 -24.06 42.97 -10.27
N SER C 265 -25.31 43.41 -10.38
CA SER C 265 -26.39 42.72 -9.67
C SER C 265 -26.54 41.29 -10.18
N TYR C 266 -26.31 41.06 -11.48
CA TYR C 266 -26.32 39.70 -11.97
C TYR C 266 -25.00 39.00 -11.68
N PHE C 267 -23.87 39.70 -11.84
CA PHE C 267 -22.57 39.08 -11.61
C PHE C 267 -22.47 38.58 -10.17
N LYS C 268 -23.04 39.33 -9.22
CA LYS C 268 -22.97 38.90 -7.83
C LYS C 268 -23.62 37.56 -7.60
N LYS C 269 -24.57 37.15 -8.44
CA LYS C 269 -25.17 35.84 -8.24
C LYS C 269 -24.15 34.72 -8.42
N LEU C 270 -23.08 34.96 -9.18
CA LEU C 270 -22.05 33.95 -9.34
C LEU C 270 -21.30 33.68 -8.04
N ALA C 271 -21.33 34.61 -7.08
CA ALA C 271 -20.63 34.36 -5.83
C ALA C 271 -21.44 33.52 -4.86
N LYS C 272 -22.69 33.15 -5.18
CA LYS C 272 -23.51 32.38 -4.26
C LYS C 272 -23.43 30.88 -4.48
N ILE C 273 -22.67 30.42 -5.48
CA ILE C 273 -22.60 28.99 -5.77
C ILE C 273 -21.16 28.59 -6.04
N PRO C 274 -20.82 27.33 -5.80
CA PRO C 274 -19.46 26.85 -6.10
C PRO C 274 -19.24 26.77 -7.61
N ILE C 275 -18.09 27.28 -8.06
CA ILE C 275 -17.73 27.34 -9.48
C ILE C 275 -16.30 26.85 -9.61
N GLN C 276 -16.08 25.88 -10.50
CA GLN C 276 -14.76 25.33 -10.77
C GLN C 276 -14.49 25.36 -12.27
N PHE C 277 -13.39 26.00 -12.66
CA PHE C 277 -12.88 25.93 -14.04
C PHE C 277 -11.77 24.90 -14.09
N VAL C 278 -11.85 23.98 -15.04
CA VAL C 278 -10.89 22.89 -15.16
C VAL C 278 -10.08 23.09 -16.43
N PHE C 279 -8.76 23.06 -16.31
CA PHE C 279 -7.87 23.17 -17.46
C PHE C 279 -6.98 21.94 -17.57
N GLY C 280 -6.76 21.50 -18.81
CA GLY C 280 -5.86 20.40 -19.11
C GLY C 280 -4.43 20.86 -19.19
N ASP C 281 -3.63 20.12 -19.95
CA ASP C 281 -2.18 20.26 -19.96
C ASP C 281 -1.71 20.99 -21.22
N ASN C 282 -0.40 21.25 -21.25
CA ASN C 282 0.30 21.77 -22.42
C ASN C 282 -0.15 23.18 -22.80
N ILE C 283 -0.66 23.94 -21.84
CA ILE C 283 -0.81 25.38 -21.99
C ILE C 283 0.50 26.03 -21.55
N PRO C 284 1.19 26.75 -22.42
CA PRO C 284 2.52 27.26 -22.05
C PRO C 284 2.43 28.37 -21.03
N LYS C 285 3.49 28.49 -20.24
CA LYS C 285 3.59 29.65 -19.34
C LYS C 285 4.29 30.83 -20.00
N ASN C 286 5.26 30.57 -20.95
CA ASN C 286 5.94 31.61 -21.70
C ASN C 286 5.16 31.96 -22.96
N PRO C 287 5.21 33.21 -23.39
CA PRO C 287 4.66 33.56 -24.71
C PRO C 287 5.22 32.68 -25.81
N LYS C 288 4.35 32.29 -26.74
CA LYS C 288 4.71 31.36 -27.83
C LYS C 288 4.26 31.93 -29.16
N SER C 289 5.09 32.79 -29.77
CA SER C 289 4.70 33.43 -31.02
C SER C 289 4.53 32.45 -32.17
N ALA C 290 5.15 31.28 -32.11
CA ALA C 290 5.05 30.34 -33.22
C ALA C 290 3.82 29.46 -33.16
N TYR C 291 3.06 29.47 -32.05
CA TYR C 291 1.96 28.55 -31.84
C TYR C 291 0.75 29.35 -31.36
N TRP C 292 -0.04 29.84 -32.32
CA TRP C 292 -1.07 30.82 -32.02
C TRP C 292 -2.06 30.30 -30.98
N PHE C 293 -2.60 29.08 -31.17
CA PHE C 293 -3.62 28.64 -30.22
C PHE C 293 -3.04 28.30 -28.86
N LEU C 294 -1.77 27.86 -28.80
CA LEU C 294 -1.16 27.66 -27.48
C LEU C 294 -1.06 28.99 -26.74
N ASP C 295 -0.60 30.03 -27.42
CA ASP C 295 -0.53 31.35 -26.80
C ASP C 295 -1.92 31.86 -26.45
N TRP C 296 -2.90 31.62 -27.32
CA TRP C 296 -4.27 32.01 -27.03
C TRP C 296 -4.77 31.38 -25.74
N TRP C 297 -4.50 30.08 -25.55
CA TRP C 297 -4.94 29.44 -24.31
C TRP C 297 -4.21 30.01 -23.09
N ARG C 298 -2.92 30.36 -23.24
CA ARG C 298 -2.17 30.95 -22.15
C ARG C 298 -2.84 32.22 -21.66
N VAL C 299 -3.16 33.13 -22.59
CA VAL C 299 -3.73 34.40 -22.17
C VAL C 299 -5.19 34.23 -21.76
N THR C 300 -5.92 33.30 -22.40
CA THR C 300 -7.30 33.06 -21.99
C THR C 300 -7.37 32.49 -20.58
N ARG C 301 -6.50 31.54 -20.25
CA ARG C 301 -6.47 31.01 -18.88
C ARG C 301 -6.19 32.11 -17.88
N TYR C 302 -5.27 33.03 -18.21
CA TYR C 302 -4.99 34.16 -17.33
C TYR C 302 -6.22 35.04 -17.16
N ALA C 303 -6.93 35.34 -18.25
CA ALA C 303 -8.15 36.15 -18.13
C ALA C 303 -9.15 35.48 -17.21
N HIS C 304 -9.29 34.16 -17.31
CA HIS C 304 -10.21 33.47 -16.40
C HIS C 304 -9.75 33.56 -14.95
N SER C 305 -8.44 33.57 -14.70
CA SER C 305 -8.00 33.72 -13.31
C SER C 305 -8.44 35.06 -12.75
N LEU C 306 -8.47 36.11 -13.59
CA LEU C 306 -8.93 37.41 -13.14
C LEU C 306 -10.44 37.42 -12.95
N SER C 307 -11.16 36.69 -13.80
CA SER C 307 -12.61 36.58 -13.66
C SER C 307 -12.97 35.88 -12.35
N LEU C 308 -12.28 34.78 -12.04
CA LEU C 308 -12.54 34.05 -10.80
C LEU C 308 -12.20 34.91 -9.59
N GLU C 309 -11.15 35.74 -9.70
CA GLU C 309 -10.79 36.64 -8.61
C GLU C 309 -11.90 37.64 -8.35
N ALA C 310 -12.53 38.14 -9.42
CA ALA C 310 -13.64 39.08 -9.27
C ALA C 310 -14.80 38.43 -8.53
N ILE C 311 -15.08 37.16 -8.84
CA ILE C 311 -16.14 36.44 -8.14
C ILE C 311 -15.77 36.26 -6.67
N ASN C 312 -14.52 35.88 -6.40
CA ASN C 312 -14.12 35.60 -5.01
C ASN C 312 -14.06 36.89 -4.19
N LYS C 313 -13.77 38.03 -4.84
CA LYS C 313 -13.77 39.29 -4.11
C LYS C 313 -15.16 39.63 -3.58
N LEU C 314 -16.20 39.23 -4.30
CA LEU C 314 -17.58 39.42 -3.91
C LEU C 314 -18.08 38.36 -2.94
N GLY C 315 -17.19 37.55 -2.38
CA GLY C 315 -17.56 36.54 -1.42
C GLY C 315 -17.77 35.17 -2.00
N GLY C 316 -17.37 34.94 -3.24
CA GLY C 316 -17.67 33.69 -3.93
C GLY C 316 -16.81 32.52 -3.51
N GLN C 317 -17.04 31.41 -4.21
CA GLN C 317 -16.30 30.17 -4.01
C GLN C 317 -15.93 29.65 -5.40
N ALA C 318 -15.07 30.40 -6.08
CA ALA C 318 -14.66 30.10 -7.45
C ALA C 318 -13.20 29.67 -7.45
N SER C 319 -12.89 28.65 -8.24
CA SER C 319 -11.55 28.09 -8.22
C SER C 319 -11.17 27.60 -9.61
N LEU C 320 -9.86 27.53 -9.84
CA LEU C 320 -9.28 26.98 -11.06
C LEU C 320 -8.56 25.70 -10.71
N LEU C 321 -8.91 24.61 -11.37
CA LEU C 321 -8.23 23.33 -11.21
C LEU C 321 -7.40 23.07 -12.46
N ASP C 322 -6.08 23.14 -12.32
CA ASP C 322 -5.19 22.67 -13.38
C ASP C 322 -4.99 21.18 -13.18
N LEU C 323 -5.43 20.39 -14.16
CA LEU C 323 -5.32 18.94 -14.03
C LEU C 323 -3.89 18.45 -13.75
N PRO C 324 -2.83 19.08 -14.27
CA PRO C 324 -1.48 18.64 -13.85
C PRO C 324 -1.24 18.78 -12.36
N THR C 325 -1.81 19.80 -11.72
CA THR C 325 -1.69 19.95 -10.27
C THR C 325 -2.31 18.78 -9.51
N ALA C 326 -3.33 18.15 -10.09
CA ALA C 326 -3.99 17.01 -9.46
C ALA C 326 -3.33 15.68 -9.83
N GLY C 327 -2.21 15.70 -10.55
CA GLY C 327 -1.52 14.49 -10.91
C GLY C 327 -1.89 13.91 -12.25
N LEU C 328 -2.64 14.64 -13.08
CA LEU C 328 -3.05 14.16 -14.39
C LEU C 328 -2.29 14.93 -15.44
N ARG C 329 -1.52 14.23 -16.27
CA ARG C 329 -0.68 14.86 -17.26
C ARG C 329 -1.16 14.53 -18.67
N GLY C 330 -1.09 15.53 -19.54
CA GLY C 330 -1.31 15.32 -20.95
C GLY C 330 -2.72 15.56 -21.44
N ASN C 331 -3.61 16.08 -20.62
CA ASN C 331 -4.98 16.20 -21.06
C ASN C 331 -5.12 17.25 -22.15
N THR C 332 -6.01 16.97 -23.08
CA THR C 332 -6.36 17.89 -24.15
C THR C 332 -7.46 18.85 -23.68
N HIS C 333 -8.00 19.60 -24.64
CA HIS C 333 -9.14 20.47 -24.41
C HIS C 333 -10.43 19.70 -24.17
N PHE C 334 -10.42 18.37 -24.35
CA PHE C 334 -11.57 17.49 -24.07
C PHE C 334 -11.19 16.47 -22.99
N PRO C 335 -10.91 16.92 -21.75
CA PRO C 335 -10.44 15.95 -20.75
C PRO C 335 -11.41 14.80 -20.50
N PHE C 336 -12.71 15.06 -20.67
CA PHE C 336 -13.75 14.08 -20.42
C PHE C 336 -13.91 13.04 -21.52
N THR C 337 -13.18 13.14 -22.64
CA THR C 337 -13.07 12.02 -23.58
C THR C 337 -11.64 11.52 -23.74
N ASP C 338 -10.68 12.05 -22.98
CA ASP C 338 -9.30 11.59 -23.05
C ASP C 338 -9.17 10.18 -22.45
N ARG C 339 -7.97 9.61 -22.60
CA ARG C 339 -7.76 8.23 -22.16
C ARG C 339 -7.93 8.08 -20.65
N ASN C 340 -7.62 9.13 -19.89
CA ASN C 340 -7.76 9.12 -18.44
C ASN C 340 -9.07 9.73 -17.99
N ASN C 341 -10.13 9.65 -18.81
CA ASN C 341 -11.33 10.40 -18.43
C ASN C 341 -12.02 9.83 -17.20
N VAL C 342 -11.71 8.59 -16.80
CA VAL C 342 -12.27 8.09 -15.54
C VAL C 342 -11.68 8.84 -14.36
N GLN C 343 -10.39 9.16 -14.43
CA GLN C 343 -9.77 9.97 -13.39
C GLN C 343 -10.27 11.40 -13.42
N VAL C 344 -10.53 11.94 -14.62
CA VAL C 344 -11.12 13.27 -14.70
C VAL C 344 -12.51 13.26 -14.06
N ALA C 345 -13.28 12.21 -14.34
CA ALA C 345 -14.61 12.07 -13.74
C ALA C 345 -14.51 12.02 -12.23
N SER C 346 -13.49 11.33 -11.70
CA SER C 346 -13.35 11.24 -10.25
C SER C 346 -13.13 12.62 -9.63
N LEU C 347 -12.41 13.52 -10.32
CA LEU C 347 -12.28 14.88 -9.82
C LEU C 347 -13.59 15.65 -9.87
N LEU C 348 -14.47 15.35 -10.83
CA LEU C 348 -15.79 15.95 -10.85
C LEU C 348 -16.65 15.41 -9.70
N SER C 349 -16.59 14.11 -9.45
CA SER C 349 -17.26 13.55 -8.28
C SER C 349 -16.74 14.19 -6.98
N ASP C 350 -15.43 14.45 -6.92
CA ASP C 350 -14.87 15.12 -5.74
C ASP C 350 -15.47 16.50 -5.55
N PHE C 351 -15.62 17.26 -6.64
CA PHE C 351 -16.25 18.57 -6.54
C PHE C 351 -17.69 18.44 -6.05
N LEU C 352 -18.46 17.51 -6.61
CA LEU C 352 -19.85 17.34 -6.18
C LEU C 352 -19.92 16.96 -4.72
N GLY C 353 -19.03 16.07 -4.27
CA GLY C 353 -19.04 15.68 -2.87
C GLY C 353 -18.63 16.78 -1.93
N LYS C 354 -17.60 17.55 -2.31
CA LYS C 354 -17.13 18.65 -1.47
C LYS C 354 -18.26 19.63 -1.16
N HIS C 355 -19.15 19.87 -2.11
CA HIS C 355 -20.17 20.91 -1.97
C HIS C 355 -21.55 20.35 -1.68
N GLY C 356 -21.66 19.07 -1.34
CA GLY C 356 -22.91 18.50 -0.93
C GLY C 356 -23.90 18.27 -2.04
N LEU C 357 -23.43 18.23 -3.28
CA LEU C 357 -24.27 18.09 -4.46
C LEU C 357 -24.49 16.64 -4.86
N ASP C 358 -23.97 15.68 -4.07
CA ASP C 358 -24.15 14.26 -4.31
C ASP C 358 -24.95 13.60 -3.18
N GLN C 359 -25.81 14.38 -2.52
CA GLN C 359 -26.68 13.86 -1.48
C GLN C 359 -27.99 14.64 -1.53
N ASN C 360 -29.05 14.00 -1.03
CA ASN C 360 -30.41 14.56 -1.10
C ASN C 360 -30.87 15.14 0.23
N LYS D 12 24.98 -16.61 10.14
CA LYS D 12 26.08 -16.57 11.11
C LYS D 12 27.38 -16.12 10.44
N ARG D 13 28.16 -15.34 11.18
CA ARG D 13 29.27 -14.59 10.59
C ARG D 13 30.65 -15.14 10.93
N LYS D 14 30.74 -16.13 11.81
CA LYS D 14 32.06 -16.62 12.23
C LYS D 14 32.76 -17.34 11.09
N VAL D 15 34.06 -17.13 10.98
CA VAL D 15 34.89 -17.68 9.92
C VAL D 15 36.22 -18.10 10.53
N VAL D 16 36.62 -19.35 10.28
CA VAL D 16 37.90 -19.86 10.77
C VAL D 16 38.79 -20.10 9.57
N LEU D 17 39.90 -19.37 9.50
CA LEU D 17 40.79 -19.41 8.35
C LEU D 17 42.08 -20.11 8.72
N ALA D 18 42.50 -21.06 7.88
CA ALA D 18 43.84 -21.59 7.98
C ALA D 18 44.88 -20.55 7.56
N GLU D 19 44.55 -19.74 6.56
CA GLU D 19 45.42 -18.65 6.14
C GLU D 19 44.59 -17.67 5.32
N GLN D 20 45.06 -16.43 5.27
CA GLN D 20 44.51 -15.43 4.38
C GLN D 20 45.64 -14.53 3.90
N GLY D 21 45.36 -13.80 2.83
CA GLY D 21 46.36 -12.86 2.36
C GLY D 21 45.99 -12.32 0.99
N SER D 22 46.92 -11.55 0.43
CA SER D 22 46.69 -11.06 -0.92
C SER D 22 48.02 -10.89 -1.63
N PHE D 23 47.93 -10.76 -2.95
CA PHE D 23 49.13 -10.64 -3.76
C PHE D 23 48.75 -10.01 -5.09
N TYR D 24 49.77 -9.55 -5.82
CA TYR D 24 49.62 -9.06 -7.18
C TYR D 24 50.16 -10.08 -8.17
N ILE D 25 49.52 -10.16 -9.33
CA ILE D 25 49.91 -11.11 -10.36
C ILE D 25 49.63 -10.51 -11.73
N GLY D 26 50.43 -10.91 -12.71
CA GLY D 26 50.24 -10.45 -14.07
C GLY D 26 50.75 -9.04 -14.29
N GLY D 27 50.46 -8.52 -15.49
CA GLY D 27 50.89 -7.20 -15.88
C GLY D 27 52.17 -7.23 -16.70
N ARG D 28 52.62 -6.03 -17.04
CA ARG D 28 53.84 -5.86 -17.82
C ARG D 28 54.48 -4.56 -17.38
N THR D 29 55.59 -4.19 -18.02
CA THR D 29 56.25 -2.93 -17.72
C THR D 29 56.34 -2.06 -18.97
N VAL D 30 56.27 -0.74 -18.76
CA VAL D 30 56.55 0.24 -19.79
C VAL D 30 57.59 1.20 -19.24
N THR D 31 58.32 1.84 -20.14
CA THR D 31 59.47 2.64 -19.73
C THR D 31 59.40 4.05 -20.31
N GLY D 32 59.93 4.99 -19.52
CA GLY D 32 60.08 6.36 -19.95
C GLY D 32 61.42 6.59 -20.61
N PRO D 33 61.59 7.76 -21.20
CA PRO D 33 62.84 8.09 -21.88
C PRO D 33 63.95 8.47 -20.91
N GLY D 34 65.19 8.26 -21.36
CA GLY D 34 66.33 8.81 -20.65
C GLY D 34 66.73 8.01 -19.42
N LYS D 35 67.36 8.71 -18.47
CA LYS D 35 68.03 8.10 -17.33
C LYS D 35 67.49 8.67 -16.03
N PHE D 36 67.53 7.85 -14.98
CA PHE D 36 67.15 8.28 -13.64
C PHE D 36 68.40 8.67 -12.86
N ASP D 37 68.44 9.93 -12.40
CA ASP D 37 69.55 10.46 -11.62
C ASP D 37 69.11 10.63 -10.17
N PRO D 38 69.57 9.79 -9.23
CA PRO D 38 69.11 9.91 -7.83
C PRO D 38 69.52 11.19 -7.13
N SER D 39 70.43 11.98 -7.71
CA SER D 39 70.79 13.25 -7.08
C SER D 39 69.84 14.38 -7.46
N LYS D 40 69.02 14.19 -8.50
CA LYS D 40 68.09 15.23 -8.90
C LYS D 40 66.78 15.11 -8.14
N PRO D 41 66.04 16.21 -7.98
CA PRO D 41 64.79 16.13 -7.21
C PRO D 41 63.87 15.08 -7.79
N VAL D 42 63.41 14.17 -6.92
CA VAL D 42 62.55 13.08 -7.37
C VAL D 42 61.08 13.51 -7.39
N ILE D 43 60.72 14.55 -6.65
CA ILE D 43 59.38 15.13 -6.65
C ILE D 43 59.48 16.54 -7.19
N PRO D 44 58.62 16.98 -8.12
CA PRO D 44 57.51 16.24 -8.74
C PRO D 44 57.98 15.02 -9.52
N TYR D 45 57.17 13.97 -9.50
CA TYR D 45 57.56 12.73 -10.15
C TYR D 45 57.70 12.94 -11.66
N SER D 46 58.68 12.24 -12.25
CA SER D 46 59.02 12.39 -13.65
C SER D 46 58.97 11.04 -14.35
N ASN D 47 58.71 11.06 -15.66
CA ASN D 47 58.85 9.86 -16.46
C ASN D 47 60.30 9.56 -16.85
N GLU D 48 61.24 10.45 -16.53
CA GLU D 48 62.60 10.29 -17.03
C GLU D 48 63.27 9.10 -16.36
N GLY D 49 63.76 8.16 -17.18
CA GLY D 49 64.37 6.96 -16.65
C GLY D 49 63.40 6.00 -15.99
N ALA D 50 62.11 6.18 -16.21
CA ALA D 50 61.09 5.47 -15.43
C ALA D 50 60.83 4.06 -15.94
N THR D 51 60.61 3.14 -15.00
CA THR D 51 59.91 1.88 -15.24
C THR D 51 58.58 1.94 -14.52
N PHE D 52 57.49 1.62 -15.23
CA PHE D 52 56.18 1.53 -14.63
C PHE D 52 55.63 0.11 -14.77
N TYR D 53 55.15 -0.46 -13.67
CA TYR D 53 54.42 -1.71 -13.72
C TYR D 53 52.96 -1.40 -14.01
N ILE D 54 52.40 -1.97 -15.08
CA ILE D 54 51.03 -1.67 -15.47
C ILE D 54 50.24 -2.95 -15.69
N ASN D 55 48.92 -2.82 -15.46
CA ASN D 55 47.91 -3.81 -15.81
C ASN D 55 47.98 -5.08 -14.97
N GLN D 56 48.66 -5.01 -13.82
CA GLN D 56 48.65 -6.08 -12.83
C GLN D 56 47.30 -6.16 -12.13
N MET D 57 47.04 -7.34 -11.57
CA MET D 57 45.77 -7.65 -10.92
C MET D 57 45.99 -7.92 -9.44
N TYR D 58 45.03 -7.49 -8.61
CA TYR D 58 45.05 -7.77 -7.17
C TYR D 58 44.25 -9.03 -6.87
N VAL D 59 44.78 -9.87 -5.99
CA VAL D 59 44.12 -11.14 -5.64
C VAL D 59 44.10 -11.27 -4.12
N ASN D 60 42.94 -11.58 -3.55
CA ASN D 60 42.81 -11.90 -2.13
C ASN D 60 42.39 -13.36 -2.01
N PHE D 61 42.92 -14.07 -1.02
CA PHE D 61 42.48 -15.44 -0.79
C PHE D 61 42.18 -15.66 0.68
N GLN D 62 41.23 -16.57 0.93
CA GLN D 62 40.93 -17.02 2.29
C GLN D 62 40.75 -18.53 2.23
N ALA D 63 41.52 -19.24 3.03
CA ALA D 63 41.46 -20.69 3.02
C ALA D 63 40.91 -21.21 4.34
N PRO D 64 39.90 -22.05 4.31
CA PRO D 64 39.39 -22.64 5.55
C PRO D 64 40.31 -23.77 6.01
N VAL D 65 40.07 -24.22 7.24
CA VAL D 65 40.72 -25.43 7.74
C VAL D 65 40.18 -26.63 6.97
N ARG D 66 41.09 -27.44 6.43
CA ARG D 66 40.75 -28.65 5.69
C ARG D 66 39.75 -28.33 4.57
N PRO D 67 40.18 -27.67 3.51
CA PRO D 67 39.25 -27.32 2.44
C PRO D 67 38.76 -28.55 1.70
N ARG D 68 37.55 -28.45 1.16
CA ARG D 68 36.94 -29.50 0.36
C ARG D 68 36.69 -28.97 -1.04
N GLY D 69 36.96 -29.80 -2.04
CA GLY D 69 36.68 -29.42 -3.41
C GLY D 69 37.65 -28.40 -3.97
N LEU D 70 37.26 -27.82 -5.10
CA LEU D 70 38.11 -26.90 -5.82
C LEU D 70 37.97 -25.49 -5.27
N PRO D 71 39.04 -24.71 -5.29
CA PRO D 71 38.92 -23.30 -4.91
C PRO D 71 38.03 -22.54 -5.89
N LEU D 72 37.35 -21.54 -5.36
CA LEU D 72 36.45 -20.70 -6.13
C LEU D 72 37.12 -19.36 -6.38
N VAL D 73 37.05 -18.87 -7.61
CA VAL D 73 37.58 -17.57 -7.98
C VAL D 73 36.40 -16.67 -8.31
N PHE D 74 36.10 -15.70 -7.44
CA PHE D 74 34.98 -14.79 -7.64
C PHE D 74 35.46 -13.56 -8.40
N TRP D 75 34.82 -13.28 -9.53
CA TRP D 75 35.24 -12.26 -10.48
C TRP D 75 34.12 -11.25 -10.70
N HIS D 76 34.30 -10.04 -10.15
CA HIS D 76 33.30 -8.99 -10.15
C HIS D 76 32.91 -8.58 -11.58
N GLY D 77 31.70 -8.01 -11.70
CA GLY D 77 31.24 -7.44 -12.95
C GLY D 77 31.82 -6.06 -13.24
N GLY D 78 31.26 -5.45 -14.28
CA GLY D 78 31.83 -4.23 -14.82
C GLY D 78 31.73 -3.07 -13.83
N GLY D 79 32.84 -2.34 -13.68
CA GLY D 79 32.85 -1.22 -12.76
C GLY D 79 32.83 -1.57 -11.30
N LEU D 80 33.13 -2.82 -10.95
CA LEU D 80 33.00 -3.28 -9.58
C LEU D 80 34.36 -3.74 -9.04
N THR D 81 34.37 -4.25 -7.80
CA THR D 81 35.56 -4.81 -7.17
C THR D 81 35.16 -6.06 -6.40
N GLY D 82 36.15 -6.68 -5.77
CA GLY D 82 35.89 -7.80 -4.89
C GLY D 82 35.01 -7.49 -3.71
N HIS D 83 34.77 -6.20 -3.40
CA HIS D 83 33.84 -5.87 -2.33
C HIS D 83 32.50 -6.57 -2.46
N ILE D 84 32.03 -6.79 -3.70
CA ILE D 84 30.67 -7.32 -3.86
C ILE D 84 30.57 -8.76 -3.40
N TRP D 85 31.68 -9.47 -3.24
CA TRP D 85 31.68 -10.81 -2.70
C TRP D 85 31.94 -10.82 -1.19
N GLU D 86 32.37 -9.69 -0.62
CA GLU D 86 32.69 -9.61 0.79
C GLU D 86 31.45 -9.35 1.63
N SER D 87 30.63 -8.40 1.21
CA SER D 87 29.50 -7.95 2.00
C SER D 87 28.42 -7.44 1.04
N THR D 88 27.19 -7.48 1.49
CA THR D 88 26.10 -6.83 0.77
C THR D 88 26.06 -5.36 1.15
N PRO D 89 25.29 -4.54 0.41
CA PRO D 89 25.26 -3.10 0.74
C PRO D 89 24.76 -2.82 2.14
N ASP D 90 23.91 -3.68 2.69
CA ASP D 90 23.41 -3.55 4.05
C ASP D 90 24.21 -4.39 5.05
N GLY D 91 25.40 -4.85 4.69
CA GLY D 91 26.30 -5.42 5.66
C GLY D 91 26.14 -6.89 5.95
N ARG D 92 25.32 -7.60 5.19
CA ARG D 92 25.20 -9.04 5.39
C ARG D 92 26.38 -9.76 4.74
N PRO D 93 26.66 -10.99 5.17
CA PRO D 93 27.82 -11.70 4.62
C PRO D 93 27.68 -11.91 3.12
N GLY D 94 28.79 -11.67 2.40
CA GLY D 94 28.84 -12.00 0.99
C GLY D 94 29.27 -13.43 0.75
N PHE D 95 29.38 -13.78 -0.53
CA PHE D 95 29.73 -15.14 -0.93
C PHE D 95 31.12 -15.55 -0.45
N GLN D 96 32.03 -14.60 -0.23
CA GLN D 96 33.34 -14.98 0.30
C GLN D 96 33.19 -15.69 1.64
N THR D 97 32.48 -15.07 2.59
CA THR D 97 32.25 -15.71 3.88
C THR D 97 31.45 -16.99 3.72
N LEU D 98 30.36 -16.93 2.96
CA LEU D 98 29.47 -18.09 2.85
C LEU D 98 30.20 -19.32 2.35
N PHE D 99 31.10 -19.16 1.39
CA PHE D 99 31.75 -20.31 0.79
C PHE D 99 33.04 -20.72 1.47
N VAL D 100 33.65 -19.84 2.26
CA VAL D 100 34.66 -20.30 3.20
C VAL D 100 34.02 -21.16 4.28
N GLN D 101 32.82 -20.78 4.73
CA GLN D 101 32.09 -21.62 5.66
C GLN D 101 31.67 -22.93 5.01
N ASP D 102 31.42 -22.93 3.70
CA ASP D 102 31.14 -24.13 2.92
C ASP D 102 32.40 -24.94 2.61
N ARG D 103 33.53 -24.56 3.22
CA ARG D 103 34.80 -25.31 3.15
C ARG D 103 35.48 -25.21 1.79
N HIS D 104 35.25 -24.14 1.03
CA HIS D 104 36.05 -23.88 -0.16
C HIS D 104 37.07 -22.80 0.14
N THR D 105 38.27 -22.96 -0.40
CA THR D 105 39.18 -21.81 -0.48
C THR D 105 38.58 -20.83 -1.47
N VAL D 106 38.60 -19.55 -1.12
CA VAL D 106 37.94 -18.51 -1.90
C VAL D 106 38.96 -17.46 -2.30
N TYR D 107 39.09 -17.24 -3.62
CA TYR D 107 39.85 -16.13 -4.16
C TYR D 107 38.87 -15.06 -4.63
N THR D 108 39.18 -13.81 -4.32
CA THR D 108 38.46 -12.67 -4.89
C THR D 108 39.47 -11.76 -5.55
N ILE D 109 39.14 -11.24 -6.73
CA ILE D 109 40.10 -10.44 -7.48
C ILE D 109 39.56 -9.04 -7.69
N ASP D 110 40.49 -8.10 -7.85
CA ASP D 110 40.22 -6.80 -8.46
C ASP D 110 40.97 -6.81 -9.79
N GLN D 111 40.24 -6.89 -10.90
CA GLN D 111 40.89 -7.08 -12.19
C GLN D 111 41.72 -5.85 -12.56
N PRO D 112 42.65 -5.98 -13.50
CA PRO D 112 43.40 -4.80 -13.95
C PRO D 112 42.43 -3.68 -14.35
N GLY D 113 42.69 -2.48 -13.85
CA GLY D 113 41.84 -1.34 -14.13
C GLY D 113 40.77 -1.04 -13.10
N ARG D 114 40.58 -1.92 -12.11
CA ARG D 114 39.50 -1.78 -11.14
C ARG D 114 40.04 -1.96 -9.72
N GLY D 115 39.55 -1.13 -8.80
CA GLY D 115 39.90 -1.35 -7.40
C GLY D 115 41.39 -1.36 -7.18
N ARG D 116 41.87 -2.39 -6.49
CA ARG D 116 43.29 -2.49 -6.19
C ARG D 116 44.11 -2.96 -7.39
N GLY D 117 43.46 -3.34 -8.49
CA GLY D 117 44.19 -3.56 -9.72
C GLY D 117 44.78 -2.26 -10.24
N ASN D 118 45.76 -2.38 -11.14
CA ASN D 118 46.45 -1.19 -11.61
C ASN D 118 45.58 -0.36 -12.55
N ILE D 119 45.66 0.95 -12.39
CA ILE D 119 45.13 1.91 -13.35
C ILE D 119 46.32 2.55 -14.05
N PRO D 120 46.56 2.24 -15.31
CA PRO D 120 47.82 2.66 -15.95
C PRO D 120 47.88 4.13 -16.32
N THR D 121 48.47 4.95 -15.45
CA THR D 121 48.65 6.35 -15.77
C THR D 121 49.98 6.80 -15.16
N PHE D 122 50.46 7.95 -15.62
CA PHE D 122 51.88 8.30 -15.45
C PHE D 122 51.99 9.76 -15.07
N ASN D 123 53.04 10.44 -15.51
CA ASN D 123 53.15 11.89 -15.33
C ASN D 123 52.76 12.52 -16.65
N GLY D 124 51.53 13.01 -16.72
CA GLY D 124 50.99 13.53 -17.95
C GLY D 124 49.49 13.36 -17.97
N PRO D 125 48.86 13.73 -19.09
CA PRO D 125 47.42 13.48 -19.24
C PRO D 125 47.09 12.02 -18.97
N PHE D 126 45.94 11.80 -18.35
CA PHE D 126 45.54 10.45 -17.93
C PHE D 126 45.78 9.41 -19.00
N GLY D 127 46.50 8.35 -18.63
CA GLY D 127 46.74 7.21 -19.49
C GLY D 127 47.85 7.37 -20.49
N GLN D 128 48.49 8.54 -20.55
CA GLN D 128 49.46 8.86 -21.57
C GLN D 128 50.86 8.78 -21.00
N LEU D 129 51.73 8.02 -21.67
CA LEU D 129 53.15 7.93 -21.33
C LEU D 129 53.92 8.58 -22.47
N GLU D 130 54.31 9.85 -22.28
CA GLU D 130 54.91 10.63 -23.37
C GLU D 130 53.94 10.59 -24.55
N GLU D 131 54.38 10.22 -25.76
CA GLU D 131 53.52 10.23 -26.93
C GLU D 131 52.76 8.91 -27.12
N GLU D 132 52.78 8.00 -26.16
CA GLU D 132 52.04 6.75 -26.26
C GLU D 132 50.78 6.81 -25.39
N SER D 133 49.66 6.39 -25.98
CA SER D 133 48.40 6.27 -25.25
C SER D 133 48.30 4.84 -24.75
N ILE D 134 48.45 4.65 -23.44
CA ILE D 134 48.31 3.32 -22.85
C ILE D 134 46.84 3.01 -22.61
N VAL D 135 46.11 3.96 -22.03
CA VAL D 135 44.66 3.94 -22.00
C VAL D 135 44.16 5.32 -22.39
N ASN D 136 42.89 5.38 -22.78
CA ASN D 136 42.31 6.64 -23.25
C ASN D 136 42.19 7.68 -22.15
N THR D 137 42.45 8.95 -22.50
CA THR D 137 42.25 10.04 -21.56
C THR D 137 40.76 10.31 -21.33
N VAL D 138 39.93 10.12 -22.35
CA VAL D 138 38.48 10.27 -22.20
C VAL D 138 37.93 9.00 -21.57
N THR D 139 37.23 9.16 -20.44
CA THR D 139 36.65 8.03 -19.73
C THR D 139 35.16 7.94 -20.00
N GLY D 140 34.59 6.79 -19.64
CA GLY D 140 33.16 6.63 -19.57
C GLY D 140 32.80 6.01 -18.23
N ASN D 141 31.60 6.30 -17.77
CA ASN D 141 31.20 5.84 -16.46
C ASN D 141 29.68 5.98 -16.33
N SER D 142 29.03 4.92 -15.87
CA SER D 142 27.60 4.97 -15.68
C SER D 142 27.24 5.96 -14.57
N SER D 143 26.08 6.59 -14.72
CA SER D 143 25.46 7.32 -13.62
C SER D 143 24.74 6.36 -12.70
N LYS D 144 24.34 6.88 -11.53
CA LYS D 144 23.43 6.17 -10.64
C LYS D 144 22.19 5.73 -11.39
N GLU D 145 21.61 6.63 -12.20
CA GLU D 145 20.40 6.34 -12.94
C GLU D 145 20.63 5.20 -13.94
N GLY D 146 21.73 5.26 -14.67
CA GLY D 146 22.04 4.18 -15.59
C GLY D 146 22.21 2.85 -14.88
N ALA D 147 22.82 2.88 -13.70
CA ALA D 147 23.05 1.64 -12.97
C ALA D 147 21.76 1.10 -12.40
N TRP D 148 20.88 1.99 -11.95
CA TRP D 148 19.57 1.58 -11.43
C TRP D 148 18.85 0.72 -12.45
N VAL D 149 18.79 1.18 -13.70
CA VAL D 149 18.02 0.43 -14.69
C VAL D 149 18.81 -0.75 -15.22
N ARG D 150 20.14 -0.63 -15.35
CA ARG D 150 20.96 -1.79 -15.72
C ARG D 150 20.76 -2.94 -14.74
N ASP D 151 20.68 -2.61 -13.46
CA ASP D 151 20.63 -3.64 -12.44
C ASP D 151 19.21 -4.10 -12.14
N ARG D 152 18.23 -3.49 -12.80
CA ARG D 152 16.82 -3.88 -12.69
C ARG D 152 16.32 -3.80 -11.25
N LEU D 153 16.76 -2.75 -10.53
CA LEU D 153 16.09 -2.45 -9.27
C LEU D 153 14.62 -2.14 -9.53
N GLY D 154 14.35 -1.45 -10.63
CA GLY D 154 13.02 -1.17 -11.12
C GLY D 154 13.14 -0.64 -12.54
N PRO D 155 12.01 -0.31 -13.16
CA PRO D 155 12.05 0.13 -14.58
C PRO D 155 12.61 1.53 -14.78
N ALA D 156 12.59 2.38 -13.77
CA ALA D 156 13.11 3.73 -13.89
C ALA D 156 13.76 4.09 -12.57
N PRO D 157 14.72 5.03 -12.58
CA PRO D 157 15.41 5.38 -11.33
C PRO D 157 14.42 5.80 -10.24
N GLY D 158 14.71 5.35 -9.02
CA GLY D 158 13.86 5.63 -7.88
C GLY D 158 12.68 4.69 -7.69
N GLN D 159 12.38 3.85 -8.68
CA GLN D 159 11.26 2.93 -8.62
C GLN D 159 11.78 1.51 -8.41
N PHE D 160 11.09 0.74 -7.58
CA PHE D 160 11.44 -0.66 -7.36
C PHE D 160 10.37 -1.56 -7.93
N PHE D 161 10.79 -2.70 -8.49
CA PHE D 161 9.83 -3.75 -8.74
C PHE D 161 9.24 -4.20 -7.41
N GLU D 162 7.95 -4.52 -7.42
CA GLU D 162 7.27 -4.82 -6.18
C GLU D 162 7.84 -6.04 -5.49
N ASN D 163 8.37 -6.99 -6.26
CA ASN D 163 8.93 -8.21 -5.68
C ASN D 163 10.42 -8.09 -5.34
N SER D 164 10.99 -6.90 -5.41
CA SER D 164 12.45 -6.74 -5.38
C SER D 164 13.09 -7.38 -4.15
N GLN D 165 14.21 -8.08 -4.40
CA GLN D 165 15.08 -8.56 -3.34
C GLN D 165 16.19 -7.57 -3.00
N PHE D 166 16.15 -6.37 -3.58
CA PHE D 166 17.19 -5.39 -3.25
C PHE D 166 17.06 -4.96 -1.78
N PRO D 167 18.19 -4.72 -1.09
CA PRO D 167 18.12 -4.19 0.28
C PRO D 167 17.75 -2.71 0.33
N ARG D 168 16.46 -2.44 0.33
CA ARG D 168 15.98 -1.07 0.24
C ARG D 168 16.44 -0.26 1.45
N GLY D 169 16.78 1.00 1.19
CA GLY D 169 17.38 1.87 2.18
C GLY D 169 18.89 1.95 2.10
N TYR D 170 19.53 1.07 1.33
CA TYR D 170 20.98 1.01 1.25
C TYR D 170 21.47 1.34 -0.15
N GLU D 171 20.66 2.13 -0.89
CA GLU D 171 21.04 2.56 -2.23
C GLU D 171 22.37 3.29 -2.24
N ASP D 172 22.61 4.15 -1.26
CA ASP D 172 23.87 4.91 -1.26
C ASP D 172 25.07 3.99 -1.14
N ASN D 173 25.03 3.07 -0.16
CA ASN D 173 26.10 2.09 -0.01
C ASN D 173 26.33 1.32 -1.31
N TYR D 174 25.23 0.91 -1.95
CA TYR D 174 25.29 0.11 -3.16
C TYR D 174 25.96 0.86 -4.30
N PHE D 175 25.43 2.03 -4.64
CA PHE D 175 25.98 2.73 -5.80
C PHE D 175 27.40 3.22 -5.55
N LYS D 176 27.80 3.39 -4.28
CA LYS D 176 29.16 3.84 -3.99
C LYS D 176 30.21 2.81 -4.39
N GLU D 177 29.84 1.54 -4.56
CA GLU D 177 30.80 0.50 -4.90
C GLU D 177 31.18 0.50 -6.38
N MET D 178 30.56 1.36 -7.19
CA MET D 178 30.68 1.33 -8.64
C MET D 178 31.56 2.46 -9.17
N GLY D 179 32.31 2.18 -10.23
CA GLY D 179 33.17 3.21 -10.80
C GLY D 179 33.56 2.93 -12.23
N PHE D 180 34.42 3.80 -12.76
CA PHE D 180 34.82 3.70 -14.15
C PHE D 180 35.86 2.60 -14.34
N SER D 181 36.05 2.21 -15.62
CA SER D 181 37.16 1.35 -15.98
C SER D 181 37.96 2.00 -17.11
N PRO D 182 39.29 2.09 -16.99
CA PRO D 182 40.10 2.55 -18.12
C PRO D 182 40.07 1.53 -19.25
N SER D 183 40.52 1.98 -20.43
CA SER D 183 40.38 1.19 -21.65
C SER D 183 41.48 0.15 -21.81
N ILE D 184 41.76 -0.60 -20.75
CA ILE D 184 42.69 -1.72 -20.84
C ILE D 184 42.13 -2.77 -21.79
N SER D 185 43.01 -3.32 -22.62
CA SER D 185 42.63 -4.39 -23.53
C SER D 185 42.02 -5.55 -22.78
N SER D 186 40.89 -6.07 -23.29
CA SER D 186 40.34 -7.29 -22.69
C SER D 186 41.35 -8.43 -22.75
N ASP D 187 42.20 -8.44 -23.78
CA ASP D 187 43.27 -9.44 -23.84
C ASP D 187 44.14 -9.42 -22.59
N GLU D 188 44.47 -8.21 -22.10
CA GLU D 188 45.36 -8.13 -20.94
C GLU D 188 44.64 -8.48 -19.65
N ILE D 189 43.34 -8.23 -19.57
CA ILE D 189 42.57 -8.70 -18.42
C ILE D 189 42.50 -10.22 -18.41
N VAL D 190 42.19 -10.82 -19.57
CA VAL D 190 42.16 -12.29 -19.66
C VAL D 190 43.52 -12.86 -19.31
N ASP D 191 44.60 -12.25 -19.82
CA ASP D 191 45.95 -12.76 -19.53
C ASP D 191 46.22 -12.82 -18.03
N ALA D 192 45.83 -11.79 -17.28
CA ALA D 192 46.11 -11.80 -15.84
C ALA D 192 45.40 -12.95 -15.15
N VAL D 193 44.13 -13.19 -15.49
CA VAL D 193 43.40 -14.27 -14.83
C VAL D 193 43.89 -15.63 -15.27
N VAL D 194 44.32 -15.78 -16.54
CA VAL D 194 44.97 -17.02 -16.94
C VAL D 194 46.19 -17.29 -16.06
N LYS D 195 47.00 -16.27 -15.81
CA LYS D 195 48.15 -16.48 -14.94
C LYS D 195 47.73 -16.87 -13.53
N LEU D 196 46.65 -16.27 -13.00
CA LEU D 196 46.17 -16.66 -11.68
C LEU D 196 45.73 -18.12 -11.66
N VAL D 197 44.98 -18.54 -12.69
CA VAL D 197 44.49 -19.92 -12.74
C VAL D 197 45.66 -20.89 -12.82
N THR D 198 46.71 -20.53 -13.56
CA THR D 198 47.92 -21.36 -13.58
C THR D 198 48.51 -21.47 -12.18
N HIS D 199 48.52 -20.37 -11.43
CA HIS D 199 49.08 -20.39 -10.09
C HIS D 199 48.23 -21.22 -9.14
N ILE D 200 46.90 -21.15 -9.27
CA ILE D 200 46.00 -21.80 -8.32
C ILE D 200 45.97 -23.30 -8.54
N GLY D 201 45.91 -23.73 -9.79
CA GLY D 201 45.57 -25.10 -10.10
C GLY D 201 44.11 -25.20 -10.45
N PRO D 202 43.58 -26.42 -10.52
CA PRO D 202 42.15 -26.61 -10.82
C PRO D 202 41.27 -25.77 -9.93
N CYS D 203 40.26 -25.14 -10.54
CA CYS D 203 39.44 -24.15 -9.84
C CYS D 203 38.14 -23.95 -10.60
N VAL D 204 37.23 -23.19 -9.97
CA VAL D 204 35.94 -22.85 -10.55
C VAL D 204 35.88 -21.34 -10.65
N LEU D 205 35.48 -20.82 -11.80
CA LEU D 205 35.26 -19.39 -11.96
C LEU D 205 33.80 -19.06 -11.68
N VAL D 206 33.58 -18.04 -10.87
CA VAL D 206 32.26 -17.51 -10.60
C VAL D 206 32.29 -16.06 -11.05
N THR D 207 31.62 -15.76 -12.16
CA THR D 207 31.72 -14.48 -12.84
C THR D 207 30.39 -13.73 -12.77
N HIS D 208 30.40 -12.51 -13.29
CA HIS D 208 29.28 -11.60 -13.15
C HIS D 208 29.34 -10.59 -14.29
N SER D 209 28.24 -10.44 -15.03
CA SER D 209 28.12 -9.32 -15.95
C SER D 209 29.31 -9.25 -16.92
N ALA D 210 30.08 -8.15 -16.88
CA ALA D 210 31.19 -7.98 -17.82
C ALA D 210 32.23 -9.10 -17.76
N SER D 211 32.39 -9.73 -16.61
CA SER D 211 33.40 -10.78 -16.53
C SER D 211 32.88 -12.12 -17.04
N GLY D 212 31.60 -12.19 -17.40
CA GLY D 212 31.07 -13.38 -18.05
C GLY D 212 31.88 -13.78 -19.26
N VAL D 213 31.92 -12.92 -20.29
CA VAL D 213 32.63 -13.28 -21.52
C VAL D 213 34.11 -13.48 -21.25
N LEU D 214 34.69 -12.69 -20.34
CA LEU D 214 36.10 -12.84 -20.02
C LEU D 214 36.40 -14.19 -19.39
N GLY D 215 35.52 -14.67 -18.49
CA GLY D 215 35.73 -15.98 -17.89
C GLY D 215 35.62 -17.12 -18.89
N MET D 216 34.67 -17.00 -19.83
CA MET D 216 34.61 -17.97 -20.93
C MET D 216 35.92 -18.01 -21.67
N ARG D 217 36.48 -16.83 -21.98
CA ARG D 217 37.76 -16.78 -22.68
C ARG D 217 38.86 -17.41 -21.85
N VAL D 218 38.93 -17.09 -20.56
CA VAL D 218 39.93 -17.69 -19.68
C VAL D 218 39.85 -19.21 -19.75
N ALA D 219 38.63 -19.76 -19.74
CA ALA D 219 38.50 -21.21 -19.74
C ALA D 219 39.05 -21.82 -21.02
N THR D 220 38.93 -21.12 -22.14
CA THR D 220 39.50 -21.66 -23.38
C THR D 220 41.02 -21.60 -23.41
N HIS D 221 41.64 -20.83 -22.51
CA HIS D 221 43.08 -20.74 -22.44
C HIS D 221 43.68 -21.53 -21.28
N ALA D 222 42.86 -22.00 -20.35
CA ALA D 222 43.36 -22.53 -19.07
C ALA D 222 42.55 -23.77 -18.73
N LYS D 223 43.15 -24.94 -18.93
CA LYS D 223 42.47 -26.20 -18.63
C LYS D 223 42.16 -26.35 -17.14
N ASN D 224 42.84 -25.60 -16.27
CA ASN D 224 42.55 -25.68 -14.83
C ASN D 224 41.17 -25.16 -14.47
N VAL D 225 40.52 -24.39 -15.35
CA VAL D 225 39.14 -24.00 -15.08
C VAL D 225 38.27 -25.23 -15.28
N ARG D 226 37.65 -25.70 -14.21
CA ARG D 226 36.87 -26.94 -14.26
C ARG D 226 35.37 -26.70 -14.26
N GLY D 227 34.95 -25.45 -14.17
CA GLY D 227 33.54 -25.10 -14.15
C GLY D 227 33.38 -23.59 -14.14
N ILE D 228 32.24 -23.12 -14.64
CA ILE D 228 31.93 -21.69 -14.70
C ILE D 228 30.48 -21.52 -14.24
N VAL D 229 30.27 -20.63 -13.28
CA VAL D 229 28.94 -20.11 -12.96
C VAL D 229 29.00 -18.62 -13.23
N ALA D 230 28.16 -18.15 -14.15
CA ALA D 230 28.16 -16.73 -14.55
C ALA D 230 26.83 -16.09 -14.18
N TYR D 231 26.87 -15.07 -13.30
CA TYR D 231 25.67 -14.32 -12.95
C TYR D 231 25.42 -13.24 -13.99
N GLU D 232 24.34 -13.38 -14.75
CA GLU D 232 23.88 -12.41 -15.75
C GLU D 232 25.03 -11.86 -16.62
N PRO D 233 25.70 -12.72 -17.39
CA PRO D 233 26.76 -12.24 -18.28
C PRO D 233 26.23 -11.21 -19.27
N ALA D 234 27.08 -10.22 -19.57
CA ALA D 234 26.65 -9.09 -20.39
C ALA D 234 26.92 -9.27 -21.89
N THR D 235 27.93 -10.05 -22.27
CA THR D 235 28.28 -10.23 -23.68
C THR D 235 28.25 -11.71 -24.01
N SER D 236 27.56 -12.07 -25.09
CA SER D 236 27.50 -13.47 -25.52
C SER D 236 28.74 -13.81 -26.35
N ILE D 237 28.98 -15.11 -26.50
CA ILE D 237 30.19 -15.62 -27.16
C ILE D 237 29.80 -16.76 -28.10
N PHE D 238 30.43 -16.77 -29.27
CA PHE D 238 30.13 -17.71 -30.33
C PHE D 238 31.40 -18.09 -31.06
N PRO D 239 31.39 -19.20 -31.80
CA PRO D 239 32.52 -19.51 -32.68
C PRO D 239 32.62 -18.48 -33.80
N LYS D 240 33.85 -18.25 -34.27
CA LYS D 240 34.06 -17.26 -35.32
C LYS D 240 33.27 -17.66 -36.57
N GLY D 241 32.58 -16.68 -37.15
CA GLY D 241 31.76 -16.90 -38.32
C GLY D 241 30.43 -17.57 -38.06
N LYS D 242 30.08 -17.82 -36.80
CA LYS D 242 28.84 -18.53 -36.48
C LYS D 242 28.00 -17.76 -35.46
N VAL D 243 28.03 -16.43 -35.51
CA VAL D 243 27.15 -15.60 -34.70
C VAL D 243 25.77 -15.61 -35.36
N PRO D 244 24.74 -16.05 -34.67
CA PRO D 244 23.39 -16.00 -35.26
C PRO D 244 22.90 -14.57 -35.38
N GLU D 245 22.04 -14.34 -36.37
CA GLU D 245 21.40 -13.04 -36.45
C GLU D 245 20.43 -12.89 -35.28
N ILE D 246 20.54 -11.76 -34.58
CA ILE D 246 19.79 -11.49 -33.37
C ILE D 246 18.98 -10.22 -33.60
N PRO D 247 17.70 -10.18 -33.25
CA PRO D 247 16.90 -9.01 -33.57
C PRO D 247 17.38 -7.78 -32.83
N PRO D 248 17.18 -6.59 -33.40
CA PRO D 248 17.43 -5.36 -32.64
C PRO D 248 16.44 -5.21 -31.49
N LEU D 249 16.72 -4.23 -30.63
CA LEU D 249 15.84 -3.95 -29.51
C LEU D 249 14.52 -3.34 -29.99
N ALA D 250 13.57 -3.21 -29.06
CA ALA D 250 12.24 -2.74 -29.40
C ALA D 250 12.23 -1.31 -29.93
N ASP D 251 13.24 -0.50 -29.61
CA ASP D 251 13.32 0.85 -30.17
C ASP D 251 13.71 0.85 -31.64
N LYS D 252 13.95 -0.34 -32.22
CA LYS D 252 14.21 -0.57 -33.64
C LYS D 252 15.51 0.05 -34.13
N LYS D 253 16.36 0.53 -33.23
CA LYS D 253 17.67 1.05 -33.62
C LYS D 253 18.82 0.56 -32.74
N SER D 254 18.57 0.20 -31.49
CA SER D 254 19.62 -0.33 -30.64
C SER D 254 19.79 -1.83 -30.85
N GLN D 255 21.00 -2.31 -30.53
CA GLN D 255 21.33 -3.73 -30.53
C GLN D 255 21.99 -4.09 -29.21
N ILE D 256 22.06 -5.40 -28.92
CA ILE D 256 22.80 -5.84 -27.75
C ILE D 256 24.29 -5.69 -28.05
N PHE D 257 25.13 -6.05 -27.09
CA PHE D 257 26.56 -5.93 -27.30
C PHE D 257 26.97 -6.89 -28.41
N PRO D 258 27.78 -6.47 -29.38
CA PRO D 258 28.25 -7.38 -30.41
C PRO D 258 28.89 -8.61 -29.79
N PRO D 259 28.39 -9.80 -30.12
CA PRO D 259 28.93 -11.01 -29.51
C PRO D 259 30.41 -11.19 -29.81
N PHE D 260 31.12 -11.77 -28.85
CA PHE D 260 32.52 -12.06 -29.03
C PHE D 260 32.69 -13.37 -29.80
N GLU D 261 33.63 -13.38 -30.74
CA GLU D 261 33.88 -14.54 -31.59
C GLU D 261 35.27 -15.09 -31.32
N ILE D 262 35.36 -16.40 -31.11
CA ILE D 262 36.64 -17.09 -30.93
C ILE D 262 36.71 -18.27 -31.88
N GLN D 263 37.94 -18.66 -32.22
CA GLN D 263 38.14 -19.80 -33.10
C GLN D 263 37.49 -21.06 -32.52
N GLU D 264 37.00 -21.91 -33.43
CA GLU D 264 36.27 -23.09 -32.99
C GLU D 264 37.13 -24.01 -32.13
N SER D 265 38.41 -24.15 -32.45
CA SER D 265 39.28 -24.98 -31.60
C SER D 265 39.26 -24.51 -30.16
N TYR D 266 39.17 -23.20 -29.93
CA TYR D 266 39.06 -22.70 -28.56
C TYR D 266 37.64 -22.82 -28.04
N PHE D 267 36.64 -22.52 -28.87
CA PHE D 267 35.25 -22.60 -28.42
C PHE D 267 34.91 -24.00 -27.95
N LYS D 268 35.39 -25.03 -28.66
CA LYS D 268 35.06 -26.40 -28.28
C LYS D 268 35.55 -26.76 -26.89
N LYS D 269 36.52 -26.02 -26.36
CA LYS D 269 36.95 -26.26 -24.99
C LYS D 269 35.84 -25.95 -23.99
N LEU D 270 34.90 -25.09 -24.35
CA LEU D 270 33.79 -24.80 -23.44
C LEU D 270 32.87 -26.01 -23.29
N ALA D 271 32.92 -26.95 -24.24
CA ALA D 271 32.10 -28.15 -24.12
C ALA D 271 32.65 -29.15 -23.09
N LYS D 272 33.85 -28.94 -22.58
CA LYS D 272 34.49 -29.92 -21.70
C LYS D 272 34.19 -29.72 -20.22
N ILE D 273 33.54 -28.62 -19.84
CA ILE D 273 33.33 -28.31 -18.43
C ILE D 273 31.88 -27.89 -18.21
N PRO D 274 31.35 -28.08 -17.00
CA PRO D 274 29.99 -27.61 -16.71
C PRO D 274 29.96 -26.09 -16.65
N ILE D 275 28.96 -25.50 -17.33
CA ILE D 275 28.79 -24.04 -17.40
C ILE D 275 27.34 -23.73 -17.10
N GLN D 276 27.11 -22.82 -16.14
CA GLN D 276 25.77 -22.41 -15.78
C GLN D 276 25.71 -20.89 -15.82
N PHE D 277 24.74 -20.35 -16.56
CA PHE D 277 24.41 -18.93 -16.55
C PHE D 277 23.19 -18.73 -15.66
N VAL D 278 23.28 -17.79 -14.71
CA VAL D 278 22.22 -17.55 -13.74
C VAL D 278 21.60 -16.19 -14.02
N PHE D 279 20.28 -16.16 -14.16
CA PHE D 279 19.57 -14.90 -14.40
C PHE D 279 18.57 -14.66 -13.28
N GLY D 280 18.44 -13.39 -12.90
CA GLY D 280 17.48 -12.97 -11.90
C GLY D 280 16.12 -12.71 -12.51
N ASP D 281 15.36 -11.84 -11.86
CA ASP D 281 13.94 -11.64 -12.17
C ASP D 281 13.72 -10.34 -12.94
N ASN D 282 12.48 -10.17 -13.40
CA ASN D 282 11.98 -8.94 -13.99
C ASN D 282 12.64 -8.61 -15.33
N ILE D 283 13.15 -9.63 -16.01
CA ILE D 283 13.50 -9.51 -17.43
C ILE D 283 12.23 -9.80 -18.20
N PRO D 284 11.75 -8.85 -19.00
CA PRO D 284 10.46 -9.05 -19.68
C PRO D 284 10.56 -10.09 -20.76
N LYS D 285 9.43 -10.77 -21.00
CA LYS D 285 9.30 -11.68 -22.13
C LYS D 285 8.89 -10.95 -23.41
N ASN D 286 8.12 -9.91 -23.29
CA ASN D 286 7.65 -9.15 -24.43
C ASN D 286 8.57 -7.96 -24.68
N PRO D 287 8.70 -7.54 -25.94
CA PRO D 287 9.44 -6.31 -26.24
C PRO D 287 8.94 -5.13 -25.40
N LYS D 288 9.88 -4.34 -24.87
CA LYS D 288 9.59 -3.26 -23.92
C LYS D 288 10.29 -1.98 -24.40
N SER D 289 9.68 -1.28 -25.36
CA SER D 289 10.31 -0.09 -25.91
C SER D 289 10.40 1.06 -24.91
N ALA D 290 9.57 1.06 -23.87
CA ALA D 290 9.58 2.15 -22.90
C ALA D 290 10.77 2.06 -21.95
N TYR D 291 11.39 0.89 -21.81
CA TYR D 291 12.42 0.67 -20.79
C TYR D 291 13.60 -0.01 -21.47
N TRP D 292 14.54 0.81 -21.92
CA TRP D 292 15.66 0.34 -22.76
C TRP D 292 16.42 -0.81 -22.11
N PHE D 293 16.83 -0.68 -20.84
CA PHE D 293 17.67 -1.75 -20.29
C PHE D 293 16.87 -3.02 -20.00
N LEU D 294 15.58 -2.90 -19.71
CA LEU D 294 14.78 -4.12 -19.58
C LEU D 294 14.74 -4.86 -20.92
N ASP D 295 14.52 -4.13 -22.00
CA ASP D 295 14.51 -4.74 -23.32
C ASP D 295 15.89 -5.28 -23.68
N TRP D 296 16.94 -4.56 -23.34
CA TRP D 296 18.29 -5.02 -23.59
C TRP D 296 18.56 -6.36 -22.90
N TRP D 297 18.10 -6.51 -21.64
CA TRP D 297 18.30 -7.76 -20.94
C TRP D 297 17.50 -8.91 -21.58
N ARG D 298 16.31 -8.61 -22.10
CA ARG D 298 15.51 -9.63 -22.77
C ARG D 298 16.25 -10.21 -23.97
N VAL D 299 16.78 -9.34 -24.83
CA VAL D 299 17.46 -9.83 -26.02
C VAL D 299 18.84 -10.41 -25.68
N THR D 300 19.51 -9.85 -24.66
CA THR D 300 20.81 -10.42 -24.25
C THR D 300 20.63 -11.82 -23.67
N ARG D 301 19.61 -12.02 -22.85
CA ARG D 301 19.34 -13.35 -22.32
C ARG D 301 19.08 -14.34 -23.46
N TYR D 302 18.31 -13.92 -24.46
CA TYR D 302 18.06 -14.74 -25.63
C TYR D 302 19.37 -15.08 -26.36
N ALA D 303 20.23 -14.08 -26.55
CA ALA D 303 21.50 -14.36 -27.22
C ALA D 303 22.31 -15.40 -26.45
N HIS D 304 22.31 -15.30 -25.12
CA HIS D 304 23.04 -16.30 -24.34
C HIS D 304 22.44 -17.69 -24.50
N SER D 305 21.12 -17.78 -24.62
CA SER D 305 20.52 -19.09 -24.83
C SER D 305 21.03 -19.71 -26.13
N LEU D 306 21.24 -18.88 -27.16
CA LEU D 306 21.80 -19.40 -28.41
C LEU D 306 23.27 -19.78 -28.24
N SER D 307 24.02 -19.01 -27.43
CA SER D 307 25.40 -19.36 -27.16
C SER D 307 25.50 -20.69 -26.41
N LEU D 308 24.65 -20.90 -25.41
CA LEU D 308 24.66 -22.15 -24.66
C LEU D 308 24.25 -23.32 -25.53
N GLU D 309 23.30 -23.09 -26.44
CA GLU D 309 22.93 -24.12 -27.40
C GLU D 309 24.13 -24.52 -28.27
N ALA D 310 24.92 -23.55 -28.72
CA ALA D 310 26.10 -23.84 -29.52
C ALA D 310 27.10 -24.69 -28.75
N ILE D 311 27.24 -24.44 -27.44
CA ILE D 311 28.14 -25.26 -26.63
C ILE D 311 27.58 -26.68 -26.48
N ASN D 312 26.28 -26.80 -26.27
CA ASN D 312 25.69 -28.12 -26.05
C ASN D 312 25.69 -28.96 -27.32
N LYS D 313 25.56 -28.33 -28.49
CA LYS D 313 25.65 -29.04 -29.75
C LYS D 313 27.00 -29.74 -29.91
N LEU D 314 28.04 -29.20 -29.28
CA LEU D 314 29.37 -29.76 -29.34
C LEU D 314 29.61 -30.83 -28.29
N GLY D 315 28.56 -31.24 -27.58
CA GLY D 315 28.70 -32.20 -26.52
C GLY D 315 28.85 -31.60 -25.15
N GLY D 316 28.59 -30.31 -24.99
CA GLY D 316 28.83 -29.62 -23.75
C GLY D 316 27.81 -29.93 -22.67
N GLN D 317 27.98 -29.23 -21.53
CA GLN D 317 27.10 -29.36 -20.39
C GLN D 317 26.82 -27.94 -19.89
N ALA D 318 26.11 -27.18 -20.71
CA ALA D 318 25.85 -25.77 -20.46
C ALA D 318 24.37 -25.55 -20.20
N SER D 319 24.04 -24.75 -19.19
CA SER D 319 22.64 -24.54 -18.85
C SER D 319 22.38 -23.11 -18.46
N LEU D 320 21.10 -22.73 -18.54
CA LEU D 320 20.62 -21.43 -18.10
C LEU D 320 19.68 -21.65 -16.92
N LEU D 321 20.01 -21.08 -15.77
CA LEU D 321 19.15 -21.13 -14.58
C LEU D 321 18.46 -19.78 -14.44
N ASP D 322 17.14 -19.76 -14.61
CA ASP D 322 16.35 -18.60 -14.25
C ASP D 322 15.96 -18.77 -12.79
N LEU D 323 16.41 -17.83 -11.94
CA LEU D 323 16.11 -17.96 -10.52
C LEU D 323 14.62 -18.05 -10.22
N PRO D 324 13.72 -17.37 -10.92
CA PRO D 324 12.28 -17.58 -10.64
C PRO D 324 11.83 -19.02 -10.84
N THR D 325 12.41 -19.73 -11.80
CA THR D 325 12.04 -21.14 -11.98
C THR D 325 12.47 -21.98 -10.79
N ALA D 326 13.54 -21.59 -10.10
CA ALA D 326 13.97 -22.27 -8.89
C ALA D 326 13.19 -21.83 -7.66
N GLY D 327 12.21 -20.93 -7.80
CA GLY D 327 11.41 -20.47 -6.70
C GLY D 327 11.86 -19.20 -6.03
N LEU D 328 12.83 -18.50 -6.61
CA LEU D 328 13.35 -17.26 -6.07
C LEU D 328 12.82 -16.10 -6.92
N ARG D 329 12.03 -15.23 -6.31
CA ARG D 329 11.43 -14.13 -7.03
C ARG D 329 12.08 -12.81 -6.64
N GLY D 330 12.27 -11.94 -7.63
CA GLY D 330 12.63 -10.57 -7.36
C GLY D 330 14.10 -10.24 -7.39
N ASN D 331 14.95 -11.18 -7.82
CA ASN D 331 16.37 -10.90 -7.80
C ASN D 331 16.73 -9.83 -8.82
N THR D 332 17.73 -9.03 -8.45
CA THR D 332 18.30 -8.00 -9.31
C THR D 332 19.46 -8.59 -10.11
N HIS D 333 20.20 -7.71 -10.80
CA HIS D 333 21.42 -8.08 -11.51
C HIS D 333 22.54 -8.54 -10.57
N PHE D 334 22.37 -8.37 -9.26
CA PHE D 334 23.37 -8.78 -8.25
C PHE D 334 22.73 -9.80 -7.31
N PRO D 335 22.37 -11.00 -7.80
CA PRO D 335 21.66 -11.94 -6.90
C PRO D 335 22.46 -12.30 -5.67
N PHE D 336 23.78 -12.31 -5.76
CA PHE D 336 24.65 -12.67 -4.66
C PHE D 336 24.79 -11.57 -3.60
N THR D 337 24.20 -10.39 -3.77
CA THR D 337 24.09 -9.42 -2.68
C THR D 337 22.66 -9.05 -2.33
N ASP D 338 21.67 -9.64 -3.00
CA ASP D 338 20.25 -9.44 -2.70
C ASP D 338 19.88 -10.03 -1.34
N ARG D 339 18.65 -9.76 -0.90
CA ARG D 339 18.23 -10.18 0.43
C ARG D 339 18.14 -11.69 0.57
N ASN D 340 17.93 -12.42 -0.54
CA ASN D 340 17.90 -13.88 -0.52
C ASN D 340 19.22 -14.49 -0.99
N ASN D 341 20.35 -13.79 -0.81
CA ASN D 341 21.61 -14.31 -1.34
C ASN D 341 22.04 -15.62 -0.68
N VAL D 342 21.50 -15.96 0.50
CA VAL D 342 21.81 -17.28 1.08
C VAL D 342 21.16 -18.38 0.25
N GLN D 343 19.94 -18.14 -0.24
CA GLN D 343 19.29 -19.12 -1.11
C GLN D 343 19.97 -19.17 -2.47
N VAL D 344 20.47 -18.02 -2.95
CA VAL D 344 21.24 -18.02 -4.19
C VAL D 344 22.52 -18.83 -4.01
N ALA D 345 23.22 -18.61 -2.88
CA ALA D 345 24.42 -19.38 -2.59
C ALA D 345 24.12 -20.88 -2.54
N SER D 346 22.97 -21.25 -1.97
CA SER D 346 22.62 -22.67 -1.90
C SER D 346 22.51 -23.27 -3.29
N LEU D 347 22.03 -22.51 -4.28
CA LEU D 347 21.97 -23.00 -5.64
C LEU D 347 23.36 -23.13 -6.27
N LEU D 348 24.29 -22.26 -5.89
CA LEU D 348 25.67 -22.43 -6.33
C LEU D 348 26.29 -23.67 -5.71
N SER D 349 26.07 -23.87 -4.40
CA SER D 349 26.49 -25.12 -3.75
C SER D 349 25.92 -26.34 -4.45
N ASP D 350 24.65 -26.27 -4.87
CA ASP D 350 24.03 -27.38 -5.60
C ASP D 350 24.76 -27.67 -6.90
N PHE D 351 25.15 -26.61 -7.63
CA PHE D 351 25.90 -26.79 -8.88
C PHE D 351 27.24 -27.46 -8.59
N LEU D 352 27.95 -26.97 -7.57
CA LEU D 352 29.25 -27.54 -7.25
C LEU D 352 29.13 -29.02 -6.90
N GLY D 353 28.13 -29.37 -6.10
CA GLY D 353 27.96 -30.77 -5.71
C GLY D 353 27.51 -31.64 -6.86
N LYS D 354 26.60 -31.13 -7.69
CA LYS D 354 26.15 -31.87 -8.85
C LYS D 354 27.32 -32.32 -9.72
N HIS D 355 28.33 -31.48 -9.85
CA HIS D 355 29.42 -31.74 -10.78
C HIS D 355 30.70 -32.20 -10.10
N GLY D 356 30.63 -32.59 -8.82
CA GLY D 356 31.80 -33.16 -8.17
C GLY D 356 32.89 -32.16 -7.90
N LEU D 357 32.54 -30.87 -7.82
CA LEU D 357 33.54 -29.80 -7.61
C LEU D 357 33.65 -29.46 -6.13
N ASP D 358 32.99 -30.21 -5.26
CA ASP D 358 32.99 -30.00 -3.80
C ASP D 358 33.62 -31.23 -3.14
N GLN D 359 34.40 -31.97 -3.92
CA GLN D 359 35.03 -33.20 -3.41
C GLN D 359 36.52 -33.13 -3.76
N ASN D 360 37.37 -33.79 -2.99
CA ASN D 360 38.82 -33.82 -3.32
C ASN D 360 39.15 -35.05 -4.20
O IJC E . -17.49 -18.40 12.60
C IJC E . -16.87 -19.42 12.39
C1 IJC E . -17.54 -20.75 12.21
C2 IJC E . -18.06 -21.11 10.97
C3 IJC E . -18.68 -22.34 10.78
O1 IJC E . -15.54 -19.38 12.35
O2 IJC E . -16.71 -19.98 15.00
N IJC E . -18.20 -21.79 15.79
C10 IJC E . -20.49 -25.20 18.56
C11 IJC E . -19.27 -24.69 18.13
C12 IJC E . -16.90 -24.84 17.77
C4 IJC E . -18.75 -23.23 11.84
C5 IJC E . -18.21 -22.89 13.07
C6 IJC E . -17.61 -21.66 13.27
C7 IJC E . -19.41 -21.17 15.87
C8 IJC E . -20.30 -22.70 17.46
C9 IJC E . -21.62 -24.39 18.41
N1 IJC E . -20.19 -21.45 16.92
N2 IJC E . -21.52 -23.16 17.87
N3 IJC E . -19.20 -23.45 17.60
O3 IJC E . -15.86 -22.15 14.92
O4 IJC E . -19.82 -20.39 15.02
O5 IJC E . -18.12 -25.42 18.25
S IJC E . -17.05 -21.36 14.74
CL IJC E . -23.22 -25.01 18.95
C1 GOL F . -4.68 -21.87 12.40
O1 GOL F . -3.40 -21.51 12.84
C2 GOL F . -5.67 -21.42 13.52
O2 GOL F . -5.49 -22.14 14.71
C3 GOL F . -7.10 -21.61 12.90
O3 GOL F . -8.01 -21.26 13.94
O IJC G . 3.52 -3.34 31.82
C IJC G . 4.85 -3.39 31.80
C1 IJC G . 5.59 -3.56 33.10
C2 IJC G . 6.00 -2.41 33.77
C3 IJC G . 6.68 -2.48 34.98
O1 IJC G . 5.43 -3.29 30.74
O2 IJC G . 4.26 -6.66 33.73
N IJC G . 6.63 -7.28 33.19
C10 IJC G . 8.79 -10.60 36.10
C11 IJC G . 7.59 -10.18 35.55
C12 IJC G . 5.19 -10.00 35.59
C4 IJC G . 6.93 -3.72 35.54
C5 IJC G . 6.51 -4.87 34.88
C6 IJC G . 5.85 -4.80 33.66
C7 IJC G . 7.84 -7.21 32.58
C8 IJC G . 8.73 -9.03 33.86
C9 IJC G . 9.97 -10.21 35.47
N1 IJC G . 8.69 -8.25 32.74
N2 IJC G . 9.92 -9.43 34.37
N3 IJC G . 7.58 -9.41 34.45
O3 IJC G . 5.07 -6.12 31.61
O4 IJC G . 8.19 -6.25 31.90
O5 IJC G . 6.39 -10.55 36.13
S IJC G . 5.41 -6.22 33.01
CL IJC G . 11.54 -10.75 36.17
C1 GOL H . -7.15 -4.60 34.73
O1 GOL H . -8.43 -5.02 34.31
C2 GOL H . -6.16 -5.54 34.03
O2 GOL H . -6.32 -6.87 34.46
C3 GOL H . -4.74 -4.94 34.31
O3 GOL H . -3.80 -5.81 33.63
O IJC I . -14.98 25.10 -29.90
C IJC I . -14.98 26.07 -28.98
C1 IJC I . -13.94 27.14 -29.07
C2 IJC I . -12.77 26.97 -28.34
C3 IJC I . -11.76 27.93 -28.38
O1 IJC I . -15.82 26.07 -28.10
O2 IJC I . -15.10 28.26 -32.08
N IJC I . -15.84 30.16 -30.61
C10 IJC I . -15.25 34.78 -32.22
C11 IJC I . -15.46 33.46 -32.58
C12 IJC I . -15.23 31.63 -34.10
C4 IJC I . -11.93 29.06 -29.15
C5 IJC I . -13.10 29.23 -29.88
C6 IJC I . -14.12 28.28 -29.85
C7 IJC I . -16.30 30.76 -29.49
C8 IJC I . -16.24 32.96 -30.42
C9 IJC I . -15.56 35.16 -30.92
N1 IJC I . -16.74 32.03 -29.56
N2 IJC I . -16.05 34.25 -30.03
N3 IJC I . -15.95 32.58 -31.69
O3 IJC I . -16.58 27.82 -30.33
O4 IJC I . -16.32 30.19 -28.39
O5 IJC I . -15.19 33.04 -33.84
S IJC I . -15.43 28.59 -30.74
CL IJC I . -15.27 36.86 -30.43
C1 GOL J . -14.08 20.89 -37.36
O1 GOL J . -15.08 21.88 -37.03
C2 GOL J . -14.70 20.07 -38.55
O2 GOL J . -15.04 20.89 -39.65
C3 GOL J . -13.64 19.03 -38.95
O3 GOL J . -14.19 18.30 -40.04
O IJC K . 29.21 -5.91 -17.68
C IJC K . 28.53 -5.00 -17.05
C1 IJC K . 27.55 -4.33 -17.93
C2 IJC K . 26.26 -4.84 -17.92
C3 IJC K . 25.29 -4.30 -18.75
O1 IJC K . 28.70 -4.82 -15.85
O2 IJC K . 30.28 -3.06 -17.80
N IJC K . 30.10 -2.94 -20.29
C10 IJC K . 30.06 -1.33 -24.88
C11 IJC K . 30.19 -0.98 -23.54
C12 IJC K . 30.12 0.63 -21.76
C4 IJC K . 25.64 -3.25 -19.59
C5 IJC K . 26.94 -2.74 -19.59
C6 IJC K . 27.92 -3.30 -18.79
C7 IJC K . 30.38 -4.14 -20.82
C8 IJC K . 30.67 -3.22 -22.98
C9 IJC K . 30.26 -2.66 -25.24
N1 IJC K . 30.97 -4.14 -22.04
N2 IJC K . 30.57 -3.59 -24.29
N3 IJC K . 30.49 -1.93 -22.63
O3 IJC K . 29.23 -1.23 -18.76
O4 IJC K . 30.11 -5.20 -20.26
O5 IJC K . 30.01 0.32 -23.15
S IJC K . 29.40 -2.65 -18.87
CL IJC K . 30.10 -3.14 -26.96
C1 GOL L . 27.56 5.82 -9.54
O1 GOL L . 28.19 6.73 -8.63
C2 GOL L . 28.72 5.26 -10.45
O2 GOL L . 29.31 6.25 -11.23
C3 GOL L . 28.09 4.14 -11.31
O3 GOL L . 29.14 3.65 -12.15
#